data_1WJK
#
_entry.id   1WJK
#
_entity_poly.entity_id   1
_entity_poly.type   'polypeptide(L)'
_entity_poly.pdbx_seq_one_letter_code
;GSSGSSGNLSASNRALPVLTLFTKAPCPLCDEAKEVLQPYKDRFILQEVDITLPENSTWYERYKFDIPVFHLNGQFLMMH
RVNTSKLEKQLRKLSGPSSG
;
_entity_poly.pdbx_strand_id   A
#
# COMPACT_ATOMS: atom_id res chain seq x y z
N GLY A 1 8.61 -15.77 -4.99
CA GLY A 1 9.97 -15.33 -5.27
C GLY A 1 10.88 -15.61 -4.08
N SER A 2 10.59 -14.93 -2.97
CA SER A 2 11.37 -15.10 -1.77
C SER A 2 10.46 -15.17 -0.55
N SER A 3 10.59 -16.26 0.19
CA SER A 3 9.78 -16.48 1.37
C SER A 3 10.00 -15.33 2.37
N GLY A 4 11.12 -14.63 2.18
CA GLY A 4 11.45 -13.52 3.05
C GLY A 4 11.88 -14.02 4.44
N SER A 5 12.47 -13.11 5.20
CA SER A 5 12.92 -13.43 6.54
C SER A 5 13.00 -12.16 7.39
N SER A 6 12.17 -12.12 8.42
CA SER A 6 12.14 -10.97 9.31
C SER A 6 11.14 -11.22 10.44
N GLY A 7 11.67 -11.69 11.56
CA GLY A 7 10.84 -11.97 12.72
C GLY A 7 11.23 -11.08 13.90
N ASN A 8 10.22 -10.67 14.65
CA ASN A 8 10.43 -9.82 15.80
C ASN A 8 9.17 -9.80 16.67
N LEU A 9 9.37 -9.50 17.95
CA LEU A 9 8.27 -9.46 18.89
C LEU A 9 7.22 -8.45 18.39
N SER A 10 5.97 -8.80 18.61
CA SER A 10 4.87 -7.95 18.19
C SER A 10 3.69 -8.09 19.17
N ALA A 11 3.24 -9.32 19.32
CA ALA A 11 2.13 -9.60 20.21
C ALA A 11 0.91 -8.77 19.80
N SER A 12 0.34 -9.14 18.67
CA SER A 12 -0.82 -8.44 18.15
C SER A 12 -1.49 -9.25 17.04
N ASN A 13 -2.77 -8.99 16.84
CA ASN A 13 -3.52 -9.69 15.82
C ASN A 13 -2.78 -9.60 14.48
N ARG A 14 -3.22 -10.42 13.54
CA ARG A 14 -2.60 -10.45 12.22
C ARG A 14 -3.55 -9.85 11.19
N ALA A 15 -3.12 -8.75 10.59
CA ALA A 15 -3.92 -8.07 9.59
C ALA A 15 -3.14 -6.86 9.06
N LEU A 16 -2.83 -6.91 7.78
CA LEU A 16 -2.10 -5.83 7.14
C LEU A 16 -3.09 -4.89 6.45
N PRO A 17 -2.63 -3.63 6.23
CA PRO A 17 -3.46 -2.63 5.58
C PRO A 17 -3.55 -2.89 4.07
N VAL A 18 -4.61 -2.35 3.48
CA VAL A 18 -4.82 -2.52 2.05
C VAL A 18 -4.38 -1.25 1.32
N LEU A 19 -3.29 -1.39 0.57
CA LEU A 19 -2.75 -0.28 -0.19
C LEU A 19 -3.32 -0.29 -1.60
N THR A 20 -4.16 0.70 -1.88
CA THR A 20 -4.78 0.82 -3.19
C THR A 20 -3.80 1.42 -4.19
N LEU A 21 -3.23 0.55 -5.02
CA LEU A 21 -2.28 0.99 -6.02
C LEU A 21 -3.02 1.20 -7.35
N PHE A 22 -2.93 2.42 -7.85
CA PHE A 22 -3.57 2.77 -9.11
C PHE A 22 -2.54 2.99 -10.22
N THR A 23 -2.36 1.95 -11.02
CA THR A 23 -1.40 2.02 -12.12
C THR A 23 -2.13 2.25 -13.45
N LYS A 24 -1.36 2.63 -14.45
CA LYS A 24 -1.92 2.88 -15.77
C LYS A 24 -0.82 2.72 -16.83
N ALA A 25 -1.19 2.97 -18.07
CA ALA A 25 -0.26 2.85 -19.17
C ALA A 25 -0.80 3.62 -20.38
N PRO A 26 0.15 4.15 -21.19
CA PRO A 26 1.57 3.97 -20.91
C PRO A 26 2.01 4.87 -19.75
N CYS A 27 2.76 4.27 -18.83
CA CYS A 27 3.25 5.00 -17.68
C CYS A 27 4.41 4.20 -17.06
N PRO A 28 5.64 4.70 -17.30
CA PRO A 28 6.83 4.04 -16.78
C PRO A 28 6.99 4.30 -15.28
N LEU A 29 6.03 5.05 -14.74
CA LEU A 29 6.06 5.37 -13.32
C LEU A 29 5.39 4.24 -12.54
N CYS A 30 4.13 4.01 -12.84
CA CYS A 30 3.37 2.97 -12.17
C CYS A 30 4.22 1.68 -12.18
N ASP A 31 5.11 1.61 -13.15
CA ASP A 31 5.98 0.45 -13.29
C ASP A 31 7.00 0.45 -12.16
N GLU A 32 7.74 1.56 -12.07
CA GLU A 32 8.75 1.70 -11.04
C GLU A 32 8.11 1.65 -9.65
N ALA A 33 7.07 2.45 -9.49
CA ALA A 33 6.35 2.51 -8.22
C ALA A 33 6.28 1.11 -7.62
N LYS A 34 5.62 0.22 -8.35
CA LYS A 34 5.48 -1.16 -7.90
C LYS A 34 6.83 -1.67 -7.37
N GLU A 35 7.85 -1.52 -8.22
CA GLU A 35 9.18 -1.96 -7.86
C GLU A 35 9.59 -1.35 -6.51
N VAL A 36 9.04 -0.18 -6.23
CA VAL A 36 9.35 0.51 -4.99
C VAL A 36 8.54 -0.12 -3.85
N LEU A 37 7.50 -0.83 -4.24
CA LEU A 37 6.64 -1.49 -3.26
C LEU A 37 6.99 -2.98 -3.21
N GLN A 38 8.19 -3.29 -3.69
CA GLN A 38 8.65 -4.66 -3.70
C GLN A 38 8.91 -5.15 -2.27
N PRO A 39 9.69 -4.34 -1.52
CA PRO A 39 10.03 -4.67 -0.15
C PRO A 39 8.84 -4.42 0.78
N TYR A 40 7.74 -3.97 0.18
CA TYR A 40 6.54 -3.69 0.93
C TYR A 40 5.36 -4.49 0.39
N LYS A 41 5.67 -5.44 -0.49
CA LYS A 41 4.65 -6.28 -1.08
C LYS A 41 3.97 -7.10 0.01
N ASP A 42 4.76 -7.46 1.01
CA ASP A 42 4.25 -8.24 2.13
C ASP A 42 3.89 -7.32 3.28
N ARG A 43 4.37 -6.08 3.18
CA ARG A 43 4.10 -5.10 4.21
C ARG A 43 2.62 -4.71 4.21
N PHE A 44 1.92 -5.18 3.20
CA PHE A 44 0.50 -4.90 3.07
C PHE A 44 -0.07 -5.53 1.80
N ILE A 45 -1.38 -5.36 1.63
CA ILE A 45 -2.06 -5.90 0.46
C ILE A 45 -2.09 -4.84 -0.65
N LEU A 46 -1.18 -5.00 -1.59
CA LEU A 46 -1.10 -4.08 -2.70
C LEU A 46 -2.26 -4.32 -3.66
N GLN A 47 -3.22 -3.42 -3.62
CA GLN A 47 -4.40 -3.52 -4.47
C GLN A 47 -4.19 -2.74 -5.77
N GLU A 48 -3.80 -3.46 -6.81
CA GLU A 48 -3.57 -2.83 -8.10
C GLU A 48 -4.89 -2.58 -8.82
N VAL A 49 -5.26 -1.31 -8.90
CA VAL A 49 -6.50 -0.92 -9.56
C VAL A 49 -6.19 -0.41 -10.96
N ASP A 50 -6.88 -0.98 -11.93
CA ASP A 50 -6.69 -0.58 -13.31
C ASP A 50 -7.60 0.61 -13.63
N ILE A 51 -6.98 1.79 -13.67
CA ILE A 51 -7.72 3.00 -13.96
C ILE A 51 -7.91 3.14 -15.48
N THR A 52 -7.07 2.41 -16.20
CA THR A 52 -7.13 2.44 -17.66
C THR A 52 -8.43 1.81 -18.15
N LEU A 53 -9.14 1.18 -17.22
CA LEU A 53 -10.41 0.54 -17.54
C LEU A 53 -11.51 1.59 -17.58
N PRO A 54 -12.62 1.22 -18.27
CA PRO A 54 -13.76 2.12 -18.40
C PRO A 54 -14.54 2.20 -17.09
N GLU A 55 -14.79 1.02 -16.51
CA GLU A 55 -15.53 0.94 -15.26
C GLU A 55 -14.77 1.66 -14.15
N ASN A 56 -13.47 1.83 -14.37
CA ASN A 56 -12.63 2.51 -13.40
C ASN A 56 -12.24 3.88 -13.93
N SER A 57 -12.80 4.21 -15.09
CA SER A 57 -12.52 5.49 -15.72
C SER A 57 -12.57 6.61 -14.68
N THR A 58 -13.46 6.43 -13.71
CA THR A 58 -13.61 7.42 -12.65
C THR A 58 -12.29 7.63 -11.91
N TRP A 59 -11.74 6.51 -11.42
CA TRP A 59 -10.49 6.57 -10.70
C TRP A 59 -9.49 7.38 -11.54
N TYR A 60 -9.48 7.10 -12.83
CA TYR A 60 -8.58 7.78 -13.74
C TYR A 60 -8.96 9.25 -13.88
N GLU A 61 -10.22 9.47 -14.25
CA GLU A 61 -10.72 10.82 -14.43
C GLU A 61 -10.31 11.70 -13.24
N ARG A 62 -10.29 11.08 -12.07
CA ARG A 62 -9.91 11.79 -10.86
C ARG A 62 -8.40 11.72 -10.65
N TYR A 63 -7.81 10.64 -11.15
CA TYR A 63 -6.37 10.45 -11.02
C TYR A 63 -5.77 9.98 -12.35
N LYS A 64 -5.78 10.89 -13.31
CA LYS A 64 -5.23 10.57 -14.62
C LYS A 64 -3.87 11.25 -14.78
N PHE A 65 -3.62 12.22 -13.90
CA PHE A 65 -2.35 12.94 -13.92
C PHE A 65 -1.75 13.03 -12.52
N ASP A 66 -2.40 12.35 -11.59
CA ASP A 66 -1.94 12.35 -10.21
C ASP A 66 -1.56 10.92 -9.80
N ILE A 67 -1.12 10.15 -10.80
CA ILE A 67 -0.73 8.78 -10.56
C ILE A 67 0.79 8.66 -10.70
N PRO A 68 1.33 7.54 -10.14
CA PRO A 68 0.49 6.55 -9.49
C PRO A 68 0.04 7.04 -8.12
N VAL A 69 -1.16 6.62 -7.73
CA VAL A 69 -1.72 7.01 -6.45
C VAL A 69 -1.62 5.84 -5.49
N PHE A 70 -1.54 6.18 -4.21
CA PHE A 70 -1.44 5.16 -3.17
C PHE A 70 -2.34 5.51 -1.98
N HIS A 71 -3.29 4.62 -1.71
CA HIS A 71 -4.21 4.82 -0.62
C HIS A 71 -3.95 3.76 0.47
N LEU A 72 -3.59 4.24 1.64
CA LEU A 72 -3.32 3.36 2.76
C LEU A 72 -4.50 3.40 3.73
N ASN A 73 -5.18 2.27 3.82
CA ASN A 73 -6.33 2.16 4.71
C ASN A 73 -7.50 2.97 4.13
N GLY A 74 -7.51 3.08 2.81
CA GLY A 74 -8.55 3.82 2.12
C GLY A 74 -8.39 5.32 2.33
N GLN A 75 -7.14 5.75 2.31
CA GLN A 75 -6.83 7.16 2.50
C GLN A 75 -5.56 7.53 1.74
N PHE A 76 -5.71 8.43 0.78
CA PHE A 76 -4.59 8.88 -0.03
C PHE A 76 -3.32 9.01 0.81
N LEU A 77 -2.44 8.02 0.68
CA LEU A 77 -1.20 8.01 1.43
C LEU A 77 -0.18 8.89 0.71
N MET A 78 -0.13 8.73 -0.61
CA MET A 78 0.80 9.50 -1.42
C MET A 78 0.58 9.22 -2.91
N MET A 79 0.85 10.23 -3.71
CA MET A 79 0.70 10.10 -5.15
C MET A 79 1.78 10.89 -5.90
N HIS A 80 2.01 10.49 -7.14
CA HIS A 80 3.01 11.15 -7.96
C HIS A 80 4.37 10.51 -7.73
N ARG A 81 4.35 9.39 -7.01
CA ARG A 81 5.57 8.67 -6.71
C ARG A 81 5.33 7.67 -5.57
N VAL A 82 6.43 7.16 -5.04
CA VAL A 82 6.35 6.20 -3.95
C VAL A 82 7.38 6.56 -2.87
N ASN A 83 7.00 7.53 -2.05
CA ASN A 83 7.87 7.99 -0.99
C ASN A 83 7.84 6.96 0.16
N THR A 84 8.57 5.87 -0.05
CA THR A 84 8.63 4.81 0.94
C THR A 84 8.62 5.41 2.35
N SER A 85 9.54 6.33 2.58
CA SER A 85 9.64 6.97 3.88
C SER A 85 8.25 7.25 4.44
N LYS A 86 7.41 7.84 3.61
CA LYS A 86 6.05 8.16 4.00
C LYS A 86 5.29 6.86 4.28
N LEU A 87 5.36 5.96 3.31
CA LEU A 87 4.68 4.68 3.43
C LEU A 87 5.06 4.03 4.76
N GLU A 88 6.34 3.72 4.90
CA GLU A 88 6.84 3.11 6.11
C GLU A 88 6.21 3.76 7.34
N LYS A 89 6.32 5.08 7.40
CA LYS A 89 5.77 5.83 8.50
C LYS A 89 4.38 5.30 8.83
N GLN A 90 3.49 5.41 7.85
CA GLN A 90 2.12 4.94 8.02
C GLN A 90 2.11 3.49 8.49
N LEU A 91 2.82 2.65 7.74
CA LEU A 91 2.90 1.23 8.07
C LEU A 91 3.04 1.08 9.58
N ARG A 92 4.10 1.67 10.12
CA ARG A 92 4.36 1.60 11.54
C ARG A 92 3.06 1.77 12.33
N LYS A 93 2.42 2.91 12.11
CA LYS A 93 1.18 3.22 12.79
C LYS A 93 0.10 3.52 11.75
N LEU A 94 -0.91 2.67 11.72
CA LEU A 94 -2.02 2.84 10.79
C LEU A 94 -3.33 2.50 11.48
N SER A 95 -3.53 1.21 11.71
CA SER A 95 -4.73 0.73 12.37
C SER A 95 -4.87 1.40 13.74
N GLY A 96 -3.84 1.24 14.55
CA GLY A 96 -3.83 1.80 15.89
C GLY A 96 -4.27 0.78 16.93
N PRO A 97 -4.39 1.25 18.20
CA PRO A 97 -4.79 0.38 19.28
C PRO A 97 -6.30 0.07 19.22
N SER A 98 -6.60 -1.16 18.87
CA SER A 98 -7.99 -1.58 18.76
C SER A 98 -8.74 -0.67 17.80
N SER A 99 -8.88 -1.13 16.57
CA SER A 99 -9.58 -0.37 15.55
C SER A 99 -9.75 -1.21 14.29
N GLY A 100 -10.98 -1.62 14.04
CA GLY A 100 -11.28 -2.43 12.87
C GLY A 100 -11.09 -3.93 13.17
N GLY A 1 21.29 -25.88 47.35
CA GLY A 1 21.34 -25.91 45.90
C GLY A 1 20.03 -25.41 45.30
N SER A 2 19.06 -26.31 45.22
CA SER A 2 17.76 -25.97 44.66
C SER A 2 17.89 -25.66 43.18
N SER A 3 16.78 -25.81 42.47
CA SER A 3 16.77 -25.55 41.04
C SER A 3 15.49 -24.79 40.67
N GLY A 4 15.47 -24.29 39.43
CA GLY A 4 14.33 -23.55 38.94
C GLY A 4 14.08 -23.84 37.46
N SER A 5 13.04 -23.20 36.93
CA SER A 5 12.69 -23.37 35.54
C SER A 5 11.68 -22.31 35.12
N SER A 6 11.51 -22.18 33.80
CA SER A 6 10.59 -21.20 33.26
C SER A 6 10.18 -21.61 31.84
N GLY A 7 9.18 -20.90 31.32
CA GLY A 7 8.69 -21.18 29.99
C GLY A 7 8.56 -19.89 29.17
N ASN A 8 7.57 -19.87 28.30
CA ASN A 8 7.31 -18.71 27.46
C ASN A 8 6.03 -18.91 26.68
N LEU A 9 5.42 -17.80 26.28
CA LEU A 9 4.18 -17.85 25.53
C LEU A 9 4.10 -16.62 24.62
N SER A 10 3.08 -16.63 23.76
CA SER A 10 2.89 -15.53 22.84
C SER A 10 1.65 -15.78 21.97
N ALA A 11 1.01 -14.69 21.58
CA ALA A 11 -0.19 -14.79 20.75
C ALA A 11 -0.64 -13.38 20.35
N SER A 12 -1.15 -13.29 19.13
CA SER A 12 -1.63 -12.02 18.62
C SER A 12 -2.40 -12.23 17.31
N ASN A 13 -3.05 -11.16 16.87
CA ASN A 13 -3.83 -11.23 15.63
C ASN A 13 -2.97 -10.72 14.48
N ARG A 14 -3.40 -11.05 13.27
CA ARG A 14 -2.68 -10.64 12.07
C ARG A 14 -3.65 -10.01 11.08
N ALA A 15 -3.25 -8.85 10.56
CA ALA A 15 -4.07 -8.14 9.58
C ALA A 15 -3.28 -6.95 9.03
N LEU A 16 -3.04 -7.00 7.72
CA LEU A 16 -2.30 -5.95 7.06
C LEU A 16 -3.28 -5.01 6.35
N PRO A 17 -2.81 -3.76 6.11
CA PRO A 17 -3.63 -2.76 5.45
C PRO A 17 -3.73 -3.05 3.95
N VAL A 18 -4.70 -2.40 3.32
CA VAL A 18 -4.91 -2.57 1.89
C VAL A 18 -4.47 -1.30 1.17
N LEU A 19 -3.35 -1.42 0.47
CA LEU A 19 -2.82 -0.29 -0.29
C LEU A 19 -3.38 -0.32 -1.71
N THR A 20 -4.25 0.64 -1.99
CA THR A 20 -4.86 0.74 -3.30
C THR A 20 -3.89 1.38 -4.30
N LEU A 21 -3.25 0.53 -5.08
CA LEU A 21 -2.30 0.99 -6.07
C LEU A 21 -3.02 1.22 -7.40
N PHE A 22 -2.94 2.46 -7.88
CA PHE A 22 -3.58 2.83 -9.13
C PHE A 22 -2.54 3.04 -10.24
N THR A 23 -2.40 2.02 -11.08
CA THR A 23 -1.45 2.09 -12.17
C THR A 23 -2.19 2.21 -13.50
N LYS A 24 -1.45 2.65 -14.51
CA LYS A 24 -2.01 2.82 -15.84
C LYS A 24 -0.90 2.77 -16.88
N ALA A 25 -1.29 2.98 -18.13
CA ALA A 25 -0.33 2.95 -19.23
C ALA A 25 -0.81 3.89 -20.34
N PRO A 26 0.18 4.50 -21.04
CA PRO A 26 1.58 4.27 -20.73
C PRO A 26 1.99 5.00 -19.44
N CYS A 27 2.70 4.28 -18.59
CA CYS A 27 3.16 4.86 -17.34
C CYS A 27 4.39 4.08 -16.88
N PRO A 28 5.58 4.70 -17.09
CA PRO A 28 6.84 4.08 -16.69
C PRO A 28 7.02 4.14 -15.19
N LEU A 29 6.23 4.98 -14.54
CA LEU A 29 6.30 5.14 -13.11
C LEU A 29 5.60 3.97 -12.43
N CYS A 30 4.35 3.77 -12.81
CA CYS A 30 3.55 2.69 -12.25
C CYS A 30 4.44 1.45 -12.15
N ASP A 31 5.27 1.27 -13.17
CA ASP A 31 6.18 0.14 -13.19
C ASP A 31 7.19 0.26 -12.06
N GLU A 32 7.89 1.38 -12.06
CA GLU A 32 8.90 1.64 -11.04
C GLU A 32 8.26 1.61 -9.65
N ALA A 33 7.20 2.39 -9.50
CA ALA A 33 6.50 2.47 -8.24
C ALA A 33 6.44 1.07 -7.61
N LYS A 34 5.82 0.16 -8.35
CA LYS A 34 5.69 -1.21 -7.88
C LYS A 34 7.02 -1.69 -7.32
N GLU A 35 8.07 -1.51 -8.10
CA GLU A 35 9.40 -1.91 -7.68
C GLU A 35 9.74 -1.29 -6.32
N VAL A 36 9.14 -0.14 -6.07
CA VAL A 36 9.37 0.56 -4.81
C VAL A 36 8.53 -0.09 -3.71
N LEU A 37 7.52 -0.84 -4.14
CA LEU A 37 6.64 -1.51 -3.21
C LEU A 37 7.01 -2.99 -3.15
N GLN A 38 8.22 -3.29 -3.59
CA GLN A 38 8.71 -4.66 -3.60
C GLN A 38 8.95 -5.13 -2.15
N PRO A 39 9.69 -4.30 -1.38
CA PRO A 39 9.99 -4.64 0.00
C PRO A 39 8.77 -4.42 0.89
N TYR A 40 7.69 -4.00 0.26
CA TYR A 40 6.44 -3.75 0.99
C TYR A 40 5.28 -4.50 0.34
N LYS A 41 5.62 -5.54 -0.41
CA LYS A 41 4.62 -6.34 -1.09
C LYS A 41 4.03 -7.35 -0.09
N ASP A 42 4.77 -7.56 0.99
CA ASP A 42 4.33 -8.50 2.01
C ASP A 42 3.88 -7.72 3.24
N ARG A 43 4.25 -6.45 3.26
CA ARG A 43 3.89 -5.58 4.38
C ARG A 43 2.39 -5.29 4.36
N PHE A 44 1.84 -5.24 3.15
CA PHE A 44 0.42 -4.98 2.99
C PHE A 44 -0.11 -5.63 1.70
N ILE A 45 -1.41 -5.46 1.49
CA ILE A 45 -2.05 -6.02 0.31
C ILE A 45 -2.10 -4.96 -0.79
N LEU A 46 -1.16 -5.06 -1.71
CA LEU A 46 -1.09 -4.12 -2.82
C LEU A 46 -2.25 -4.37 -3.79
N GLN A 47 -3.24 -3.50 -3.72
CA GLN A 47 -4.41 -3.62 -4.58
C GLN A 47 -4.22 -2.78 -5.84
N GLU A 48 -3.83 -3.47 -6.91
CA GLU A 48 -3.62 -2.80 -8.18
C GLU A 48 -4.96 -2.53 -8.87
N VAL A 49 -5.35 -1.26 -8.85
CA VAL A 49 -6.60 -0.85 -9.46
C VAL A 49 -6.32 -0.32 -10.87
N ASP A 50 -6.98 -0.93 -11.85
CA ASP A 50 -6.81 -0.52 -13.23
C ASP A 50 -7.72 0.67 -13.51
N ILE A 51 -7.11 1.84 -13.56
CA ILE A 51 -7.85 3.06 -13.83
C ILE A 51 -8.06 3.21 -15.33
N THR A 52 -7.35 2.38 -16.08
CA THR A 52 -7.46 2.40 -17.53
C THR A 52 -8.74 1.72 -17.99
N LEU A 53 -9.51 1.26 -17.01
CA LEU A 53 -10.76 0.58 -17.30
C LEU A 53 -11.89 1.62 -17.37
N PRO A 54 -13.01 1.21 -18.03
CA PRO A 54 -14.15 2.10 -18.16
C PRO A 54 -14.92 2.23 -16.84
N GLU A 55 -15.04 1.10 -16.16
CA GLU A 55 -15.74 1.07 -14.88
C GLU A 55 -14.93 1.81 -13.82
N ASN A 56 -13.63 1.90 -14.06
CA ASN A 56 -12.74 2.58 -13.14
C ASN A 56 -12.35 3.94 -13.72
N SER A 57 -12.97 4.28 -14.84
CA SER A 57 -12.69 5.55 -15.50
C SER A 57 -12.71 6.68 -14.48
N THR A 58 -13.43 6.45 -13.39
CA THR A 58 -13.53 7.45 -12.33
C THR A 58 -12.17 7.63 -11.64
N TRP A 59 -11.67 6.53 -11.09
CA TRP A 59 -10.39 6.55 -10.41
C TRP A 59 -9.41 7.32 -11.29
N TYR A 60 -9.57 7.17 -12.59
CA TYR A 60 -8.71 7.83 -13.55
C TYR A 60 -9.06 9.32 -13.67
N GLU A 61 -10.33 9.56 -14.00
CA GLU A 61 -10.81 10.91 -14.16
C GLU A 61 -10.40 11.77 -12.96
N ARG A 62 -10.25 11.10 -11.82
CA ARG A 62 -9.87 11.79 -10.60
C ARG A 62 -8.34 11.79 -10.44
N TYR A 63 -7.73 10.73 -10.98
CA TYR A 63 -6.29 10.60 -10.91
C TYR A 63 -5.73 10.11 -12.25
N LYS A 64 -5.77 10.99 -13.24
CA LYS A 64 -5.27 10.66 -14.56
C LYS A 64 -3.90 11.32 -14.76
N PHE A 65 -3.64 12.32 -13.95
CA PHE A 65 -2.38 13.04 -14.02
C PHE A 65 -1.72 13.15 -12.65
N ASP A 66 -2.32 12.45 -11.69
CA ASP A 66 -1.82 12.46 -10.32
C ASP A 66 -1.47 11.03 -9.91
N ILE A 67 -1.08 10.24 -10.91
CA ILE A 67 -0.72 8.85 -10.66
C ILE A 67 0.79 8.68 -10.81
N PRO A 68 1.30 7.55 -10.27
CA PRO A 68 0.44 6.59 -9.60
C PRO A 68 0.02 7.10 -8.22
N VAL A 69 -1.18 6.69 -7.83
CA VAL A 69 -1.72 7.10 -6.54
C VAL A 69 -1.68 5.90 -5.57
N PHE A 70 -1.52 6.23 -4.30
CA PHE A 70 -1.46 5.19 -3.28
C PHE A 70 -2.37 5.55 -2.10
N HIS A 71 -3.37 4.69 -1.90
CA HIS A 71 -4.31 4.90 -0.80
C HIS A 71 -4.10 3.83 0.26
N LEU A 72 -3.72 4.28 1.45
CA LEU A 72 -3.50 3.37 2.56
C LEU A 72 -4.69 3.43 3.50
N ASN A 73 -5.35 2.28 3.64
CA ASN A 73 -6.51 2.18 4.51
C ASN A 73 -7.61 3.12 4.00
N GLY A 74 -7.90 2.98 2.71
CA GLY A 74 -8.93 3.81 2.09
C GLY A 74 -8.67 5.29 2.35
N GLN A 75 -7.41 5.67 2.26
CA GLN A 75 -7.02 7.05 2.49
C GLN A 75 -5.72 7.37 1.75
N PHE A 76 -5.82 8.32 0.83
CA PHE A 76 -4.67 8.73 0.04
C PHE A 76 -3.42 8.82 0.92
N LEU A 77 -2.44 7.99 0.59
CA LEU A 77 -1.19 7.97 1.34
C LEU A 77 -0.16 8.85 0.62
N MET A 78 -0.11 8.69 -0.69
CA MET A 78 0.83 9.46 -1.50
C MET A 78 0.61 9.20 -2.99
N MET A 79 0.89 10.22 -3.80
CA MET A 79 0.73 10.10 -5.23
C MET A 79 1.84 10.86 -5.96
N HIS A 80 2.08 10.43 -7.19
CA HIS A 80 3.11 11.05 -8.01
C HIS A 80 4.45 10.38 -7.74
N ARG A 81 4.40 9.28 -7.00
CA ARG A 81 5.60 8.53 -6.68
C ARG A 81 5.34 7.59 -5.48
N VAL A 82 6.42 7.07 -4.94
CA VAL A 82 6.32 6.16 -3.80
C VAL A 82 7.32 6.58 -2.73
N ASN A 83 6.94 7.59 -1.97
CA ASN A 83 7.79 8.10 -0.90
C ASN A 83 7.86 7.07 0.22
N THR A 84 8.72 6.08 0.03
CA THR A 84 8.88 5.03 1.02
C THR A 84 8.79 5.61 2.43
N SER A 85 9.60 6.63 2.67
CA SER A 85 9.62 7.28 3.97
C SER A 85 8.19 7.42 4.50
N LYS A 86 7.33 7.98 3.66
CA LYS A 86 5.94 8.19 4.03
C LYS A 86 5.28 6.83 4.25
N LEU A 87 5.26 6.04 3.18
CA LEU A 87 4.66 4.72 3.23
C LEU A 87 5.01 4.06 4.57
N GLU A 88 6.28 3.74 4.73
CA GLU A 88 6.74 3.11 5.95
C GLU A 88 6.13 3.80 7.17
N LYS A 89 6.24 5.11 7.19
CA LYS A 89 5.70 5.90 8.28
C LYS A 89 4.31 5.37 8.65
N GLN A 90 3.40 5.45 7.69
CA GLN A 90 2.05 4.99 7.90
C GLN A 90 2.06 3.54 8.39
N LEU A 91 2.73 2.69 7.64
CA LEU A 91 2.83 1.28 7.99
C LEU A 91 2.99 1.14 9.50
N ARG A 92 4.07 1.72 10.01
CA ARG A 92 4.34 1.66 11.43
C ARG A 92 3.04 1.81 12.23
N LYS A 93 2.38 2.93 12.01
CA LYS A 93 1.13 3.21 12.70
C LYS A 93 0.09 3.69 11.69
N LEU A 94 -1.02 2.97 11.61
CA LEU A 94 -2.08 3.31 10.70
C LEU A 94 -3.43 3.23 11.43
N SER A 95 -3.82 2.00 11.73
CA SER A 95 -5.08 1.77 12.43
C SER A 95 -6.23 2.40 11.65
N GLY A 96 -6.69 1.67 10.63
CA GLY A 96 -7.78 2.15 9.81
C GLY A 96 -8.87 1.08 9.68
N PRO A 97 -10.00 1.50 9.04
CA PRO A 97 -11.12 0.59 8.85
C PRO A 97 -10.83 -0.42 7.75
N SER A 98 -11.66 -1.46 7.70
CA SER A 98 -11.49 -2.50 6.71
C SER A 98 -12.84 -2.82 6.06
N SER A 99 -12.77 -3.43 4.88
CA SER A 99 -13.97 -3.80 4.15
C SER A 99 -13.79 -5.16 3.49
N GLY A 100 -14.91 -5.76 3.12
CA GLY A 100 -14.89 -7.06 2.47
C GLY A 100 -14.23 -6.98 1.09
N GLY A 1 15.25 -12.84 43.99
CA GLY A 1 13.81 -13.00 44.12
C GLY A 1 13.20 -11.84 44.91
N SER A 2 12.13 -11.28 44.36
CA SER A 2 11.45 -10.17 44.98
C SER A 2 9.95 -10.23 44.67
N SER A 3 9.17 -9.59 45.54
CA SER A 3 7.73 -9.57 45.37
C SER A 3 7.36 -8.78 44.10
N GLY A 4 6.25 -9.16 43.51
CA GLY A 4 5.78 -8.51 42.30
C GLY A 4 4.31 -8.83 42.03
N SER A 5 4.10 -9.86 41.22
CA SER A 5 2.75 -10.29 40.89
C SER A 5 2.06 -9.21 40.04
N SER A 6 2.43 -9.19 38.76
CA SER A 6 1.85 -8.23 37.84
C SER A 6 1.84 -8.80 36.42
N GLY A 7 0.67 -8.75 35.81
CA GLY A 7 0.51 -9.27 34.46
C GLY A 7 -0.35 -8.32 33.62
N ASN A 8 -1.35 -8.90 32.96
CA ASN A 8 -2.24 -8.13 32.12
C ASN A 8 -1.46 -7.54 30.95
N LEU A 9 -1.77 -8.04 29.76
CA LEU A 9 -1.10 -7.57 28.56
C LEU A 9 -2.15 -7.19 27.51
N SER A 10 -1.67 -6.57 26.44
CA SER A 10 -2.55 -6.15 25.37
C SER A 10 -2.27 -6.97 24.10
N ALA A 11 -3.25 -6.97 23.21
CA ALA A 11 -3.12 -7.71 21.96
C ALA A 11 -3.68 -6.86 20.82
N SER A 12 -3.47 -7.35 19.61
CA SER A 12 -3.95 -6.66 18.43
C SER A 12 -4.32 -7.67 17.33
N ASN A 13 -5.32 -7.30 16.55
CA ASN A 13 -5.78 -8.16 15.47
C ASN A 13 -4.60 -8.49 14.54
N ARG A 14 -4.75 -9.59 13.83
CA ARG A 14 -3.71 -10.03 12.90
C ARG A 14 -4.21 -9.92 11.46
N ALA A 15 -3.95 -8.77 10.86
CA ALA A 15 -4.36 -8.53 9.49
C ALA A 15 -3.54 -7.37 8.91
N LEU A 16 -3.14 -7.56 7.66
CA LEU A 16 -2.35 -6.54 6.98
C LEU A 16 -3.28 -5.52 6.33
N PRO A 17 -2.76 -4.27 6.20
CA PRO A 17 -3.55 -3.19 5.60
C PRO A 17 -3.62 -3.36 4.08
N VAL A 18 -4.63 -2.72 3.50
CA VAL A 18 -4.83 -2.78 2.07
C VAL A 18 -4.41 -1.46 1.44
N LEU A 19 -3.38 -1.52 0.62
CA LEU A 19 -2.87 -0.34 -0.06
C LEU A 19 -3.38 -0.32 -1.50
N THR A 20 -4.19 0.69 -1.78
CA THR A 20 -4.76 0.85 -3.12
C THR A 20 -3.71 1.42 -4.08
N LEU A 21 -3.47 0.69 -5.15
CA LEU A 21 -2.51 1.12 -6.15
C LEU A 21 -3.22 1.33 -7.48
N PHE A 22 -3.12 2.56 -7.98
CA PHE A 22 -3.74 2.91 -9.23
C PHE A 22 -2.70 3.15 -10.32
N THR A 23 -2.49 2.13 -11.14
CA THR A 23 -1.52 2.21 -12.22
C THR A 23 -2.22 2.38 -13.57
N LYS A 24 -1.43 2.68 -14.58
CA LYS A 24 -1.98 2.87 -15.92
C LYS A 24 -0.84 2.78 -16.94
N ALA A 25 -1.19 3.01 -18.19
CA ALA A 25 -0.21 2.96 -19.27
C ALA A 25 -0.70 3.84 -20.43
N PRO A 26 0.29 4.40 -21.16
CA PRO A 26 1.70 4.17 -20.84
C PRO A 26 2.12 4.96 -19.60
N CYS A 27 2.82 4.27 -18.72
CA CYS A 27 3.28 4.89 -17.49
C CYS A 27 4.49 4.10 -16.97
N PRO A 28 5.69 4.66 -17.21
CA PRO A 28 6.92 4.02 -16.77
C PRO A 28 7.12 4.16 -15.27
N LEU A 29 6.23 4.94 -14.66
CA LEU A 29 6.29 5.17 -13.23
C LEU A 29 5.52 4.06 -12.50
N CYS A 30 4.30 3.83 -12.97
CA CYS A 30 3.46 2.81 -12.37
C CYS A 30 4.29 1.52 -12.24
N ASP A 31 5.28 1.40 -13.11
CA ASP A 31 6.14 0.24 -13.10
C ASP A 31 7.13 0.35 -11.94
N GLU A 32 7.89 1.43 -11.96
CA GLU A 32 8.88 1.66 -10.91
C GLU A 32 8.21 1.62 -9.53
N ALA A 33 7.16 2.41 -9.40
CA ALA A 33 6.43 2.47 -8.13
C ALA A 33 6.32 1.06 -7.56
N LYS A 34 5.65 0.19 -8.30
CA LYS A 34 5.47 -1.18 -7.87
C LYS A 34 6.80 -1.74 -7.35
N GLU A 35 7.83 -1.59 -8.17
CA GLU A 35 9.15 -2.06 -7.80
C GLU A 35 9.57 -1.48 -6.44
N VAL A 36 9.03 -0.30 -6.16
CA VAL A 36 9.35 0.37 -4.91
C VAL A 36 8.52 -0.25 -3.78
N LEU A 37 7.47 -0.96 -4.18
CA LEU A 37 6.60 -1.62 -3.22
C LEU A 37 6.94 -3.11 -3.15
N GLN A 38 8.15 -3.42 -3.62
CA GLN A 38 8.61 -4.80 -3.62
C GLN A 38 8.84 -5.28 -2.19
N PRO A 39 9.63 -4.46 -1.43
CA PRO A 39 9.94 -4.80 -0.06
C PRO A 39 8.74 -4.53 0.86
N TYR A 40 7.66 -4.10 0.24
CA TYR A 40 6.44 -3.81 0.99
C TYR A 40 5.26 -4.63 0.44
N LYS A 41 5.57 -5.49 -0.51
CA LYS A 41 4.55 -6.34 -1.12
C LYS A 41 3.94 -7.24 -0.05
N ASP A 42 4.77 -7.66 0.88
CA ASP A 42 4.33 -8.51 1.96
C ASP A 42 3.89 -7.66 3.15
N ARG A 43 4.34 -6.41 3.12
CA ARG A 43 4.00 -5.47 4.19
C ARG A 43 2.49 -5.22 4.21
N PHE A 44 1.88 -5.35 3.04
CA PHE A 44 0.45 -5.14 2.91
C PHE A 44 -0.08 -5.73 1.61
N ILE A 45 -1.39 -5.61 1.43
CA ILE A 45 -2.03 -6.13 0.23
C ILE A 45 -2.12 -5.01 -0.82
N LEU A 46 -1.18 -5.03 -1.74
CA LEU A 46 -1.15 -4.02 -2.80
C LEU A 46 -2.30 -4.28 -3.77
N GLN A 47 -3.25 -3.36 -3.78
CA GLN A 47 -4.41 -3.47 -4.66
C GLN A 47 -4.15 -2.73 -5.97
N GLU A 48 -3.85 -3.50 -7.01
CA GLU A 48 -3.58 -2.94 -8.31
C GLU A 48 -4.89 -2.67 -9.05
N VAL A 49 -5.29 -1.41 -9.04
CA VAL A 49 -6.53 -1.00 -9.71
C VAL A 49 -6.19 -0.45 -11.09
N ASP A 50 -6.95 -0.92 -12.08
CA ASP A 50 -6.75 -0.48 -13.45
C ASP A 50 -7.67 0.70 -13.74
N ILE A 51 -7.07 1.89 -13.74
CA ILE A 51 -7.82 3.11 -14.00
C ILE A 51 -7.99 3.29 -15.52
N THR A 52 -7.18 2.53 -16.26
CA THR A 52 -7.23 2.60 -17.71
C THR A 52 -8.52 1.95 -18.23
N LEU A 53 -9.22 1.30 -17.32
CA LEU A 53 -10.47 0.64 -17.67
C LEU A 53 -11.59 1.67 -17.72
N PRO A 54 -12.69 1.29 -18.42
CA PRO A 54 -13.84 2.17 -18.56
C PRO A 54 -14.64 2.22 -17.26
N GLU A 55 -14.74 1.07 -16.61
CA GLU A 55 -15.47 0.97 -15.36
C GLU A 55 -14.81 1.83 -14.28
N ASN A 56 -13.48 1.82 -14.30
CA ASN A 56 -12.71 2.58 -13.33
C ASN A 56 -12.35 3.94 -13.94
N SER A 57 -12.92 4.20 -15.11
CA SER A 57 -12.66 5.45 -15.81
C SER A 57 -12.72 6.62 -14.82
N THR A 58 -13.50 6.42 -13.77
CA THR A 58 -13.65 7.45 -12.74
C THR A 58 -12.33 7.67 -12.02
N TRP A 59 -11.84 6.59 -11.40
CA TRP A 59 -10.58 6.66 -10.67
C TRP A 59 -9.58 7.46 -11.51
N TYR A 60 -9.61 7.19 -12.81
CA TYR A 60 -8.72 7.88 -13.73
C TYR A 60 -9.09 9.35 -13.88
N GLU A 61 -10.33 9.57 -14.28
CA GLU A 61 -10.83 10.93 -14.46
C GLU A 61 -10.39 11.81 -13.30
N ARG A 62 -10.38 11.22 -12.11
CA ARG A 62 -9.98 11.95 -10.91
C ARG A 62 -8.46 11.89 -10.74
N TYR A 63 -7.89 10.76 -11.12
CA TYR A 63 -6.47 10.56 -11.02
C TYR A 63 -5.87 10.10 -12.35
N LYS A 64 -5.87 11.01 -13.31
CA LYS A 64 -5.35 10.70 -14.63
C LYS A 64 -3.99 11.38 -14.79
N PHE A 65 -3.72 12.32 -13.91
CA PHE A 65 -2.46 13.05 -13.94
C PHE A 65 -1.86 13.17 -12.54
N ASP A 66 -2.37 12.34 -11.63
CA ASP A 66 -1.89 12.35 -10.27
C ASP A 66 -1.54 10.92 -9.85
N ILE A 67 -1.09 10.15 -10.82
CA ILE A 67 -0.72 8.76 -10.57
C ILE A 67 0.80 8.62 -10.70
N PRO A 68 1.32 7.49 -10.14
CA PRO A 68 0.47 6.52 -9.48
C PRO A 68 0.01 7.04 -8.11
N VAL A 69 -1.17 6.60 -7.70
CA VAL A 69 -1.72 7.00 -6.42
C VAL A 69 -1.66 5.83 -5.45
N PHE A 70 -1.57 6.16 -4.17
CA PHE A 70 -1.49 5.15 -3.13
C PHE A 70 -2.39 5.51 -1.95
N HIS A 71 -3.36 4.64 -1.69
CA HIS A 71 -4.29 4.86 -0.60
C HIS A 71 -4.06 3.80 0.49
N LEU A 72 -3.68 4.26 1.66
CA LEU A 72 -3.43 3.37 2.78
C LEU A 72 -4.65 3.37 3.70
N ASN A 73 -5.31 2.22 3.76
CA ASN A 73 -6.49 2.06 4.59
C ASN A 73 -7.60 2.97 4.06
N GLY A 74 -7.83 2.88 2.76
CA GLY A 74 -8.86 3.69 2.13
C GLY A 74 -8.63 5.18 2.39
N GLN A 75 -7.37 5.57 2.30
CA GLN A 75 -7.00 6.96 2.52
C GLN A 75 -5.72 7.30 1.77
N PHE A 76 -5.82 8.30 0.90
CA PHE A 76 -4.68 8.73 0.11
C PHE A 76 -3.43 8.86 0.98
N LEU A 77 -2.47 7.98 0.70
CA LEU A 77 -1.22 7.99 1.44
C LEU A 77 -0.20 8.86 0.71
N MET A 78 -0.17 8.70 -0.61
CA MET A 78 0.75 9.45 -1.44
C MET A 78 0.54 9.14 -2.92
N MET A 79 0.82 10.13 -3.75
CA MET A 79 0.67 9.98 -5.18
C MET A 79 1.76 10.73 -5.94
N HIS A 80 1.99 10.30 -7.17
CA HIS A 80 3.01 10.92 -8.00
C HIS A 80 4.36 10.25 -7.75
N ARG A 81 4.32 9.16 -7.00
CA ARG A 81 5.52 8.42 -6.67
C ARG A 81 5.28 7.50 -5.48
N VAL A 82 6.37 7.00 -4.91
CA VAL A 82 6.29 6.11 -3.77
C VAL A 82 7.28 6.57 -2.70
N ASN A 83 6.87 7.59 -1.96
CA ASN A 83 7.71 8.13 -0.90
C ASN A 83 7.77 7.12 0.26
N THR A 84 8.56 6.08 0.06
CA THR A 84 8.71 5.05 1.08
C THR A 84 8.71 5.68 2.48
N SER A 85 9.52 6.72 2.62
CA SER A 85 9.63 7.41 3.89
C SER A 85 8.25 7.56 4.52
N LYS A 86 7.30 7.99 3.70
CA LYS A 86 5.94 8.17 4.15
C LYS A 86 5.31 6.81 4.46
N LEU A 87 5.21 5.99 3.44
CA LEU A 87 4.64 4.66 3.58
C LEU A 87 5.12 4.05 4.89
N GLU A 88 6.41 3.76 4.93
CA GLU A 88 7.02 3.16 6.12
C GLU A 88 6.48 3.84 7.38
N LYS A 89 6.54 5.16 7.38
CA LYS A 89 6.07 5.94 8.51
C LYS A 89 4.64 5.50 8.86
N GLN A 90 3.83 5.37 7.82
CA GLN A 90 2.45 4.96 8.00
C GLN A 90 2.37 3.54 8.55
N LEU A 91 2.96 2.62 7.79
CA LEU A 91 2.98 1.22 8.19
C LEU A 91 3.20 1.12 9.70
N ARG A 92 4.30 1.72 10.14
CA ARG A 92 4.63 1.71 11.55
C ARG A 92 3.38 1.93 12.40
N LYS A 93 2.72 3.04 12.14
CA LYS A 93 1.51 3.39 12.87
C LYS A 93 0.32 3.35 11.92
N LEU A 94 -0.37 2.22 11.91
CA LEU A 94 -1.52 2.05 11.05
C LEU A 94 -2.37 0.88 11.57
N SER A 95 -1.80 -0.31 11.49
CA SER A 95 -2.49 -1.50 11.96
C SER A 95 -1.57 -2.32 12.86
N GLY A 96 -1.43 -1.85 14.09
CA GLY A 96 -0.58 -2.52 15.06
C GLY A 96 0.90 -2.30 14.75
N PRO A 97 1.75 -2.63 15.76
CA PRO A 97 3.19 -2.46 15.60
C PRO A 97 3.77 -3.57 14.71
N SER A 98 5.01 -3.37 14.31
CA SER A 98 5.69 -4.33 13.46
C SER A 98 5.72 -5.69 14.15
N SER A 99 5.67 -6.73 13.33
CA SER A 99 5.70 -8.10 13.84
C SER A 99 6.91 -8.29 14.75
N GLY A 100 6.63 -8.74 15.97
CA GLY A 100 7.68 -8.98 16.94
C GLY A 100 7.11 -9.58 18.22
N GLY A 1 26.84 -33.26 18.82
CA GLY A 1 25.99 -32.73 19.86
C GLY A 1 24.87 -31.87 19.28
N SER A 2 24.09 -31.27 20.17
CA SER A 2 22.99 -30.41 19.76
C SER A 2 23.49 -28.99 19.50
N SER A 3 22.65 -28.20 18.86
CA SER A 3 22.99 -26.83 18.55
C SER A 3 21.82 -26.13 17.85
N GLY A 4 20.88 -25.68 18.65
CA GLY A 4 19.71 -25.00 18.12
C GLY A 4 18.46 -25.36 18.91
N SER A 5 17.60 -24.36 19.11
CA SER A 5 16.37 -24.56 19.85
C SER A 5 15.46 -23.34 19.70
N SER A 6 14.17 -23.61 19.69
CA SER A 6 13.18 -22.55 19.55
C SER A 6 12.17 -22.61 20.69
N GLY A 7 11.74 -21.44 21.13
CA GLY A 7 10.78 -21.35 22.21
C GLY A 7 10.20 -19.94 22.31
N ASN A 8 9.25 -19.66 21.42
CA ASN A 8 8.61 -18.36 21.41
C ASN A 8 7.12 -18.54 21.08
N LEU A 9 6.29 -17.95 21.93
CA LEU A 9 4.85 -18.03 21.76
C LEU A 9 4.38 -16.89 20.86
N SER A 10 4.60 -15.67 21.35
CA SER A 10 4.20 -14.49 20.60
C SER A 10 2.69 -14.46 20.43
N ALA A 11 2.14 -13.26 20.56
CA ALA A 11 0.70 -13.08 20.43
C ALA A 11 0.25 -13.61 19.06
N SER A 12 -1.05 -13.57 18.85
CA SER A 12 -1.63 -14.05 17.59
C SER A 12 -2.61 -13.01 17.04
N ASN A 13 -2.20 -12.39 15.95
CA ASN A 13 -3.02 -11.37 15.31
C ASN A 13 -2.33 -10.86 14.05
N ARG A 14 -2.73 -11.43 12.93
CA ARG A 14 -2.15 -11.04 11.65
C ARG A 14 -3.17 -10.28 10.82
N ALA A 15 -2.77 -9.08 10.39
CA ALA A 15 -3.65 -8.24 9.59
C ALA A 15 -2.84 -7.06 9.05
N LEU A 16 -2.87 -6.93 7.73
CA LEU A 16 -2.15 -5.85 7.07
C LEU A 16 -3.14 -4.94 6.33
N PRO A 17 -2.70 -3.68 6.10
CA PRO A 17 -3.54 -2.72 5.41
C PRO A 17 -3.60 -3.01 3.92
N VAL A 18 -4.66 -2.51 3.29
CA VAL A 18 -4.85 -2.71 1.86
C VAL A 18 -4.43 -1.45 1.11
N LEU A 19 -3.25 -1.50 0.53
CA LEU A 19 -2.73 -0.37 -0.22
C LEU A 19 -3.26 -0.42 -1.65
N THR A 20 -4.14 0.52 -1.96
CA THR A 20 -4.73 0.59 -3.28
C THR A 20 -3.77 1.30 -4.25
N LEU A 21 -3.16 0.49 -5.10
CA LEU A 21 -2.22 1.02 -6.08
C LEU A 21 -2.94 1.23 -7.41
N PHE A 22 -2.86 2.46 -7.91
CA PHE A 22 -3.50 2.81 -9.16
C PHE A 22 -2.47 3.02 -10.27
N THR A 23 -2.29 1.98 -11.08
CA THR A 23 -1.34 2.04 -12.17
C THR A 23 -2.06 2.11 -13.52
N LYS A 24 -1.31 2.48 -14.54
CA LYS A 24 -1.88 2.57 -15.88
C LYS A 24 -0.77 2.38 -16.91
N ALA A 25 -1.15 2.50 -18.17
CA ALA A 25 -0.20 2.33 -19.26
C ALA A 25 -0.69 3.12 -20.48
N PRO A 26 0.28 3.75 -21.19
CA PRO A 26 1.68 3.66 -20.79
C PRO A 26 1.94 4.55 -19.57
N CYS A 27 2.65 3.98 -18.60
CA CYS A 27 2.97 4.70 -17.38
C CYS A 27 4.06 3.93 -16.65
N PRO A 28 5.31 4.43 -16.78
CA PRO A 28 6.45 3.80 -16.13
C PRO A 28 6.46 4.09 -14.63
N LEU A 29 6.17 5.34 -14.30
CA LEU A 29 6.14 5.77 -12.90
C LEU A 29 5.32 4.76 -12.10
N CYS A 30 4.38 4.12 -12.78
CA CYS A 30 3.52 3.14 -12.14
C CYS A 30 4.30 1.85 -11.99
N ASP A 31 4.74 1.32 -13.13
CA ASP A 31 5.50 0.08 -13.14
C ASP A 31 6.60 0.15 -12.09
N GLU A 32 7.39 1.21 -12.19
CA GLU A 32 8.49 1.42 -11.25
C GLU A 32 7.97 1.42 -9.81
N ALA A 33 6.97 2.27 -9.58
CA ALA A 33 6.38 2.38 -8.27
C ALA A 33 6.30 0.99 -7.63
N LYS A 34 5.61 0.10 -8.32
CA LYS A 34 5.45 -1.26 -7.84
C LYS A 34 6.79 -1.79 -7.35
N GLU A 35 7.80 -1.65 -8.20
CA GLU A 35 9.14 -2.10 -7.86
C GLU A 35 9.58 -1.49 -6.54
N VAL A 36 9.03 -0.32 -6.24
CA VAL A 36 9.37 0.36 -5.00
C VAL A 36 8.56 -0.24 -3.85
N LEU A 37 7.50 -0.93 -4.21
CA LEU A 37 6.65 -1.57 -3.22
C LEU A 37 6.97 -3.06 -3.15
N GLN A 38 8.10 -3.42 -3.75
CA GLN A 38 8.53 -4.81 -3.77
C GLN A 38 8.80 -5.29 -2.35
N PRO A 39 9.63 -4.50 -1.61
CA PRO A 39 9.98 -4.85 -0.24
C PRO A 39 8.81 -4.56 0.71
N TYR A 40 7.72 -4.09 0.12
CA TYR A 40 6.53 -3.78 0.90
C TYR A 40 5.33 -4.58 0.41
N LYS A 41 5.61 -5.52 -0.50
CA LYS A 41 4.55 -6.35 -1.06
C LYS A 41 3.92 -7.17 0.07
N ASP A 42 4.73 -7.54 1.03
CA ASP A 42 4.26 -8.32 2.17
C ASP A 42 3.88 -7.36 3.31
N ARG A 43 4.35 -6.13 3.20
CA ARG A 43 4.06 -5.13 4.21
C ARG A 43 2.58 -4.76 4.19
N PHE A 44 1.90 -5.22 3.15
CA PHE A 44 0.49 -4.95 3.01
C PHE A 44 -0.06 -5.55 1.70
N ILE A 45 -1.36 -5.43 1.54
CA ILE A 45 -2.01 -5.96 0.35
C ILE A 45 -2.06 -4.88 -0.72
N LEU A 46 -1.14 -4.97 -1.67
CA LEU A 46 -1.07 -4.01 -2.75
C LEU A 46 -2.18 -4.30 -3.77
N GLN A 47 -3.19 -3.43 -3.75
CA GLN A 47 -4.31 -3.58 -4.64
C GLN A 47 -4.09 -2.75 -5.91
N GLU A 48 -3.62 -3.43 -6.96
CA GLU A 48 -3.37 -2.77 -8.23
C GLU A 48 -4.67 -2.56 -8.99
N VAL A 49 -5.12 -1.31 -9.02
CA VAL A 49 -6.35 -0.97 -9.71
C VAL A 49 -6.01 -0.39 -11.09
N ASP A 50 -6.63 -0.98 -12.10
CA ASP A 50 -6.41 -0.54 -13.47
C ASP A 50 -7.35 0.63 -13.78
N ILE A 51 -6.79 1.83 -13.77
CA ILE A 51 -7.55 3.03 -14.05
C ILE A 51 -7.71 3.17 -15.56
N THR A 52 -7.14 2.23 -16.29
CA THR A 52 -7.20 2.25 -17.74
C THR A 52 -8.48 1.54 -18.22
N LEU A 53 -9.43 1.43 -17.31
CA LEU A 53 -10.69 0.77 -17.64
C LEU A 53 -11.83 1.79 -17.50
N PRO A 54 -12.97 1.46 -18.17
CA PRO A 54 -14.13 2.33 -18.14
C PRO A 54 -14.85 2.24 -16.79
N GLU A 55 -14.71 1.08 -16.15
CA GLU A 55 -15.34 0.85 -14.86
C GLU A 55 -14.66 1.71 -13.79
N ASN A 56 -13.34 1.81 -13.90
CA ASN A 56 -12.57 2.60 -12.96
C ASN A 56 -12.26 3.97 -13.55
N SER A 57 -12.85 4.21 -14.72
CA SER A 57 -12.65 5.48 -15.41
C SER A 57 -12.62 6.63 -14.40
N THR A 58 -13.37 6.46 -13.33
CA THR A 58 -13.43 7.47 -12.29
C THR A 58 -12.06 7.65 -11.65
N TRP A 59 -11.53 6.55 -11.12
CA TRP A 59 -10.24 6.58 -10.47
C TRP A 59 -9.28 7.36 -11.38
N TYR A 60 -9.45 7.16 -12.67
CA TYR A 60 -8.60 7.84 -13.65
C TYR A 60 -9.00 9.31 -13.78
N GLU A 61 -10.27 9.53 -14.04
CA GLU A 61 -10.79 10.88 -14.21
C GLU A 61 -10.37 11.75 -13.01
N ARG A 62 -10.06 11.08 -11.91
CA ARG A 62 -9.65 11.77 -10.71
C ARG A 62 -8.12 11.74 -10.57
N TYR A 63 -7.54 10.68 -11.12
CA TYR A 63 -6.09 10.53 -11.08
C TYR A 63 -5.55 10.06 -12.43
N LYS A 64 -5.61 10.97 -13.39
CA LYS A 64 -5.13 10.67 -14.73
C LYS A 64 -3.77 11.35 -14.94
N PHE A 65 -3.47 12.28 -14.05
CA PHE A 65 -2.21 13.00 -14.12
C PHE A 65 -1.59 13.16 -12.74
N ASP A 66 -2.16 12.45 -11.77
CA ASP A 66 -1.67 12.50 -10.41
C ASP A 66 -1.30 11.09 -9.95
N ILE A 67 -0.87 10.29 -10.92
CA ILE A 67 -0.47 8.92 -10.62
C ILE A 67 1.05 8.80 -10.68
N PRO A 68 1.57 7.67 -10.10
CA PRO A 68 0.70 6.69 -9.49
C PRO A 68 0.18 7.18 -8.14
N VAL A 69 -1.01 6.67 -7.79
CA VAL A 69 -1.62 7.05 -6.53
C VAL A 69 -1.54 5.87 -5.55
N PHE A 70 -1.51 6.22 -4.27
CA PHE A 70 -1.43 5.21 -3.23
C PHE A 70 -2.36 5.54 -2.06
N HIS A 71 -3.38 4.70 -1.90
CA HIS A 71 -4.34 4.89 -0.83
C HIS A 71 -4.14 3.83 0.25
N LEU A 72 -3.79 4.29 1.44
CA LEU A 72 -3.56 3.39 2.55
C LEU A 72 -4.80 3.39 3.45
N ASN A 73 -5.44 2.23 3.51
CA ASN A 73 -6.63 2.07 4.33
C ASN A 73 -7.78 2.88 3.70
N GLY A 74 -7.72 3.00 2.39
CA GLY A 74 -8.74 3.74 1.67
C GLY A 74 -8.60 5.25 1.89
N GLN A 75 -7.34 5.68 2.02
CA GLN A 75 -7.05 7.08 2.25
C GLN A 75 -5.76 7.46 1.53
N PHE A 76 -5.89 8.36 0.57
CA PHE A 76 -4.74 8.82 -0.19
C PHE A 76 -3.51 8.97 0.72
N LEU A 77 -2.58 8.04 0.55
CA LEU A 77 -1.36 8.04 1.33
C LEU A 77 -0.32 8.93 0.64
N MET A 78 -0.22 8.76 -0.66
CA MET A 78 0.73 9.53 -1.45
C MET A 78 0.56 9.25 -2.95
N MET A 79 0.86 10.26 -3.75
CA MET A 79 0.74 10.14 -5.18
C MET A 79 1.86 10.91 -5.89
N HIS A 80 2.10 10.54 -7.14
CA HIS A 80 3.13 11.18 -7.93
C HIS A 80 4.47 10.47 -7.70
N ARG A 81 4.40 9.34 -7.02
CA ARG A 81 5.58 8.57 -6.72
C ARG A 81 5.33 7.62 -5.55
N VAL A 82 6.41 7.05 -5.04
CA VAL A 82 6.32 6.13 -3.92
C VAL A 82 7.29 6.58 -2.83
N ASN A 83 6.86 7.57 -2.07
CA ASN A 83 7.67 8.10 -0.99
C ASN A 83 7.72 7.08 0.16
N THR A 84 8.51 6.04 -0.06
CA THR A 84 8.65 4.99 0.94
C THR A 84 8.65 5.59 2.35
N SER A 85 9.52 6.57 2.54
CA SER A 85 9.63 7.24 3.83
C SER A 85 8.24 7.45 4.43
N LYS A 86 7.32 7.87 3.58
CA LYS A 86 5.96 8.12 4.01
C LYS A 86 5.28 6.79 4.33
N LEU A 87 5.18 5.96 3.30
CA LEU A 87 4.56 4.65 3.46
C LEU A 87 4.98 4.05 4.80
N GLU A 88 6.26 3.73 4.90
CA GLU A 88 6.81 3.15 6.12
C GLU A 88 6.25 3.88 7.35
N LYS A 89 6.45 5.19 7.35
CA LYS A 89 5.98 6.00 8.47
C LYS A 89 4.53 5.62 8.79
N GLN A 90 3.75 5.45 7.73
CA GLN A 90 2.35 5.09 7.89
C GLN A 90 2.23 3.64 8.40
N LEU A 91 2.84 2.73 7.66
CA LEU A 91 2.81 1.32 8.03
C LEU A 91 2.94 1.19 9.55
N ARG A 92 4.06 1.70 10.06
CA ARG A 92 4.32 1.64 11.49
C ARG A 92 3.03 1.92 12.27
N LYS A 93 2.44 3.07 11.98
CA LYS A 93 1.21 3.47 12.65
C LYS A 93 0.05 3.38 11.66
N LEU A 94 -0.62 2.24 11.68
CA LEU A 94 -1.74 2.01 10.79
C LEU A 94 -2.53 0.78 11.27
N SER A 95 -1.85 -0.36 11.23
CA SER A 95 -2.46 -1.60 11.65
C SER A 95 -3.66 -1.93 10.74
N GLY A 96 -3.77 -3.21 10.40
CA GLY A 96 -4.85 -3.66 9.55
C GLY A 96 -6.05 -4.13 10.38
N PRO A 97 -7.27 -3.83 9.86
CA PRO A 97 -8.50 -4.20 10.53
C PRO A 97 -8.76 -5.70 10.38
N SER A 98 -9.74 -6.18 11.15
CA SER A 98 -10.10 -7.57 11.11
C SER A 98 -11.10 -7.83 9.98
N SER A 99 -10.59 -8.32 8.86
CA SER A 99 -11.42 -8.60 7.71
C SER A 99 -11.40 -10.10 7.41
N GLY A 100 -12.35 -10.80 7.98
CA GLY A 100 -12.46 -12.24 7.79
C GLY A 100 -13.02 -12.93 9.03
N GLY A 1 30.26 -28.39 29.34
CA GLY A 1 29.57 -27.20 29.79
C GLY A 1 29.39 -26.20 28.65
N SER A 2 28.27 -26.32 27.96
CA SER A 2 27.97 -25.45 26.84
C SER A 2 26.58 -25.76 26.28
N SER A 3 25.71 -24.77 26.35
CA SER A 3 24.35 -24.93 25.86
C SER A 3 23.60 -23.60 25.92
N GLY A 4 22.47 -23.55 25.22
CA GLY A 4 21.67 -22.35 25.19
C GLY A 4 20.63 -22.41 24.06
N SER A 5 19.38 -22.24 24.45
CA SER A 5 18.30 -22.27 23.47
C SER A 5 16.95 -22.26 24.20
N SER A 6 16.07 -21.38 23.73
CA SER A 6 14.75 -21.26 24.31
C SER A 6 13.89 -20.31 23.48
N GLY A 7 12.59 -20.57 23.51
CA GLY A 7 11.65 -19.75 22.76
C GLY A 7 10.22 -19.95 23.27
N ASN A 8 9.41 -18.92 23.06
CA ASN A 8 8.02 -18.97 23.49
C ASN A 8 7.13 -18.35 22.40
N LEU A 9 5.84 -18.66 22.50
CA LEU A 9 4.88 -18.15 21.53
C LEU A 9 4.16 -16.94 22.13
N SER A 10 4.52 -15.77 21.62
CA SER A 10 3.91 -14.54 22.10
C SER A 10 2.61 -14.27 21.34
N ALA A 11 1.78 -13.43 21.94
CA ALA A 11 0.50 -13.08 21.35
C ALA A 11 0.73 -12.07 20.21
N SER A 12 -0.24 -12.01 19.31
CA SER A 12 -0.16 -11.09 18.19
C SER A 12 -1.38 -11.25 17.29
N ASN A 13 -1.51 -10.32 16.36
CA ASN A 13 -2.63 -10.36 15.43
C ASN A 13 -2.10 -10.51 14.01
N ARG A 14 -3.03 -10.74 13.08
CA ARG A 14 -2.67 -10.91 11.68
C ARG A 14 -3.66 -10.16 10.79
N ALA A 15 -3.30 -8.93 10.45
CA ALA A 15 -4.14 -8.11 9.61
C ALA A 15 -3.32 -6.93 9.07
N LEU A 16 -3.18 -6.90 7.76
CA LEU A 16 -2.43 -5.84 7.11
C LEU A 16 -3.39 -4.89 6.40
N PRO A 17 -2.92 -3.64 6.18
CA PRO A 17 -3.73 -2.63 5.52
C PRO A 17 -3.81 -2.90 4.01
N VAL A 18 -4.81 -2.30 3.39
CA VAL A 18 -5.01 -2.46 1.96
C VAL A 18 -4.54 -1.20 1.23
N LEU A 19 -3.45 -1.36 0.50
CA LEU A 19 -2.88 -0.25 -0.25
C LEU A 19 -3.45 -0.25 -1.68
N THR A 20 -4.27 0.75 -1.96
CA THR A 20 -4.88 0.87 -3.27
C THR A 20 -3.89 1.46 -4.27
N LEU A 21 -3.36 0.59 -5.12
CA LEU A 21 -2.39 1.02 -6.12
C LEU A 21 -3.11 1.21 -7.46
N PHE A 22 -3.04 2.43 -7.96
CA PHE A 22 -3.68 2.76 -9.23
C PHE A 22 -2.63 3.01 -10.32
N THR A 23 -2.44 1.99 -11.15
CA THR A 23 -1.48 2.10 -12.23
C THR A 23 -2.20 2.21 -13.58
N LYS A 24 -1.44 2.62 -14.58
CA LYS A 24 -2.00 2.77 -15.91
C LYS A 24 -0.85 2.74 -16.94
N ALA A 25 -1.22 2.95 -18.20
CA ALA A 25 -0.25 2.94 -19.27
C ALA A 25 -0.72 3.91 -20.38
N PRO A 26 0.28 4.57 -21.02
CA PRO A 26 1.67 4.37 -20.66
C PRO A 26 2.00 5.07 -19.34
N CYS A 27 2.81 4.41 -18.53
CA CYS A 27 3.20 4.96 -17.25
C CYS A 27 4.46 4.22 -16.78
N PRO A 28 5.63 4.90 -16.93
CA PRO A 28 6.89 4.32 -16.53
C PRO A 28 7.05 4.34 -15.01
N LEU A 29 6.21 5.16 -14.37
CA LEU A 29 6.25 5.27 -12.93
C LEU A 29 5.54 4.07 -12.30
N CYS A 30 4.32 3.85 -12.75
CA CYS A 30 3.53 2.73 -12.25
C CYS A 30 4.44 1.51 -12.12
N ASP A 31 5.33 1.38 -13.09
CA ASP A 31 6.26 0.26 -13.09
C ASP A 31 7.22 0.41 -11.91
N GLU A 32 7.98 1.50 -11.93
CA GLU A 32 8.93 1.76 -10.87
C GLU A 32 8.24 1.70 -9.50
N ALA A 33 7.18 2.47 -9.38
CA ALA A 33 6.42 2.52 -8.14
C ALA A 33 6.35 1.11 -7.55
N LYS A 34 5.70 0.22 -8.28
CA LYS A 34 5.55 -1.16 -7.83
C LYS A 34 6.90 -1.66 -7.31
N GLU A 35 7.92 -1.52 -8.15
CA GLU A 35 9.26 -1.96 -7.78
C GLU A 35 9.67 -1.35 -6.43
N VAL A 36 9.10 -0.18 -6.15
CA VAL A 36 9.39 0.50 -4.91
C VAL A 36 8.57 -0.13 -3.78
N LEU A 37 7.49 -0.79 -4.16
CA LEU A 37 6.62 -1.43 -3.20
C LEU A 37 6.99 -2.92 -3.10
N GLN A 38 8.16 -3.24 -3.62
CA GLN A 38 8.64 -4.61 -3.61
C GLN A 38 8.84 -5.09 -2.16
N PRO A 39 9.59 -4.25 -1.38
CA PRO A 39 9.86 -4.58 0.01
C PRO A 39 8.63 -4.34 0.87
N TYR A 40 7.56 -3.90 0.22
CA TYR A 40 6.31 -3.64 0.93
C TYR A 40 5.15 -4.41 0.30
N LYS A 41 5.49 -5.56 -0.27
CA LYS A 41 4.48 -6.40 -0.90
C LYS A 41 3.88 -7.34 0.14
N ASP A 42 4.56 -7.43 1.27
CA ASP A 42 4.10 -8.30 2.35
C ASP A 42 3.65 -7.44 3.53
N ARG A 43 4.02 -6.17 3.48
CA ARG A 43 3.67 -5.23 4.53
C ARG A 43 2.18 -4.87 4.44
N PHE A 44 1.59 -5.24 3.31
CA PHE A 44 0.18 -4.95 3.08
C PHE A 44 -0.30 -5.60 1.77
N ILE A 45 -1.59 -5.45 1.52
CA ILE A 45 -2.19 -6.01 0.32
C ILE A 45 -2.23 -4.95 -0.77
N LEU A 46 -1.28 -5.06 -1.69
CA LEU A 46 -1.20 -4.11 -2.79
C LEU A 46 -2.36 -4.36 -3.76
N GLN A 47 -3.30 -3.43 -3.74
CA GLN A 47 -4.46 -3.53 -4.61
C GLN A 47 -4.24 -2.73 -5.89
N GLU A 48 -3.85 -3.45 -6.94
CA GLU A 48 -3.60 -2.82 -8.23
C GLU A 48 -4.91 -2.60 -8.98
N VAL A 49 -5.30 -1.34 -9.07
CA VAL A 49 -6.53 -0.99 -9.76
C VAL A 49 -6.20 -0.42 -11.13
N ASP A 50 -6.79 -1.02 -12.15
CA ASP A 50 -6.57 -0.58 -13.51
C ASP A 50 -7.53 0.56 -13.84
N ILE A 51 -6.98 1.77 -13.83
CA ILE A 51 -7.77 2.96 -14.12
C ILE A 51 -7.91 3.11 -15.64
N THR A 52 -7.27 2.20 -16.35
CA THR A 52 -7.31 2.22 -17.81
C THR A 52 -8.59 1.57 -18.31
N LEU A 53 -9.47 1.25 -17.37
CA LEU A 53 -10.74 0.63 -17.71
C LEU A 53 -11.86 1.65 -17.59
N PRO A 54 -12.99 1.36 -18.28
CA PRO A 54 -14.13 2.25 -18.26
C PRO A 54 -14.88 2.15 -16.92
N GLU A 55 -14.79 0.98 -16.31
CA GLU A 55 -15.45 0.74 -15.04
C GLU A 55 -14.83 1.62 -13.95
N ASN A 56 -13.51 1.76 -14.03
CA ASN A 56 -12.78 2.55 -13.06
C ASN A 56 -12.49 3.93 -13.65
N SER A 57 -13.06 4.17 -14.82
CA SER A 57 -12.88 5.43 -15.51
C SER A 57 -12.83 6.58 -14.49
N THR A 58 -13.60 6.41 -13.44
CA THR A 58 -13.65 7.42 -12.39
C THR A 58 -12.29 7.56 -11.71
N TRP A 59 -11.78 6.44 -11.24
CA TRP A 59 -10.49 6.42 -10.57
C TRP A 59 -9.50 7.21 -11.44
N TYR A 60 -9.71 7.12 -12.74
CA TYR A 60 -8.85 7.80 -13.69
C TYR A 60 -9.25 9.27 -13.82
N GLU A 61 -10.53 9.48 -14.11
CA GLU A 61 -11.05 10.83 -14.27
C GLU A 61 -10.67 11.70 -13.07
N ARG A 62 -10.35 11.02 -11.97
CA ARG A 62 -9.97 11.71 -10.76
C ARG A 62 -8.45 11.72 -10.61
N TYR A 63 -7.83 10.66 -11.11
CA TYR A 63 -6.38 10.54 -11.05
C TYR A 63 -5.81 10.09 -12.40
N LYS A 64 -5.85 11.01 -13.35
CA LYS A 64 -5.34 10.73 -14.67
C LYS A 64 -3.99 11.42 -14.87
N PHE A 65 -3.69 12.32 -13.93
CA PHE A 65 -2.44 13.06 -13.97
C PHE A 65 -1.82 13.17 -12.58
N ASP A 66 -2.37 12.40 -11.66
CA ASP A 66 -1.87 12.41 -10.29
C ASP A 66 -1.49 10.98 -9.89
N ILE A 67 -1.09 10.20 -10.89
CA ILE A 67 -0.69 8.83 -10.65
C ILE A 67 0.82 8.71 -10.79
N PRO A 68 1.37 7.59 -10.25
CA PRO A 68 0.53 6.60 -9.58
C PRO A 68 0.08 7.10 -8.21
N VAL A 69 -1.11 6.68 -7.82
CA VAL A 69 -1.67 7.07 -6.53
C VAL A 69 -1.59 5.89 -5.56
N PHE A 70 -1.52 6.22 -4.29
CA PHE A 70 -1.44 5.19 -3.25
C PHE A 70 -2.34 5.55 -2.07
N HIS A 71 -3.32 4.68 -1.83
CA HIS A 71 -4.24 4.89 -0.73
C HIS A 71 -4.02 3.81 0.34
N LEU A 72 -3.64 4.28 1.53
CA LEU A 72 -3.39 3.37 2.64
C LEU A 72 -4.58 3.39 3.58
N ASN A 73 -5.24 2.25 3.68
CA ASN A 73 -6.41 2.12 4.54
C ASN A 73 -7.57 2.93 3.95
N GLY A 74 -7.55 3.07 2.64
CA GLY A 74 -8.58 3.82 1.95
C GLY A 74 -8.39 5.33 2.15
N GLN A 75 -7.14 5.73 2.21
CA GLN A 75 -6.81 7.14 2.41
C GLN A 75 -5.53 7.49 1.66
N PHE A 76 -5.67 8.44 0.74
CA PHE A 76 -4.54 8.89 -0.06
C PHE A 76 -3.27 8.99 0.81
N LEU A 77 -2.38 8.03 0.61
CA LEU A 77 -1.13 8.01 1.35
C LEU A 77 -0.10 8.87 0.64
N MET A 78 -0.07 8.73 -0.68
CA MET A 78 0.87 9.49 -1.50
C MET A 78 0.64 9.21 -2.99
N MET A 79 0.94 10.22 -3.79
CA MET A 79 0.77 10.10 -5.23
C MET A 79 1.86 10.88 -5.97
N HIS A 80 2.10 10.48 -7.21
CA HIS A 80 3.11 11.11 -8.03
C HIS A 80 4.47 10.47 -7.78
N ARG A 81 4.43 9.36 -7.06
CA ARG A 81 5.65 8.62 -6.75
C ARG A 81 5.41 7.66 -5.58
N VAL A 82 6.50 7.14 -5.05
CA VAL A 82 6.43 6.22 -3.93
C VAL A 82 7.51 6.56 -2.90
N ASN A 83 7.15 7.46 -1.99
CA ASN A 83 8.07 7.88 -0.96
C ASN A 83 8.06 6.87 0.19
N THR A 84 8.81 5.79 0.00
CA THR A 84 8.88 4.74 1.01
C THR A 84 8.85 5.35 2.41
N SER A 85 9.77 6.29 2.63
CA SER A 85 9.85 6.95 3.93
C SER A 85 8.44 7.22 4.47
N LYS A 86 7.61 7.78 3.60
CA LYS A 86 6.25 8.09 3.98
C LYS A 86 5.49 6.79 4.29
N LEU A 87 5.39 5.95 3.26
CA LEU A 87 4.70 4.68 3.40
C LEU A 87 5.04 4.07 4.77
N GLU A 88 6.32 3.73 4.92
CA GLU A 88 6.79 3.14 6.16
C GLU A 88 6.14 3.83 7.36
N LYS A 89 6.35 5.14 7.44
CA LYS A 89 5.80 5.93 8.52
C LYS A 89 4.38 5.46 8.82
N GLN A 90 3.55 5.47 7.79
CA GLN A 90 2.17 5.05 7.92
C GLN A 90 2.11 3.60 8.42
N LEU A 91 2.79 2.73 7.68
CA LEU A 91 2.82 1.32 8.03
C LEU A 91 3.06 1.17 9.54
N ARG A 92 4.12 1.81 10.00
CA ARG A 92 4.46 1.76 11.42
C ARG A 92 3.20 1.81 12.28
N LYS A 93 2.38 2.82 12.02
CA LYS A 93 1.14 2.99 12.75
C LYS A 93 -0.04 2.74 11.81
N LEU A 94 -0.45 3.80 11.13
CA LEU A 94 -1.57 3.71 10.21
C LEU A 94 -2.88 3.67 10.99
N SER A 95 -2.94 2.74 11.94
CA SER A 95 -4.13 2.60 12.77
C SER A 95 -5.37 2.55 11.88
N GLY A 96 -5.70 1.33 11.46
CA GLY A 96 -6.87 1.13 10.61
C GLY A 96 -7.93 0.28 11.33
N PRO A 97 -9.20 0.43 10.86
CA PRO A 97 -10.30 -0.31 11.44
C PRO A 97 -10.27 -1.78 11.00
N SER A 98 -9.43 -2.54 11.67
CA SER A 98 -9.30 -3.96 11.36
C SER A 98 -10.12 -4.79 12.35
N SER A 99 -11.10 -5.49 11.81
CA SER A 99 -11.96 -6.33 12.63
C SER A 99 -12.52 -7.49 11.79
N GLY A 100 -11.96 -8.66 12.01
CA GLY A 100 -12.39 -9.85 11.29
C GLY A 100 -12.53 -11.05 12.23
N GLY A 1 15.91 -10.92 14.70
CA GLY A 1 17.29 -11.30 14.52
C GLY A 1 18.02 -11.40 15.86
N SER A 2 18.39 -10.24 16.39
CA SER A 2 19.08 -10.20 17.67
C SER A 2 20.44 -10.89 17.55
N SER A 3 21.46 -10.22 18.06
CA SER A 3 22.80 -10.77 18.03
C SER A 3 23.67 -10.09 19.09
N GLY A 4 23.77 -8.77 18.98
CA GLY A 4 24.56 -8.00 19.92
C GLY A 4 24.11 -6.54 19.94
N SER A 5 24.01 -6.00 21.15
CA SER A 5 23.59 -4.63 21.32
C SER A 5 22.21 -4.41 20.69
N SER A 6 21.19 -4.82 21.42
CA SER A 6 19.83 -4.67 20.95
C SER A 6 18.85 -4.75 22.13
N GLY A 7 17.64 -4.28 21.89
CA GLY A 7 16.61 -4.30 22.91
C GLY A 7 15.28 -4.82 22.36
N ASN A 8 15.32 -6.05 21.90
CA ASN A 8 14.14 -6.68 21.34
C ASN A 8 13.30 -7.29 22.47
N LEU A 9 11.99 -7.17 22.33
CA LEU A 9 11.08 -7.71 23.33
C LEU A 9 10.31 -8.88 22.72
N SER A 10 9.50 -8.56 21.72
CA SER A 10 8.70 -9.58 21.05
C SER A 10 7.94 -8.95 19.88
N ALA A 11 7.11 -7.98 20.22
CA ALA A 11 6.31 -7.30 19.21
C ALA A 11 5.39 -8.30 18.52
N SER A 12 4.36 -7.77 17.89
CA SER A 12 3.40 -8.61 17.20
C SER A 12 2.49 -7.75 16.30
N ASN A 13 2.00 -8.37 15.24
CA ASN A 13 1.14 -7.67 14.31
C ASN A 13 0.20 -8.69 13.64
N ARG A 14 -1.06 -8.30 13.53
CA ARG A 14 -2.06 -9.16 12.92
C ARG A 14 -2.87 -8.37 11.88
N ALA A 15 -3.13 -9.04 10.76
CA ALA A 15 -3.88 -8.42 9.68
C ALA A 15 -3.09 -7.25 9.11
N LEU A 16 -3.03 -7.21 7.79
CA LEU A 16 -2.31 -6.14 7.11
C LEU A 16 -3.30 -5.19 6.44
N PRO A 17 -2.83 -3.95 6.19
CA PRO A 17 -3.66 -2.94 5.56
C PRO A 17 -3.82 -3.22 4.07
N VAL A 18 -4.58 -2.35 3.41
CA VAL A 18 -4.82 -2.49 1.99
C VAL A 18 -4.36 -1.22 1.27
N LEU A 19 -3.31 -1.38 0.47
CA LEU A 19 -2.76 -0.27 -0.28
C LEU A 19 -3.33 -0.28 -1.70
N THR A 20 -4.14 0.73 -1.97
CA THR A 20 -4.77 0.85 -3.28
C THR A 20 -3.80 1.49 -4.28
N LEU A 21 -3.21 0.64 -5.11
CA LEU A 21 -2.26 1.10 -6.10
C LEU A 21 -2.98 1.30 -7.43
N PHE A 22 -2.90 2.51 -7.95
CA PHE A 22 -3.55 2.84 -9.21
C PHE A 22 -2.50 3.12 -10.29
N THR A 23 -2.34 2.13 -11.18
CA THR A 23 -1.38 2.25 -12.25
C THR A 23 -2.10 2.28 -13.60
N LYS A 24 -1.33 2.56 -14.65
CA LYS A 24 -1.88 2.61 -15.99
C LYS A 24 -0.77 2.37 -17.01
N ALA A 25 -1.13 2.46 -18.28
CA ALA A 25 -0.18 2.25 -19.35
C ALA A 25 -0.67 2.98 -20.60
N PRO A 26 0.32 3.50 -21.39
CA PRO A 26 1.72 3.35 -21.03
C PRO A 26 2.09 4.29 -19.88
N CYS A 27 2.80 3.74 -18.90
CA CYS A 27 3.21 4.52 -17.75
C CYS A 27 4.36 3.77 -17.06
N PRO A 28 5.57 4.39 -17.14
CA PRO A 28 6.75 3.80 -16.53
C PRO A 28 6.72 3.96 -15.01
N LEU A 29 6.50 5.19 -14.58
CA LEU A 29 6.44 5.49 -13.15
C LEU A 29 5.72 4.36 -12.43
N CYS A 30 4.47 4.16 -12.81
CA CYS A 30 3.66 3.11 -12.20
C CYS A 30 4.53 1.86 -12.03
N ASP A 31 4.91 1.29 -13.18
CA ASP A 31 5.74 0.10 -13.16
C ASP A 31 6.81 0.23 -12.08
N GLU A 32 7.60 1.28 -12.20
CA GLU A 32 8.67 1.53 -11.23
C GLU A 32 8.09 1.54 -9.81
N ALA A 33 7.11 2.40 -9.60
CA ALA A 33 6.48 2.51 -8.31
C ALA A 33 6.38 1.13 -7.66
N LYS A 34 5.71 0.24 -8.36
CA LYS A 34 5.53 -1.13 -7.88
C LYS A 34 6.88 -1.66 -7.39
N GLU A 35 7.89 -1.52 -8.25
CA GLU A 35 9.22 -1.98 -7.91
C GLU A 35 9.67 -1.38 -6.58
N VAL A 36 9.12 -0.23 -6.27
CA VAL A 36 9.44 0.46 -5.02
C VAL A 36 8.64 -0.15 -3.88
N LEU A 37 7.57 -0.83 -4.25
CA LEU A 37 6.70 -1.46 -3.27
C LEU A 37 7.01 -2.95 -3.20
N GLN A 38 7.93 -3.38 -4.06
CA GLN A 38 8.33 -4.77 -4.11
C GLN A 38 8.63 -5.29 -2.70
N PRO A 39 9.49 -4.52 -1.98
CA PRO A 39 9.86 -4.90 -0.62
C PRO A 39 8.72 -4.59 0.36
N TYR A 40 7.65 -4.04 -0.18
CA TYR A 40 6.49 -3.71 0.63
C TYR A 40 5.25 -4.44 0.14
N LYS A 41 5.48 -5.56 -0.52
CA LYS A 41 4.39 -6.35 -1.04
C LYS A 41 3.83 -7.24 0.07
N ASP A 42 4.74 -7.79 0.87
CA ASP A 42 4.35 -8.65 1.97
C ASP A 42 4.01 -7.79 3.18
N ARG A 43 4.39 -6.52 3.10
CA ARG A 43 4.13 -5.59 4.18
C ARG A 43 2.63 -5.28 4.27
N PHE A 44 1.96 -5.43 3.13
CA PHE A 44 0.53 -5.18 3.07
C PHE A 44 -0.08 -5.77 1.80
N ILE A 45 -1.35 -5.45 1.58
CA ILE A 45 -2.05 -5.96 0.41
C ILE A 45 -2.09 -4.86 -0.66
N LEU A 46 -1.18 -4.97 -1.62
CA LEU A 46 -1.11 -4.01 -2.70
C LEU A 46 -2.25 -4.26 -3.68
N GLN A 47 -3.23 -3.36 -3.65
CA GLN A 47 -4.37 -3.48 -4.54
C GLN A 47 -4.14 -2.67 -5.82
N GLU A 48 -3.73 -3.37 -6.86
CA GLU A 48 -3.47 -2.74 -8.14
C GLU A 48 -4.78 -2.53 -8.90
N VAL A 49 -5.25 -1.28 -8.87
CA VAL A 49 -6.49 -0.93 -9.54
C VAL A 49 -6.17 -0.48 -10.97
N ASP A 50 -7.01 -0.93 -11.90
CA ASP A 50 -6.82 -0.57 -13.29
C ASP A 50 -7.74 0.60 -13.64
N ILE A 51 -7.13 1.78 -13.72
CA ILE A 51 -7.87 2.98 -14.05
C ILE A 51 -8.05 3.08 -15.56
N THR A 52 -7.27 2.27 -16.27
CA THR A 52 -7.34 2.24 -17.73
C THR A 52 -8.64 1.61 -18.20
N LEU A 53 -9.39 1.09 -17.23
CA LEU A 53 -10.66 0.46 -17.53
C LEU A 53 -11.75 1.52 -17.64
N PRO A 54 -12.87 1.13 -18.32
CA PRO A 54 -13.99 2.04 -18.51
C PRO A 54 -14.79 2.21 -17.21
N GLU A 55 -14.95 1.09 -16.50
CA GLU A 55 -15.69 1.10 -15.26
C GLU A 55 -14.94 1.93 -14.21
N ASN A 56 -13.62 1.78 -14.21
CA ASN A 56 -12.78 2.51 -13.28
C ASN A 56 -12.41 3.87 -13.87
N SER A 57 -13.01 4.16 -15.02
CA SER A 57 -12.75 5.42 -15.69
C SER A 57 -12.73 6.57 -14.68
N THR A 58 -13.47 6.37 -13.59
CA THR A 58 -13.54 7.37 -12.54
C THR A 58 -12.18 7.55 -11.87
N TRP A 59 -11.68 6.44 -11.32
CA TRP A 59 -10.39 6.46 -10.65
C TRP A 59 -9.41 7.25 -11.53
N TYR A 60 -9.61 7.12 -12.84
CA TYR A 60 -8.75 7.81 -13.79
C TYR A 60 -9.15 9.28 -13.91
N GLU A 61 -10.42 9.50 -14.18
CA GLU A 61 -10.94 10.85 -14.33
C GLU A 61 -10.58 11.70 -13.11
N ARG A 62 -10.25 11.00 -12.03
CA ARG A 62 -9.88 11.67 -10.79
C ARG A 62 -8.36 11.66 -10.61
N TYR A 63 -7.74 10.61 -11.15
CA TYR A 63 -6.30 10.47 -11.05
C TYR A 63 -5.71 9.96 -12.38
N LYS A 64 -5.63 10.87 -13.33
CA LYS A 64 -5.09 10.53 -14.64
C LYS A 64 -3.78 11.29 -14.86
N PHE A 65 -3.45 12.13 -13.89
CA PHE A 65 -2.24 12.93 -13.97
C PHE A 65 -1.54 13.00 -12.61
N ASP A 66 -1.99 12.14 -11.70
CA ASP A 66 -1.42 12.09 -10.37
C ASP A 66 -0.74 10.74 -10.16
N ILE A 67 -1.40 9.71 -10.63
CA ILE A 67 -0.87 8.35 -10.50
C ILE A 67 0.65 8.40 -10.67
N PRO A 68 1.32 7.37 -10.07
CA PRO A 68 0.61 6.33 -9.34
C PRO A 68 0.13 6.85 -7.99
N VAL A 69 -1.14 6.61 -7.71
CA VAL A 69 -1.72 7.04 -6.45
C VAL A 69 -1.72 5.87 -5.47
N PHE A 70 -1.41 6.19 -4.22
CA PHE A 70 -1.36 5.18 -3.18
C PHE A 70 -2.29 5.56 -2.02
N HIS A 71 -3.26 4.68 -1.78
CA HIS A 71 -4.22 4.90 -0.71
C HIS A 71 -4.05 3.83 0.37
N LEU A 72 -3.68 4.28 1.55
CA LEU A 72 -3.48 3.37 2.68
C LEU A 72 -4.66 3.49 3.64
N ASN A 73 -5.33 2.37 3.86
CA ASN A 73 -6.47 2.34 4.76
C ASN A 73 -7.56 3.26 4.21
N GLY A 74 -7.88 3.06 2.94
CA GLY A 74 -8.91 3.86 2.29
C GLY A 74 -8.66 5.35 2.51
N GLN A 75 -7.40 5.73 2.41
CA GLN A 75 -7.01 7.12 2.60
C GLN A 75 -5.72 7.41 1.84
N PHE A 76 -5.80 8.38 0.94
CA PHE A 76 -4.66 8.78 0.15
C PHE A 76 -3.41 8.89 1.02
N LEU A 77 -2.51 7.93 0.84
CA LEU A 77 -1.27 7.90 1.60
C LEU A 77 -0.25 8.80 0.91
N MET A 78 -0.15 8.66 -0.40
CA MET A 78 0.77 9.46 -1.18
C MET A 78 0.60 9.21 -2.68
N MET A 79 0.89 10.23 -3.46
CA MET A 79 0.77 10.14 -4.91
C MET A 79 1.85 10.97 -5.61
N HIS A 80 2.03 10.68 -6.88
CA HIS A 80 3.02 11.40 -7.67
C HIS A 80 4.39 10.71 -7.54
N ARG A 81 4.36 9.53 -6.91
CA ARG A 81 5.58 8.77 -6.71
C ARG A 81 5.40 7.79 -5.55
N VAL A 82 6.52 7.19 -5.16
CA VAL A 82 6.50 6.23 -4.06
C VAL A 82 7.51 6.65 -3.00
N ASN A 83 7.05 7.46 -2.06
CA ASN A 83 7.91 7.94 -0.99
C ASN A 83 7.88 6.95 0.16
N THR A 84 8.66 5.88 0.00
CA THR A 84 8.73 4.84 1.02
C THR A 84 8.67 5.46 2.41
N SER A 85 9.62 6.37 2.67
CA SER A 85 9.69 7.03 3.95
C SER A 85 8.28 7.32 4.47
N LYS A 86 7.43 7.78 3.56
CA LYS A 86 6.05 8.10 3.90
C LYS A 86 5.29 6.81 4.19
N LEU A 87 5.33 5.90 3.22
CA LEU A 87 4.65 4.62 3.36
C LEU A 87 5.04 3.99 4.69
N GLU A 88 6.32 3.66 4.81
CA GLU A 88 6.82 3.05 6.03
C GLU A 88 6.23 3.73 7.26
N LYS A 89 6.36 5.05 7.28
CA LYS A 89 5.84 5.83 8.39
C LYS A 89 4.40 5.38 8.70
N GLN A 90 3.57 5.43 7.67
CA GLN A 90 2.18 5.03 7.82
C GLN A 90 2.09 3.61 8.38
N LEU A 91 2.74 2.69 7.67
CA LEU A 91 2.74 1.30 8.09
C LEU A 91 2.87 1.22 9.61
N ARG A 92 3.96 1.77 10.10
CA ARG A 92 4.22 1.77 11.53
C ARG A 92 2.93 2.01 12.30
N LYS A 93 2.27 3.12 11.98
CA LYS A 93 1.03 3.47 12.63
C LYS A 93 -0.13 3.34 11.63
N LEU A 94 -0.86 2.25 11.76
CA LEU A 94 -1.99 1.99 10.89
C LEU A 94 -2.90 0.94 11.52
N SER A 95 -2.33 -0.21 11.80
CA SER A 95 -3.08 -1.29 12.40
C SER A 95 -4.06 -1.89 11.39
N GLY A 96 -5.02 -1.06 11.00
CA GLY A 96 -6.04 -1.50 10.04
C GLY A 96 -7.35 -1.82 10.74
N PRO A 97 -8.36 -2.18 9.92
CA PRO A 97 -9.68 -2.52 10.44
C PRO A 97 -9.67 -3.90 11.09
N SER A 98 -8.82 -4.04 12.09
CA SER A 98 -8.71 -5.30 12.81
C SER A 98 -10.08 -5.74 13.32
N SER A 99 -10.57 -6.82 12.71
CA SER A 99 -11.86 -7.36 13.10
C SER A 99 -12.98 -6.40 12.67
N GLY A 100 -14.13 -6.96 12.37
CA GLY A 100 -15.28 -6.17 11.94
C GLY A 100 -16.09 -5.69 13.15
N GLY A 1 15.43 -6.70 31.73
CA GLY A 1 14.03 -6.98 31.96
C GLY A 1 13.14 -5.89 31.35
N SER A 2 12.47 -5.16 32.23
CA SER A 2 11.59 -4.09 31.79
C SER A 2 12.01 -2.77 32.45
N SER A 3 11.72 -1.68 31.74
CA SER A 3 12.06 -0.36 32.24
C SER A 3 10.79 0.48 32.39
N GLY A 4 10.93 1.57 33.14
CA GLY A 4 9.81 2.47 33.36
C GLY A 4 10.21 3.92 33.15
N SER A 5 9.98 4.40 31.94
CA SER A 5 10.31 5.76 31.59
C SER A 5 9.10 6.46 30.96
N SER A 6 8.62 5.87 29.86
CA SER A 6 7.48 6.42 29.17
C SER A 6 6.84 5.35 28.28
N GLY A 7 5.78 4.75 28.80
CA GLY A 7 5.08 3.70 28.07
C GLY A 7 5.22 2.36 28.77
N ASN A 8 4.30 1.46 28.45
CA ASN A 8 4.32 0.13 29.03
C ASN A 8 4.34 -0.93 27.92
N LEU A 9 4.85 -2.10 28.27
CA LEU A 9 4.93 -3.19 27.31
C LEU A 9 3.53 -3.56 26.84
N SER A 10 3.31 -3.40 25.54
CA SER A 10 2.02 -3.72 24.95
C SER A 10 2.06 -3.47 23.45
N ALA A 11 1.98 -4.55 22.69
CA ALA A 11 2.01 -4.46 21.24
C ALA A 11 1.13 -5.57 20.65
N SER A 12 0.54 -5.27 19.50
CA SER A 12 -0.32 -6.23 18.83
C SER A 12 -0.45 -5.86 17.35
N ASN A 13 -0.51 -6.90 16.53
CA ASN A 13 -0.63 -6.69 15.09
C ASN A 13 -1.36 -7.89 14.47
N ARG A 14 -2.39 -7.58 13.70
CA ARG A 14 -3.17 -8.62 13.05
C ARG A 14 -3.73 -8.12 11.71
N ALA A 15 -3.61 -8.96 10.70
CA ALA A 15 -4.08 -8.61 9.38
C ALA A 15 -3.30 -7.41 8.86
N LEU A 16 -3.01 -7.45 7.56
CA LEU A 16 -2.27 -6.38 6.92
C LEU A 16 -3.24 -5.39 6.29
N PRO A 17 -2.76 -4.14 6.09
CA PRO A 17 -3.57 -3.10 5.49
C PRO A 17 -3.72 -3.31 3.99
N VAL A 18 -4.68 -2.61 3.42
CA VAL A 18 -4.94 -2.71 1.99
C VAL A 18 -4.49 -1.43 1.30
N LEU A 19 -3.41 -1.55 0.53
CA LEU A 19 -2.87 -0.41 -0.18
C LEU A 19 -3.42 -0.39 -1.61
N THR A 20 -4.21 0.63 -1.89
CA THR A 20 -4.82 0.78 -3.20
C THR A 20 -3.81 1.39 -4.18
N LEU A 21 -3.37 0.55 -5.11
CA LEU A 21 -2.41 0.99 -6.11
C LEU A 21 -3.13 1.23 -7.43
N PHE A 22 -3.07 2.48 -7.89
CA PHE A 22 -3.71 2.86 -9.14
C PHE A 22 -2.67 3.11 -10.23
N THR A 23 -2.53 2.13 -11.11
CA THR A 23 -1.58 2.23 -12.20
C THR A 23 -2.32 2.40 -13.53
N LYS A 24 -1.55 2.74 -14.56
CA LYS A 24 -2.12 2.94 -15.88
C LYS A 24 -1.02 2.76 -16.93
N ALA A 25 -1.39 2.99 -18.18
CA ALA A 25 -0.46 2.86 -19.28
C ALA A 25 -0.91 3.76 -20.44
N PRO A 26 0.10 4.33 -21.15
CA PRO A 26 1.49 4.08 -20.80
C PRO A 26 1.89 4.85 -19.55
N CYS A 27 2.68 4.19 -18.72
CA CYS A 27 3.14 4.80 -17.47
C CYS A 27 4.36 4.02 -16.99
N PRO A 28 5.57 4.60 -17.26
CA PRO A 28 6.80 3.96 -16.85
C PRO A 28 7.03 4.14 -15.34
N LEU A 29 6.24 5.02 -14.76
CA LEU A 29 6.34 5.28 -13.33
C LEU A 29 5.71 4.12 -12.55
N CYS A 30 4.50 3.76 -12.98
CA CYS A 30 3.78 2.68 -12.34
C CYS A 30 4.75 1.52 -12.09
N ASP A 31 5.59 1.27 -13.08
CA ASP A 31 6.56 0.20 -12.98
C ASP A 31 7.44 0.44 -11.75
N GLU A 32 8.18 1.53 -11.79
CA GLU A 32 9.07 1.88 -10.69
C GLU A 32 8.31 1.79 -9.36
N ALA A 33 7.19 2.50 -9.30
CA ALA A 33 6.37 2.51 -8.10
C ALA A 33 6.32 1.10 -7.52
N LYS A 34 5.72 0.20 -8.27
CA LYS A 34 5.60 -1.18 -7.84
C LYS A 34 6.95 -1.67 -7.31
N GLU A 35 7.97 -1.48 -8.12
CA GLU A 35 9.31 -1.89 -7.75
C GLU A 35 9.69 -1.29 -6.40
N VAL A 36 9.07 -0.17 -6.08
CA VAL A 36 9.32 0.51 -4.82
C VAL A 36 8.51 -0.14 -3.71
N LEU A 37 7.48 -0.86 -4.13
CA LEU A 37 6.61 -1.54 -3.19
C LEU A 37 7.00 -3.02 -3.10
N GLN A 38 7.96 -3.38 -3.95
CA GLN A 38 8.44 -4.76 -3.97
C GLN A 38 8.72 -5.26 -2.56
N PRO A 39 9.53 -4.47 -1.81
CA PRO A 39 9.88 -4.83 -0.45
C PRO A 39 8.70 -4.56 0.50
N TYR A 40 7.60 -4.12 -0.08
CA TYR A 40 6.40 -3.84 0.70
C TYR A 40 5.22 -4.67 0.20
N LYS A 41 5.53 -5.64 -0.65
CA LYS A 41 4.50 -6.51 -1.20
C LYS A 41 3.90 -7.35 -0.07
N ASP A 42 4.77 -7.98 0.71
CA ASP A 42 4.33 -8.81 1.81
C ASP A 42 3.99 -7.92 3.01
N ARG A 43 4.36 -6.64 2.88
CA ARG A 43 4.10 -5.69 3.94
C ARG A 43 2.60 -5.40 4.04
N PHE A 44 1.93 -5.49 2.90
CA PHE A 44 0.50 -5.24 2.85
C PHE A 44 -0.11 -5.84 1.58
N ILE A 45 -1.39 -5.58 1.40
CA ILE A 45 -2.11 -6.08 0.24
C ILE A 45 -2.17 -4.99 -0.83
N LEU A 46 -1.27 -5.10 -1.81
CA LEU A 46 -1.21 -4.14 -2.88
C LEU A 46 -2.39 -4.37 -3.83
N GLN A 47 -3.35 -3.45 -3.77
CA GLN A 47 -4.52 -3.55 -4.62
C GLN A 47 -4.32 -2.73 -5.90
N GLU A 48 -3.96 -3.43 -6.96
CA GLU A 48 -3.73 -2.79 -8.24
C GLU A 48 -5.06 -2.52 -8.93
N VAL A 49 -5.44 -1.25 -8.94
CA VAL A 49 -6.68 -0.85 -9.57
C VAL A 49 -6.39 -0.30 -10.97
N ASP A 50 -7.10 -0.87 -11.95
CA ASP A 50 -6.92 -0.46 -13.33
C ASP A 50 -7.84 0.73 -13.62
N ILE A 51 -7.24 1.91 -13.66
CA ILE A 51 -7.99 3.12 -13.93
C ILE A 51 -8.21 3.26 -15.44
N THR A 52 -7.42 2.49 -16.18
CA THR A 52 -7.52 2.53 -17.64
C THR A 52 -8.83 1.89 -18.09
N LEU A 53 -9.49 1.22 -17.16
CA LEU A 53 -10.75 0.56 -17.45
C LEU A 53 -11.86 1.62 -17.57
N PRO A 54 -12.95 1.24 -18.27
CA PRO A 54 -14.08 2.15 -18.46
C PRO A 54 -14.90 2.27 -17.17
N GLU A 55 -15.03 1.14 -16.48
CA GLU A 55 -15.79 1.11 -15.24
C GLU A 55 -15.02 1.82 -14.13
N ASN A 56 -13.72 1.97 -14.36
CA ASN A 56 -12.87 2.62 -13.38
C ASN A 56 -12.44 4.00 -13.92
N SER A 57 -13.04 4.36 -15.05
CA SER A 57 -12.75 5.64 -15.67
C SER A 57 -12.76 6.75 -14.62
N THR A 58 -13.61 6.56 -13.61
CA THR A 58 -13.72 7.54 -12.54
C THR A 58 -12.39 7.66 -11.79
N TRP A 59 -11.85 6.52 -11.41
CA TRP A 59 -10.59 6.48 -10.68
C TRP A 59 -9.56 7.26 -11.51
N TYR A 60 -9.72 7.19 -12.82
CA TYR A 60 -8.81 7.88 -13.72
C TYR A 60 -9.17 9.36 -13.83
N GLU A 61 -10.41 9.61 -14.20
CA GLU A 61 -10.89 10.97 -14.35
C GLU A 61 -10.47 11.81 -13.15
N ARG A 62 -10.36 11.14 -12.00
CA ARG A 62 -9.97 11.82 -10.78
C ARG A 62 -8.45 11.79 -10.62
N TYR A 63 -7.87 10.69 -11.06
CA TYR A 63 -6.42 10.53 -10.97
C TYR A 63 -5.84 10.06 -12.31
N LYS A 64 -5.85 10.98 -13.26
CA LYS A 64 -5.33 10.70 -14.59
C LYS A 64 -3.96 11.36 -14.75
N PHE A 65 -3.69 12.31 -13.88
CA PHE A 65 -2.43 13.03 -13.91
C PHE A 65 -1.80 13.11 -12.51
N ASP A 66 -2.40 12.37 -11.58
CA ASP A 66 -1.92 12.34 -10.21
C ASP A 66 -1.56 10.90 -9.83
N ILE A 67 -1.15 10.14 -10.83
CA ILE A 67 -0.77 8.76 -10.61
C ILE A 67 0.74 8.61 -10.76
N PRO A 68 1.26 7.48 -10.22
CA PRO A 68 0.42 6.50 -9.57
C PRO A 68 -0.01 7.00 -8.19
N VAL A 69 -1.20 6.57 -7.78
CA VAL A 69 -1.74 6.96 -6.49
C VAL A 69 -1.66 5.77 -5.52
N PHE A 70 -1.59 6.09 -4.25
CA PHE A 70 -1.52 5.07 -3.22
C PHE A 70 -2.41 5.41 -2.03
N HIS A 71 -3.34 4.51 -1.74
CA HIS A 71 -4.27 4.71 -0.64
C HIS A 71 -4.00 3.66 0.44
N LEU A 72 -3.63 4.15 1.62
CA LEU A 72 -3.35 3.26 2.73
C LEU A 72 -4.55 3.24 3.68
N ASN A 73 -5.17 2.06 3.79
CA ASN A 73 -6.33 1.91 4.64
C ASN A 73 -7.51 2.68 4.06
N GLY A 74 -7.50 2.80 2.74
CA GLY A 74 -8.55 3.52 2.04
C GLY A 74 -8.43 5.02 2.24
N GLN A 75 -7.19 5.49 2.22
CA GLN A 75 -6.92 6.91 2.40
C GLN A 75 -5.63 7.30 1.67
N PHE A 76 -5.77 8.24 0.76
CA PHE A 76 -4.63 8.71 -0.01
C PHE A 76 -3.38 8.82 0.87
N LEU A 77 -2.42 7.94 0.60
CA LEU A 77 -1.19 7.93 1.37
C LEU A 77 -0.15 8.78 0.64
N MET A 78 -0.11 8.62 -0.68
CA MET A 78 0.84 9.36 -1.50
C MET A 78 0.60 9.08 -2.98
N MET A 79 0.89 10.09 -3.79
CA MET A 79 0.72 9.96 -5.23
C MET A 79 1.82 10.73 -5.98
N HIS A 80 2.07 10.29 -7.20
CA HIS A 80 3.09 10.92 -8.03
C HIS A 80 4.45 10.28 -7.75
N ARG A 81 4.41 9.20 -7.00
CA ARG A 81 5.63 8.48 -6.64
C ARG A 81 5.38 7.54 -5.46
N VAL A 82 6.47 7.05 -4.89
CA VAL A 82 6.38 6.13 -3.77
C VAL A 82 7.41 6.55 -2.71
N ASN A 83 7.02 7.51 -1.90
CA ASN A 83 7.89 8.00 -0.84
C ASN A 83 7.91 6.99 0.30
N THR A 84 8.71 5.95 0.12
CA THR A 84 8.82 4.91 1.13
C THR A 84 8.77 5.52 2.53
N SER A 85 9.64 6.50 2.76
CA SER A 85 9.70 7.17 4.04
C SER A 85 8.28 7.39 4.59
N LYS A 86 7.42 7.90 3.72
CA LYS A 86 6.04 8.16 4.10
C LYS A 86 5.33 6.83 4.37
N LEU A 87 5.26 6.01 3.34
CA LEU A 87 4.62 4.71 3.46
C LEU A 87 5.03 4.06 4.79
N GLU A 88 6.31 3.73 4.88
CA GLU A 88 6.83 3.10 6.08
C GLU A 88 6.27 3.79 7.32
N LYS A 89 6.43 5.11 7.35
CA LYS A 89 5.95 5.89 8.48
C LYS A 89 4.48 5.53 8.75
N GLN A 90 3.73 5.40 7.68
CA GLN A 90 2.32 5.06 7.78
C GLN A 90 2.15 3.63 8.29
N LEU A 91 2.92 2.73 7.71
CA LEU A 91 2.88 1.33 8.09
C LEU A 91 3.26 1.20 9.57
N ARG A 92 4.19 2.06 9.99
CA ARG A 92 4.64 2.05 11.37
C ARG A 92 3.48 2.35 12.31
N LYS A 93 2.50 3.07 11.78
CA LYS A 93 1.33 3.43 12.57
C LYS A 93 0.07 3.21 11.73
N LEU A 94 -0.26 4.21 10.93
CA LEU A 94 -1.42 4.14 10.07
C LEU A 94 -2.68 4.33 10.93
N SER A 95 -2.79 3.51 11.96
CA SER A 95 -3.93 3.57 12.85
C SER A 95 -4.14 5.01 13.34
N GLY A 96 -5.34 5.51 13.08
CA GLY A 96 -5.67 6.87 13.49
C GLY A 96 -6.94 6.89 14.34
N PRO A 97 -7.08 7.98 15.14
CA PRO A 97 -8.23 8.13 16.01
C PRO A 97 -9.48 8.51 15.21
N SER A 98 -9.82 7.65 14.26
CA SER A 98 -10.98 7.89 13.42
C SER A 98 -12.24 8.01 14.29
N SER A 99 -13.06 8.99 13.94
CA SER A 99 -14.30 9.22 14.67
C SER A 99 -15.45 9.50 13.69
N GLY A 100 -16.16 8.43 13.36
CA GLY A 100 -17.28 8.55 12.44
C GLY A 100 -17.77 7.17 12.00
N GLY A 1 -3.42 -14.62 -3.11
CA GLY A 1 -3.66 -14.25 -1.72
C GLY A 1 -2.99 -15.26 -0.78
N SER A 2 -1.94 -14.80 -0.12
CA SER A 2 -1.20 -15.66 0.80
C SER A 2 -1.41 -15.16 2.23
N SER A 3 -1.98 -16.04 3.05
CA SER A 3 -2.24 -15.70 4.44
C SER A 3 -1.08 -16.19 5.32
N GLY A 4 -1.10 -15.74 6.56
CA GLY A 4 -0.08 -16.12 7.52
C GLY A 4 -0.45 -17.41 8.24
N SER A 5 0.43 -17.82 9.15
CA SER A 5 0.20 -19.03 9.92
C SER A 5 0.11 -18.69 11.41
N SER A 6 -0.70 -19.48 12.11
CA SER A 6 -0.89 -19.27 13.54
C SER A 6 -1.34 -20.58 14.20
N GLY A 7 -0.37 -21.34 14.66
CA GLY A 7 -0.65 -22.61 15.32
C GLY A 7 0.13 -22.74 16.62
N ASN A 8 -0.39 -22.10 17.66
CA ASN A 8 0.25 -22.15 18.96
C ASN A 8 -0.82 -22.00 20.04
N LEU A 9 -0.40 -22.26 21.27
CA LEU A 9 -1.30 -22.17 22.41
C LEU A 9 -1.56 -20.70 22.74
N SER A 10 -2.40 -20.08 21.93
CA SER A 10 -2.73 -18.67 22.12
C SER A 10 -3.88 -18.28 21.20
N ALA A 11 -4.39 -17.08 21.43
CA ALA A 11 -5.51 -16.57 20.63
C ALA A 11 -5.17 -15.16 20.16
N SER A 12 -5.15 -14.99 18.84
CA SER A 12 -4.85 -13.71 18.25
C SER A 12 -4.98 -13.78 16.72
N ASN A 13 -5.55 -12.74 16.16
CA ASN A 13 -5.73 -12.68 14.71
C ASN A 13 -5.23 -11.33 14.20
N ARG A 14 -4.24 -11.42 13.30
CA ARG A 14 -3.65 -10.22 12.72
C ARG A 14 -4.08 -10.07 11.26
N ALA A 15 -3.65 -8.98 10.66
CA ALA A 15 -3.98 -8.71 9.27
C ALA A 15 -3.21 -7.48 8.80
N LEU A 16 -2.77 -7.53 7.55
CA LEU A 16 -2.02 -6.42 6.97
C LEU A 16 -3.00 -5.42 6.35
N PRO A 17 -2.51 -4.16 6.21
CA PRO A 17 -3.33 -3.10 5.65
C PRO A 17 -3.45 -3.26 4.13
N VAL A 18 -4.45 -2.60 3.58
CA VAL A 18 -4.69 -2.65 2.14
C VAL A 18 -4.20 -1.35 1.50
N LEU A 19 -3.32 -1.52 0.51
CA LEU A 19 -2.77 -0.38 -0.19
C LEU A 19 -3.30 -0.35 -1.62
N THR A 20 -4.10 0.67 -1.90
CA THR A 20 -4.68 0.82 -3.22
C THR A 20 -3.66 1.42 -4.20
N LEU A 21 -3.29 0.62 -5.18
CA LEU A 21 -2.33 1.06 -6.17
C LEU A 21 -3.04 1.30 -7.49
N PHE A 22 -2.93 2.53 -7.99
CA PHE A 22 -3.56 2.90 -9.24
C PHE A 22 -2.51 3.15 -10.33
N THR A 23 -2.31 2.15 -11.16
CA THR A 23 -1.35 2.26 -12.25
C THR A 23 -2.06 2.28 -13.59
N LYS A 24 -1.28 2.55 -14.64
CA LYS A 24 -1.83 2.59 -15.99
C LYS A 24 -0.69 2.39 -17.00
N ALA A 25 -1.05 2.46 -18.26
CA ALA A 25 -0.08 2.30 -19.33
C ALA A 25 -0.55 3.06 -20.57
N PRO A 26 0.44 3.63 -21.31
CA PRO A 26 1.84 3.48 -20.91
C PRO A 26 2.16 4.39 -19.72
N CYS A 27 2.92 3.83 -18.78
CA CYS A 27 3.30 4.56 -17.59
C CYS A 27 4.48 3.84 -16.95
N PRO A 28 5.68 4.49 -17.06
CA PRO A 28 6.89 3.92 -16.49
C PRO A 28 6.90 4.08 -14.96
N LEU A 29 6.50 5.26 -14.52
CA LEU A 29 6.47 5.54 -13.09
C LEU A 29 5.71 4.43 -12.37
N CYS A 30 4.44 4.27 -12.75
CA CYS A 30 3.61 3.26 -12.16
C CYS A 30 4.43 1.98 -12.01
N ASP A 31 4.80 1.40 -13.14
CA ASP A 31 5.58 0.19 -13.15
C ASP A 31 6.67 0.27 -12.07
N GLU A 32 7.45 1.33 -12.15
CA GLU A 32 8.52 1.55 -11.20
C GLU A 32 7.97 1.52 -9.77
N ALA A 33 6.95 2.34 -9.55
CA ALA A 33 6.34 2.42 -8.23
C ALA A 33 6.28 1.01 -7.61
N LYS A 34 5.61 0.12 -8.32
CA LYS A 34 5.47 -1.25 -7.85
C LYS A 34 6.84 -1.76 -7.38
N GLU A 35 7.83 -1.59 -8.26
CA GLU A 35 9.19 -2.02 -7.94
C GLU A 35 9.64 -1.43 -6.61
N VAL A 36 9.09 -0.27 -6.30
CA VAL A 36 9.42 0.41 -5.06
C VAL A 36 8.64 -0.23 -3.90
N LEU A 37 7.56 -0.89 -4.26
CA LEU A 37 6.72 -1.55 -3.28
C LEU A 37 7.07 -3.05 -3.22
N GLN A 38 8.22 -3.36 -3.77
CA GLN A 38 8.69 -4.74 -3.79
C GLN A 38 8.95 -5.23 -2.36
N PRO A 39 9.73 -4.43 -1.61
CA PRO A 39 10.07 -4.77 -0.24
C PRO A 39 8.88 -4.53 0.69
N TYR A 40 7.78 -4.08 0.09
CA TYR A 40 6.57 -3.81 0.85
C TYR A 40 5.39 -4.62 0.30
N LYS A 41 5.70 -5.50 -0.64
CA LYS A 41 4.67 -6.33 -1.25
C LYS A 41 4.05 -7.23 -0.18
N ASP A 42 4.88 -7.61 0.79
CA ASP A 42 4.42 -8.47 1.86
C ASP A 42 4.02 -7.60 3.06
N ARG A 43 4.44 -6.35 3.02
CA ARG A 43 4.14 -5.41 4.08
C ARG A 43 2.64 -5.07 4.08
N PHE A 44 1.97 -5.53 3.04
CA PHE A 44 0.54 -5.29 2.91
C PHE A 44 0.00 -5.88 1.60
N ILE A 45 -1.29 -5.70 1.40
CA ILE A 45 -1.94 -6.21 0.19
C ILE A 45 -2.03 -5.08 -0.84
N LEU A 46 -1.09 -5.12 -1.78
CA LEU A 46 -1.05 -4.11 -2.84
C LEU A 46 -2.21 -4.35 -3.80
N GLN A 47 -3.15 -3.41 -3.78
CA GLN A 47 -4.32 -3.50 -4.64
C GLN A 47 -4.06 -2.76 -5.95
N GLU A 48 -3.79 -3.53 -6.99
CA GLU A 48 -3.53 -2.97 -8.30
C GLU A 48 -4.84 -2.68 -9.03
N VAL A 49 -5.25 -1.41 -8.98
CA VAL A 49 -6.48 -1.00 -9.63
C VAL A 49 -6.17 -0.51 -11.03
N ASP A 50 -6.95 -0.99 -11.99
CA ASP A 50 -6.77 -0.61 -13.38
C ASP A 50 -7.70 0.57 -13.70
N ILE A 51 -7.10 1.75 -13.76
CA ILE A 51 -7.85 2.96 -14.06
C ILE A 51 -8.04 3.07 -15.57
N THR A 52 -7.26 2.29 -16.30
CA THR A 52 -7.34 2.28 -17.75
C THR A 52 -8.65 1.66 -18.22
N LEU A 53 -9.40 1.15 -17.26
CA LEU A 53 -10.68 0.51 -17.56
C LEU A 53 -11.76 1.59 -17.58
N PRO A 54 -12.89 1.26 -18.28
CA PRO A 54 -14.01 2.18 -18.39
C PRO A 54 -14.79 2.24 -17.08
N GLU A 55 -14.92 1.07 -16.45
CA GLU A 55 -15.65 0.97 -15.20
C GLU A 55 -14.94 1.78 -14.10
N ASN A 56 -13.64 1.92 -14.27
CA ASN A 56 -12.83 2.66 -13.32
C ASN A 56 -12.49 4.03 -13.90
N SER A 57 -13.09 4.32 -15.04
CA SER A 57 -12.86 5.59 -15.71
C SER A 57 -12.79 6.73 -14.68
N THR A 58 -13.59 6.58 -13.64
CA THR A 58 -13.63 7.57 -12.57
C THR A 58 -12.26 7.68 -11.89
N TRP A 59 -11.80 6.54 -11.39
CA TRP A 59 -10.52 6.49 -10.71
C TRP A 59 -9.50 7.27 -11.56
N TYR A 60 -9.65 7.15 -12.86
CA TYR A 60 -8.77 7.82 -13.79
C TYR A 60 -9.17 9.30 -13.95
N GLU A 61 -10.46 9.51 -14.17
CA GLU A 61 -10.97 10.85 -14.35
C GLU A 61 -10.61 11.72 -13.15
N ARG A 62 -10.23 11.05 -12.06
CA ARG A 62 -9.85 11.75 -10.85
C ARG A 62 -8.34 11.70 -10.66
N TYR A 63 -7.73 10.64 -11.19
CA TYR A 63 -6.30 10.46 -11.09
C TYR A 63 -5.71 10.00 -12.42
N LYS A 64 -5.62 10.94 -13.36
CA LYS A 64 -5.09 10.64 -14.67
C LYS A 64 -3.77 11.39 -14.86
N PHE A 65 -3.50 12.30 -13.93
CA PHE A 65 -2.28 13.09 -13.97
C PHE A 65 -1.60 13.13 -12.61
N ASP A 66 -2.14 12.35 -11.69
CA ASP A 66 -1.60 12.29 -10.34
C ASP A 66 -0.87 10.96 -10.15
N ILE A 67 -1.53 9.89 -10.57
CA ILE A 67 -0.96 8.57 -10.45
C ILE A 67 0.55 8.63 -10.68
N PRO A 68 1.26 7.62 -10.12
CA PRO A 68 0.61 6.57 -9.38
C PRO A 68 0.18 7.05 -7.99
N VAL A 69 -1.07 6.73 -7.65
CA VAL A 69 -1.62 7.13 -6.37
C VAL A 69 -1.64 5.92 -5.43
N PHE A 70 -1.40 6.20 -4.16
CA PHE A 70 -1.39 5.15 -3.15
C PHE A 70 -2.32 5.50 -1.99
N HIS A 71 -3.24 4.58 -1.71
CA HIS A 71 -4.18 4.79 -0.63
C HIS A 71 -3.96 3.72 0.45
N LEU A 72 -3.68 4.19 1.65
CA LEU A 72 -3.45 3.29 2.78
C LEU A 72 -4.63 3.38 3.74
N ASN A 73 -5.27 2.24 3.95
CA ASN A 73 -6.41 2.17 4.85
C ASN A 73 -7.55 3.01 4.28
N GLY A 74 -7.68 2.96 2.96
CA GLY A 74 -8.72 3.71 2.28
C GLY A 74 -8.54 5.22 2.47
N GLN A 75 -7.27 5.63 2.49
CA GLN A 75 -6.95 7.03 2.66
C GLN A 75 -5.66 7.37 1.89
N PHE A 76 -5.80 8.32 0.97
CA PHE A 76 -4.66 8.74 0.18
C PHE A 76 -3.40 8.86 1.04
N LEU A 77 -2.51 7.90 0.85
CA LEU A 77 -1.26 7.88 1.59
C LEU A 77 -0.24 8.78 0.89
N MET A 78 -0.15 8.61 -0.42
CA MET A 78 0.78 9.39 -1.22
C MET A 78 0.61 9.09 -2.71
N MET A 79 0.92 10.09 -3.52
CA MET A 79 0.81 9.95 -4.96
C MET A 79 1.88 10.78 -5.68
N HIS A 80 2.09 10.44 -6.94
CA HIS A 80 3.08 11.15 -7.75
C HIS A 80 4.45 10.49 -7.56
N ARG A 81 4.45 9.35 -6.89
CA ARG A 81 5.67 8.63 -6.62
C ARG A 81 5.48 7.62 -5.48
N VAL A 82 6.59 7.09 -5.01
CA VAL A 82 6.55 6.12 -3.93
C VAL A 82 7.58 6.50 -2.86
N ASN A 83 7.20 7.44 -2.01
CA ASN A 83 8.09 7.90 -0.96
C ASN A 83 8.08 6.89 0.19
N THR A 84 8.86 5.82 0.01
CA THR A 84 8.94 4.79 1.01
C THR A 84 8.87 5.38 2.42
N SER A 85 9.79 6.31 2.67
CA SER A 85 9.85 6.97 3.96
C SER A 85 8.43 7.24 4.48
N LYS A 86 7.60 7.74 3.57
CA LYS A 86 6.22 8.04 3.92
C LYS A 86 5.47 6.75 4.21
N LEU A 87 5.38 5.91 3.18
CA LEU A 87 4.70 4.64 3.30
C LEU A 87 5.01 4.03 4.68
N GLU A 88 6.27 3.67 4.86
CA GLU A 88 6.71 3.08 6.11
C GLU A 88 6.11 3.84 7.29
N LYS A 89 6.35 5.14 7.31
CA LYS A 89 5.84 5.99 8.36
C LYS A 89 4.38 5.61 8.67
N GLN A 90 3.58 5.61 7.62
CA GLN A 90 2.17 5.27 7.74
C GLN A 90 2.02 3.88 8.37
N LEU A 91 2.68 2.92 7.75
CA LEU A 91 2.63 1.54 8.24
C LEU A 91 2.73 1.54 9.76
N ARG A 92 3.84 2.09 10.25
CA ARG A 92 4.07 2.15 11.68
C ARG A 92 2.76 2.44 12.41
N LYS A 93 2.10 3.50 11.99
CA LYS A 93 0.84 3.89 12.60
C LYS A 93 -0.14 4.32 11.50
N LEU A 94 -1.25 3.60 11.44
CA LEU A 94 -2.28 3.88 10.44
C LEU A 94 -3.62 4.07 11.15
N SER A 95 -4.16 2.94 11.61
CA SER A 95 -5.44 2.97 12.29
C SER A 95 -6.52 3.50 11.36
N GLY A 96 -7.75 3.06 11.62
CA GLY A 96 -8.88 3.48 10.82
C GLY A 96 -10.20 2.98 11.42
N PRO A 97 -11.32 3.57 10.93
CA PRO A 97 -12.63 3.19 11.40
C PRO A 97 -13.07 1.85 10.81
N SER A 98 -13.45 0.95 11.70
CA SER A 98 -13.88 -0.38 11.29
C SER A 98 -15.04 -0.26 10.29
N SER A 99 -15.21 -1.32 9.52
CA SER A 99 -16.28 -1.35 8.53
C SER A 99 -17.64 -1.36 9.23
N GLY A 100 -17.85 -2.39 10.04
CA GLY A 100 -19.10 -2.52 10.77
C GLY A 100 -19.12 -1.60 11.99
N GLY A 1 22.51 -30.83 34.28
CA GLY A 1 21.31 -30.84 33.48
C GLY A 1 20.07 -30.98 34.36
N SER A 2 19.21 -31.90 33.98
CA SER A 2 17.98 -32.14 34.73
C SER A 2 17.07 -30.91 34.65
N SER A 3 15.78 -31.16 34.57
CA SER A 3 14.81 -30.09 34.49
C SER A 3 14.98 -29.31 33.19
N GLY A 4 13.91 -29.29 32.40
CA GLY A 4 13.93 -28.59 31.13
C GLY A 4 12.79 -29.07 30.22
N SER A 5 11.59 -28.64 30.56
CA SER A 5 10.41 -29.01 29.79
C SER A 5 9.19 -28.27 30.31
N SER A 6 8.79 -27.24 29.59
CA SER A 6 7.64 -26.45 29.97
C SER A 6 6.94 -25.89 28.73
N GLY A 7 7.74 -25.24 27.89
CA GLY A 7 7.22 -24.65 26.67
C GLY A 7 6.23 -23.52 26.97
N ASN A 8 5.89 -22.77 25.93
CA ASN A 8 4.97 -21.66 26.07
C ASN A 8 3.93 -21.74 24.95
N LEU A 9 3.02 -20.77 24.97
CA LEU A 9 1.97 -20.72 23.98
C LEU A 9 1.40 -19.29 23.91
N SER A 10 0.92 -18.93 22.74
CA SER A 10 0.34 -17.61 22.54
C SER A 10 -0.80 -17.68 21.53
N ALA A 11 -1.59 -16.61 21.50
CA ALA A 11 -2.73 -16.55 20.60
C ALA A 11 -2.23 -16.31 19.17
N SER A 12 -3.16 -16.39 18.23
CA SER A 12 -2.82 -16.19 16.83
C SER A 12 -3.85 -15.26 16.17
N ASN A 13 -3.35 -14.17 15.60
CA ASN A 13 -4.21 -13.21 14.95
C ASN A 13 -3.36 -12.08 14.37
N ARG A 14 -3.64 -11.75 13.12
CA ARG A 14 -2.90 -10.69 12.44
C ARG A 14 -3.63 -10.27 11.17
N ALA A 15 -3.31 -9.07 10.72
CA ALA A 15 -3.93 -8.53 9.51
C ALA A 15 -3.10 -7.35 9.01
N LEU A 16 -2.96 -7.28 7.68
CA LEU A 16 -2.21 -6.21 7.06
C LEU A 16 -3.18 -5.22 6.41
N PRO A 17 -2.68 -3.96 6.22
CA PRO A 17 -3.49 -2.93 5.62
C PRO A 17 -3.61 -3.14 4.11
N VAL A 18 -4.59 -2.46 3.52
CA VAL A 18 -4.82 -2.57 2.09
C VAL A 18 -4.35 -1.29 1.40
N LEU A 19 -3.33 -1.43 0.57
CA LEU A 19 -2.78 -0.30 -0.15
C LEU A 19 -3.32 -0.30 -1.59
N THR A 20 -4.14 0.70 -1.89
CA THR A 20 -4.73 0.82 -3.21
C THR A 20 -3.72 1.44 -4.18
N LEU A 21 -3.25 0.60 -5.10
CA LEU A 21 -2.29 1.05 -6.09
C LEU A 21 -3.00 1.27 -7.42
N PHE A 22 -2.89 2.48 -7.93
CA PHE A 22 -3.52 2.83 -9.19
C PHE A 22 -2.47 3.05 -10.28
N THR A 23 -2.28 2.03 -11.10
CA THR A 23 -1.31 2.10 -12.18
C THR A 23 -2.03 2.27 -13.52
N LYS A 24 -1.22 2.51 -14.55
CA LYS A 24 -1.77 2.69 -15.89
C LYS A 24 -0.64 2.53 -16.92
N ALA A 25 -1.00 2.75 -18.17
CA ALA A 25 -0.02 2.63 -19.26
C ALA A 25 -0.51 3.45 -20.46
N PRO A 26 0.48 4.07 -21.16
CA PRO A 26 1.87 3.93 -20.77
C PRO A 26 2.19 4.77 -19.53
N CYS A 27 2.92 4.16 -18.62
CA CYS A 27 3.29 4.84 -17.38
C CYS A 27 4.46 4.09 -16.76
N PRO A 28 5.66 4.73 -16.80
CA PRO A 28 6.86 4.13 -16.25
C PRO A 28 6.85 4.21 -14.72
N LEU A 29 6.34 5.31 -14.21
CA LEU A 29 6.27 5.52 -12.78
C LEU A 29 5.44 4.39 -12.16
N CYS A 30 4.18 4.34 -12.53
CA CYS A 30 3.27 3.33 -12.02
C CYS A 30 4.03 1.99 -11.99
N ASP A 31 4.79 1.76 -13.04
CA ASP A 31 5.57 0.53 -13.15
C ASP A 31 6.62 0.50 -12.05
N GLU A 32 7.51 1.49 -12.11
CA GLU A 32 8.59 1.59 -11.13
C GLU A 32 8.01 1.53 -9.71
N ALA A 33 6.97 2.33 -9.49
CA ALA A 33 6.33 2.39 -8.19
C ALA A 33 6.29 0.99 -7.59
N LYS A 34 5.61 0.10 -8.30
CA LYS A 34 5.48 -1.29 -7.85
C LYS A 34 6.85 -1.80 -7.41
N GLU A 35 7.83 -1.60 -8.28
CA GLU A 35 9.18 -2.05 -8.00
C GLU A 35 9.67 -1.45 -6.68
N VAL A 36 9.10 -0.30 -6.34
CA VAL A 36 9.46 0.38 -5.10
C VAL A 36 8.67 -0.24 -3.95
N LEU A 37 7.58 -0.90 -4.29
CA LEU A 37 6.74 -1.54 -3.30
C LEU A 37 7.07 -3.03 -3.23
N GLN A 38 8.05 -3.42 -4.02
CA GLN A 38 8.47 -4.81 -4.05
C GLN A 38 8.74 -5.33 -2.64
N PRO A 39 9.60 -4.57 -1.91
CA PRO A 39 9.94 -4.93 -0.54
C PRO A 39 8.79 -4.62 0.42
N TYR A 40 7.72 -4.08 -0.15
CA TYR A 40 6.55 -3.74 0.64
C TYR A 40 5.33 -4.51 0.16
N LYS A 41 5.59 -5.60 -0.54
CA LYS A 41 4.51 -6.44 -1.04
C LYS A 41 3.96 -7.31 0.08
N ASP A 42 4.87 -8.02 0.74
CA ASP A 42 4.47 -8.89 1.85
C ASP A 42 4.13 -8.03 3.06
N ARG A 43 4.49 -6.75 2.98
CA ARG A 43 4.22 -5.82 4.06
C ARG A 43 2.71 -5.60 4.19
N PHE A 44 2.08 -5.32 3.06
CA PHE A 44 0.65 -5.08 3.04
C PHE A 44 0.00 -5.69 1.79
N ILE A 45 -1.28 -5.41 1.64
CA ILE A 45 -2.02 -5.93 0.49
C ILE A 45 -2.07 -4.85 -0.59
N LEU A 46 -1.18 -5.00 -1.56
CA LEU A 46 -1.12 -4.06 -2.67
C LEU A 46 -2.28 -4.30 -3.63
N GLN A 47 -3.24 -3.39 -3.60
CA GLN A 47 -4.41 -3.51 -4.46
C GLN A 47 -4.19 -2.73 -5.75
N GLU A 48 -3.80 -3.46 -6.79
CA GLU A 48 -3.56 -2.84 -8.09
C GLU A 48 -4.89 -2.59 -8.80
N VAL A 49 -5.27 -1.32 -8.84
CA VAL A 49 -6.50 -0.94 -9.49
C VAL A 49 -6.19 -0.45 -10.91
N ASP A 50 -6.95 -0.98 -11.86
CA ASP A 50 -6.77 -0.61 -13.25
C ASP A 50 -7.68 0.56 -13.59
N ILE A 51 -7.09 1.74 -13.65
CA ILE A 51 -7.84 2.94 -13.96
C ILE A 51 -8.07 3.03 -15.48
N THR A 52 -7.18 2.36 -16.21
CA THR A 52 -7.27 2.35 -17.66
C THR A 52 -8.59 1.72 -18.11
N LEU A 53 -9.25 1.06 -17.17
CA LEU A 53 -10.51 0.41 -17.45
C LEU A 53 -11.62 1.47 -17.54
N PRO A 54 -12.72 1.10 -18.23
CA PRO A 54 -13.86 1.99 -18.39
C PRO A 54 -14.66 2.10 -17.09
N GLU A 55 -14.90 0.95 -16.48
CA GLU A 55 -15.65 0.90 -15.25
C GLU A 55 -14.90 1.62 -14.13
N ASN A 56 -13.61 1.84 -14.38
CA ASN A 56 -12.78 2.53 -13.42
C ASN A 56 -12.35 3.89 -13.98
N SER A 57 -12.94 4.22 -15.12
CA SER A 57 -12.64 5.49 -15.78
C SER A 57 -12.73 6.64 -14.76
N THR A 58 -13.49 6.39 -13.70
CA THR A 58 -13.67 7.39 -12.67
C THR A 58 -12.38 7.57 -11.88
N TRP A 59 -11.73 6.45 -11.59
CA TRP A 59 -10.47 6.47 -10.85
C TRP A 59 -9.44 7.23 -11.69
N TYR A 60 -9.59 7.13 -13.00
CA TYR A 60 -8.69 7.80 -13.92
C TYR A 60 -9.08 9.26 -14.12
N GLU A 61 -10.36 9.45 -14.45
CA GLU A 61 -10.87 10.79 -14.66
C GLU A 61 -10.53 11.70 -13.48
N ARG A 62 -10.24 11.06 -12.35
CA ARG A 62 -9.89 11.80 -11.15
C ARG A 62 -8.37 11.78 -10.93
N TYR A 63 -7.76 10.68 -11.36
CA TYR A 63 -6.33 10.51 -11.22
C TYR A 63 -5.69 10.00 -12.51
N LYS A 64 -5.60 10.89 -13.48
CA LYS A 64 -5.03 10.54 -14.77
C LYS A 64 -3.70 11.29 -14.95
N PHE A 65 -3.44 12.19 -14.02
CA PHE A 65 -2.21 12.97 -14.06
C PHE A 65 -1.56 13.05 -12.69
N ASP A 66 -2.00 12.17 -11.80
CA ASP A 66 -1.48 12.13 -10.45
C ASP A 66 -0.75 10.80 -10.23
N ILE A 67 -1.39 9.73 -10.66
CA ILE A 67 -0.82 8.40 -10.52
C ILE A 67 0.69 8.48 -10.72
N PRO A 68 1.40 7.48 -10.12
CA PRO A 68 0.73 6.43 -9.38
C PRO A 68 0.25 6.95 -8.01
N VAL A 69 -1.00 6.66 -7.71
CA VAL A 69 -1.59 7.08 -6.45
C VAL A 69 -1.61 5.90 -5.48
N PHE A 70 -1.37 6.22 -4.21
CA PHE A 70 -1.36 5.20 -3.18
C PHE A 70 -2.29 5.57 -2.03
N HIS A 71 -3.25 4.69 -1.76
CA HIS A 71 -4.20 4.93 -0.69
C HIS A 71 -4.03 3.86 0.40
N LEU A 72 -3.70 4.33 1.59
CA LEU A 72 -3.50 3.43 2.72
C LEU A 72 -4.69 3.54 3.66
N ASN A 73 -5.35 2.41 3.86
CA ASN A 73 -6.50 2.35 4.74
C ASN A 73 -7.61 3.26 4.19
N GLY A 74 -7.95 3.02 2.92
CA GLY A 74 -8.97 3.80 2.26
C GLY A 74 -8.74 5.30 2.47
N GLN A 75 -7.48 5.69 2.38
CA GLN A 75 -7.11 7.09 2.56
C GLN A 75 -5.80 7.39 1.84
N PHE A 76 -5.88 8.31 0.89
CA PHE A 76 -4.71 8.69 0.11
C PHE A 76 -3.48 8.81 1.01
N LEU A 77 -2.51 7.95 0.74
CA LEU A 77 -1.27 7.94 1.52
C LEU A 77 -0.24 8.82 0.82
N MET A 78 -0.17 8.68 -0.49
CA MET A 78 0.77 9.46 -1.30
C MET A 78 0.62 9.14 -2.78
N MET A 79 0.96 10.13 -3.60
CA MET A 79 0.86 9.97 -5.04
C MET A 79 1.92 10.81 -5.75
N HIS A 80 2.16 10.47 -7.01
CA HIS A 80 3.14 11.19 -7.82
C HIS A 80 4.52 10.56 -7.61
N ARG A 81 4.52 9.41 -6.96
CA ARG A 81 5.76 8.71 -6.69
C ARG A 81 5.57 7.69 -5.57
N VAL A 82 6.68 7.14 -5.11
CA VAL A 82 6.65 6.16 -4.03
C VAL A 82 7.70 6.51 -2.99
N ASN A 83 7.31 7.42 -2.10
CA ASN A 83 8.21 7.86 -1.04
C ASN A 83 8.10 6.89 0.14
N THR A 84 8.80 5.78 0.02
CA THR A 84 8.80 4.77 1.06
C THR A 84 8.75 5.43 2.44
N SER A 85 9.66 6.37 2.64
CA SER A 85 9.74 7.08 3.90
C SER A 85 8.33 7.35 4.43
N LYS A 86 7.48 7.84 3.55
CA LYS A 86 6.11 8.14 3.91
C LYS A 86 5.37 6.84 4.22
N LEU A 87 5.31 5.97 3.22
CA LEU A 87 4.65 4.69 3.37
C LEU A 87 5.07 4.05 4.69
N GLU A 88 6.34 3.71 4.77
CA GLU A 88 6.87 3.09 5.97
C GLU A 88 6.29 3.77 7.22
N LYS A 89 6.42 5.08 7.26
CA LYS A 89 5.92 5.85 8.39
C LYS A 89 4.50 5.38 8.72
N GLN A 90 3.65 5.39 7.71
CA GLN A 90 2.27 4.97 7.88
C GLN A 90 2.21 3.52 8.39
N LEU A 91 2.87 2.64 7.64
CA LEU A 91 2.90 1.24 8.00
C LEU A 91 3.05 1.11 9.52
N ARG A 92 4.14 1.66 10.02
CA ARG A 92 4.41 1.62 11.45
C ARG A 92 3.11 1.82 12.24
N LYS A 93 2.50 2.97 12.01
CA LYS A 93 1.25 3.30 12.69
C LYS A 93 0.22 3.75 11.66
N LEU A 94 -0.91 3.05 11.64
CA LEU A 94 -1.97 3.37 10.70
C LEU A 94 -3.30 3.44 11.47
N SER A 95 -3.69 2.28 12.01
CA SER A 95 -4.93 2.20 12.76
C SER A 95 -6.11 2.54 11.86
N GLY A 96 -7.22 1.85 12.09
CA GLY A 96 -8.43 2.08 11.31
C GLY A 96 -9.52 1.08 11.69
N PRO A 97 -10.68 1.20 10.99
CA PRO A 97 -11.81 0.33 11.26
C PRO A 97 -11.57 -1.07 10.67
N SER A 98 -10.90 -1.09 9.52
CA SER A 98 -10.60 -2.34 8.85
C SER A 98 -11.88 -2.96 8.30
N SER A 99 -12.76 -3.35 9.23
CA SER A 99 -14.02 -3.95 8.84
C SER A 99 -13.77 -5.21 8.01
N GLY A 100 -13.80 -6.35 8.69
CA GLY A 100 -13.57 -7.62 8.03
C GLY A 100 -14.75 -8.57 8.26
N GLY A 1 5.06 -39.58 38.43
CA GLY A 1 5.32 -38.17 38.64
C GLY A 1 5.89 -37.52 37.38
N SER A 2 5.58 -36.24 37.21
CA SER A 2 6.06 -35.50 36.06
C SER A 2 5.65 -34.03 36.17
N SER A 3 6.61 -33.22 36.59
CA SER A 3 6.37 -31.79 36.75
C SER A 3 6.59 -31.07 35.41
N GLY A 4 5.90 -29.95 35.26
CA GLY A 4 6.00 -29.17 34.05
C GLY A 4 6.18 -27.68 34.37
N SER A 5 5.42 -26.86 33.66
CA SER A 5 5.48 -25.42 33.86
C SER A 5 4.10 -24.80 33.59
N SER A 6 3.96 -23.56 34.05
CA SER A 6 2.71 -22.84 33.85
C SER A 6 2.90 -21.72 32.83
N GLY A 7 1.80 -21.37 32.18
CA GLY A 7 1.83 -20.32 31.18
C GLY A 7 0.43 -20.06 30.61
N ASN A 8 0.31 -18.96 29.90
CA ASN A 8 -0.97 -18.58 29.29
C ASN A 8 -0.70 -17.66 28.10
N LEU A 9 -0.85 -18.22 26.92
CA LEU A 9 -0.64 -17.46 25.69
C LEU A 9 -1.15 -18.27 24.50
N SER A 10 -2.24 -17.80 23.92
CA SER A 10 -2.82 -18.46 22.77
C SER A 10 -3.81 -17.53 22.07
N ALA A 11 -3.29 -16.76 21.12
CA ALA A 11 -4.11 -15.82 20.38
C ALA A 11 -3.66 -15.81 18.91
N SER A 12 -4.50 -15.23 18.07
CA SER A 12 -4.20 -15.15 16.65
C SER A 12 -5.04 -14.04 16.01
N ASN A 13 -4.43 -12.86 15.93
CA ASN A 13 -5.10 -11.72 15.34
C ASN A 13 -4.09 -10.90 14.53
N ARG A 14 -4.18 -11.05 13.22
CA ARG A 14 -3.28 -10.33 12.33
C ARG A 14 -4.02 -9.91 11.06
N ALA A 15 -3.70 -8.72 10.59
CA ALA A 15 -4.32 -8.19 9.38
C ALA A 15 -3.52 -6.99 8.88
N LEU A 16 -3.08 -7.09 7.63
CA LEU A 16 -2.31 -6.02 7.02
C LEU A 16 -3.26 -5.03 6.34
N PRO A 17 -2.75 -3.78 6.16
CA PRO A 17 -3.54 -2.74 5.52
C PRO A 17 -3.62 -2.96 4.02
N VAL A 18 -4.70 -2.44 3.43
CA VAL A 18 -4.91 -2.58 2.00
C VAL A 18 -4.45 -1.29 1.30
N LEU A 19 -3.36 -1.42 0.56
CA LEU A 19 -2.81 -0.29 -0.16
C LEU A 19 -3.34 -0.29 -1.60
N THR A 20 -4.16 0.70 -1.90
CA THR A 20 -4.74 0.81 -3.22
C THR A 20 -3.73 1.43 -4.19
N LEU A 21 -3.34 0.63 -5.18
CA LEU A 21 -2.39 1.08 -6.17
C LEU A 21 -3.09 1.22 -7.52
N PHE A 22 -3.02 2.43 -8.07
CA PHE A 22 -3.64 2.71 -9.35
C PHE A 22 -2.59 2.95 -10.44
N THR A 23 -2.50 2.00 -11.35
CA THR A 23 -1.53 2.09 -12.44
C THR A 23 -2.26 2.04 -13.79
N LYS A 24 -1.59 2.57 -14.80
CA LYS A 24 -2.14 2.59 -16.14
C LYS A 24 -1.02 2.45 -17.17
N ALA A 25 -1.11 1.39 -17.96
CA ALA A 25 -0.11 1.13 -18.98
C ALA A 25 -0.49 1.88 -20.26
N PRO A 26 0.55 2.48 -20.90
CA PRO A 26 1.89 2.41 -20.38
C PRO A 26 2.07 3.32 -19.16
N CYS A 27 3.14 3.09 -18.43
CA CYS A 27 3.43 3.89 -17.26
C CYS A 27 4.84 3.53 -16.76
N PRO A 28 5.78 4.49 -16.98
CA PRO A 28 7.16 4.28 -16.56
C PRO A 28 7.30 4.42 -15.05
N LEU A 29 6.40 5.21 -14.47
CA LEU A 29 6.42 5.44 -13.03
C LEU A 29 5.64 4.32 -12.34
N CYS A 30 4.35 4.29 -12.59
CA CYS A 30 3.49 3.28 -12.00
C CYS A 30 4.20 1.93 -12.09
N ASP A 31 5.03 1.80 -13.10
CA ASP A 31 5.78 0.57 -13.31
C ASP A 31 6.87 0.45 -12.24
N GLU A 32 7.64 1.52 -12.09
CA GLU A 32 8.71 1.55 -11.11
C GLU A 32 8.12 1.55 -9.69
N ALA A 33 7.09 2.35 -9.51
CA ALA A 33 6.44 2.45 -8.22
C ALA A 33 6.32 1.06 -7.60
N LYS A 34 5.63 0.19 -8.33
CA LYS A 34 5.44 -1.18 -7.86
C LYS A 34 6.78 -1.75 -7.37
N GLU A 35 7.79 -1.61 -8.23
CA GLU A 35 9.12 -2.10 -7.90
C GLU A 35 9.58 -1.50 -6.58
N VAL A 36 9.03 -0.34 -6.25
CA VAL A 36 9.39 0.35 -5.02
C VAL A 36 8.59 -0.25 -3.86
N LEU A 37 7.51 -0.93 -4.22
CA LEU A 37 6.65 -1.55 -3.23
C LEU A 37 6.96 -3.05 -3.15
N GLN A 38 7.91 -3.46 -3.98
CA GLN A 38 8.32 -4.86 -4.00
C GLN A 38 8.61 -5.35 -2.59
N PRO A 39 9.48 -4.58 -1.88
CA PRO A 39 9.85 -4.93 -0.52
C PRO A 39 8.72 -4.62 0.46
N TYR A 40 7.64 -4.10 -0.09
CA TYR A 40 6.48 -3.75 0.72
C TYR A 40 5.25 -4.57 0.30
N LYS A 41 5.51 -5.60 -0.50
CA LYS A 41 4.44 -6.45 -0.98
C LYS A 41 3.88 -7.27 0.19
N ASP A 42 4.78 -7.90 0.91
CA ASP A 42 4.40 -8.72 2.05
C ASP A 42 4.08 -7.81 3.24
N ARG A 43 4.36 -6.53 3.05
CA ARG A 43 4.11 -5.55 4.09
C ARG A 43 2.62 -5.26 4.21
N PHE A 44 1.96 -5.27 3.06
CA PHE A 44 0.53 -5.01 3.02
C PHE A 44 -0.10 -5.63 1.76
N ILE A 45 -1.38 -5.36 1.59
CA ILE A 45 -2.11 -5.88 0.45
C ILE A 45 -2.15 -4.81 -0.65
N LEU A 46 -1.27 -4.96 -1.62
CA LEU A 46 -1.19 -4.02 -2.72
C LEU A 46 -2.36 -4.28 -3.68
N GLN A 47 -3.32 -3.38 -3.65
CA GLN A 47 -4.48 -3.50 -4.52
C GLN A 47 -4.27 -2.72 -5.81
N GLU A 48 -3.87 -3.43 -6.85
CA GLU A 48 -3.62 -2.82 -8.14
C GLU A 48 -4.95 -2.59 -8.88
N VAL A 49 -5.35 -1.33 -8.92
CA VAL A 49 -6.59 -0.97 -9.58
C VAL A 49 -6.29 -0.55 -11.01
N ASP A 50 -7.20 -0.92 -11.91
CA ASP A 50 -7.05 -0.60 -13.32
C ASP A 50 -7.95 0.58 -13.67
N ILE A 51 -7.34 1.75 -13.78
CA ILE A 51 -8.08 2.96 -14.12
C ILE A 51 -8.33 2.99 -15.62
N THR A 52 -7.57 2.19 -16.35
CA THR A 52 -7.70 2.11 -17.79
C THR A 52 -9.03 1.45 -18.17
N LEU A 53 -9.72 0.94 -17.16
CA LEU A 53 -10.99 0.28 -17.37
C LEU A 53 -12.09 1.33 -17.46
N PRO A 54 -13.23 0.91 -18.06
CA PRO A 54 -14.37 1.80 -18.22
C PRO A 54 -15.11 2.00 -16.89
N GLU A 55 -15.23 0.90 -16.15
CA GLU A 55 -15.89 0.93 -14.86
C GLU A 55 -15.01 1.61 -13.82
N ASN A 56 -13.75 1.80 -14.19
CA ASN A 56 -12.80 2.44 -13.29
C ASN A 56 -12.39 3.79 -13.87
N SER A 57 -13.06 4.16 -14.95
CA SER A 57 -12.77 5.43 -15.61
C SER A 57 -12.79 6.57 -14.59
N THR A 58 -13.46 6.31 -13.47
CA THR A 58 -13.56 7.30 -12.41
C THR A 58 -12.24 7.43 -11.67
N TRP A 59 -11.58 6.29 -11.50
CA TRP A 59 -10.30 6.26 -10.81
C TRP A 59 -9.26 6.94 -11.70
N TYR A 60 -9.65 7.14 -12.95
CA TYR A 60 -8.76 7.79 -13.91
C TYR A 60 -9.04 9.29 -13.99
N GLU A 61 -10.27 9.63 -14.30
CA GLU A 61 -10.68 11.02 -14.41
C GLU A 61 -10.26 11.79 -13.15
N ARG A 62 -10.03 11.03 -12.08
CA ARG A 62 -9.64 11.63 -10.82
C ARG A 62 -8.12 11.57 -10.66
N TYR A 63 -7.54 10.52 -11.22
CA TYR A 63 -6.10 10.33 -11.14
C TYR A 63 -5.53 9.88 -12.49
N LYS A 64 -5.55 10.81 -13.44
CA LYS A 64 -5.05 10.53 -14.77
C LYS A 64 -3.69 11.21 -14.96
N PHE A 65 -3.40 12.13 -14.04
CA PHE A 65 -2.15 12.87 -14.09
C PHE A 65 -1.57 13.05 -12.69
N ASP A 66 -2.13 12.32 -11.74
CA ASP A 66 -1.68 12.39 -10.36
C ASP A 66 -1.28 11.00 -9.90
N ILE A 67 -0.86 10.18 -10.84
CA ILE A 67 -0.45 8.82 -10.54
C ILE A 67 1.07 8.73 -10.57
N PRO A 68 1.61 7.63 -9.97
CA PRO A 68 0.75 6.62 -9.37
C PRO A 68 0.18 7.11 -8.04
N VAL A 69 -0.98 6.59 -7.70
CA VAL A 69 -1.65 6.96 -6.46
C VAL A 69 -1.56 5.80 -5.47
N PHE A 70 -1.51 6.15 -4.20
CA PHE A 70 -1.42 5.15 -3.15
C PHE A 70 -2.34 5.50 -1.97
N HIS A 71 -3.29 4.62 -1.73
CA HIS A 71 -4.25 4.82 -0.66
C HIS A 71 -4.02 3.77 0.43
N LEU A 72 -3.69 4.26 1.63
CA LEU A 72 -3.45 3.37 2.75
C LEU A 72 -4.63 3.44 3.71
N ASN A 73 -5.31 2.31 3.84
CA ASN A 73 -6.46 2.22 4.72
C ASN A 73 -7.61 3.02 4.12
N GLY A 74 -7.62 3.09 2.79
CA GLY A 74 -8.66 3.82 2.08
C GLY A 74 -8.49 5.33 2.28
N GLN A 75 -7.24 5.76 2.29
CA GLN A 75 -6.94 7.17 2.47
C GLN A 75 -5.65 7.53 1.73
N PHE A 76 -5.79 8.39 0.73
CA PHE A 76 -4.65 8.82 -0.05
C PHE A 76 -3.40 8.96 0.82
N LEU A 77 -2.52 7.98 0.69
CA LEU A 77 -1.28 7.98 1.46
C LEU A 77 -0.25 8.86 0.76
N MET A 78 -0.20 8.73 -0.56
CA MET A 78 0.74 9.51 -1.35
C MET A 78 0.56 9.22 -2.84
N MET A 79 0.86 10.22 -3.65
CA MET A 79 0.74 10.10 -5.09
C MET A 79 1.84 10.87 -5.81
N HIS A 80 2.06 10.50 -7.06
CA HIS A 80 3.08 11.17 -7.86
C HIS A 80 4.43 10.49 -7.64
N ARG A 81 4.38 9.35 -6.97
CA ARG A 81 5.59 8.58 -6.69
C ARG A 81 5.36 7.65 -5.50
N VAL A 82 6.45 7.07 -5.03
CA VAL A 82 6.38 6.16 -3.89
C VAL A 82 7.42 6.59 -2.84
N ASN A 83 6.98 7.48 -1.96
CA ASN A 83 7.85 7.98 -0.92
C ASN A 83 7.85 6.98 0.25
N THR A 84 8.61 5.91 0.07
CA THR A 84 8.71 4.89 1.09
C THR A 84 8.69 5.51 2.49
N SER A 85 9.54 6.50 2.67
CA SER A 85 9.63 7.19 3.94
C SER A 85 8.23 7.40 4.52
N LYS A 86 7.35 7.93 3.68
CA LYS A 86 5.98 8.19 4.09
C LYS A 86 5.28 6.86 4.37
N LEU A 87 5.26 6.01 3.35
CA LEU A 87 4.63 4.71 3.48
C LEU A 87 5.08 4.04 4.78
N GLU A 88 6.37 3.76 4.85
CA GLU A 88 6.94 3.13 6.03
C GLU A 88 6.38 3.79 7.29
N LYS A 89 6.54 5.11 7.37
CA LYS A 89 6.07 5.86 8.51
C LYS A 89 4.62 5.45 8.82
N GLN A 90 3.81 5.41 7.76
CA GLN A 90 2.42 5.03 7.91
C GLN A 90 2.31 3.59 8.44
N LEU A 91 2.90 2.68 7.67
CA LEU A 91 2.87 1.28 8.05
C LEU A 91 3.03 1.15 9.56
N ARG A 92 4.15 1.66 10.06
CA ARG A 92 4.43 1.61 11.48
C ARG A 92 3.15 1.85 12.28
N LYS A 93 2.56 3.00 12.04
CA LYS A 93 1.33 3.36 12.74
C LYS A 93 0.14 3.24 11.78
N LEU A 94 -0.46 2.06 11.78
CA LEU A 94 -1.60 1.80 10.91
C LEU A 94 -2.27 0.49 11.34
N SER A 95 -1.49 -0.57 11.29
CA SER A 95 -1.99 -1.89 11.65
C SER A 95 -0.83 -2.79 12.08
N GLY A 96 -0.51 -2.71 13.36
CA GLY A 96 0.58 -3.51 13.91
C GLY A 96 0.23 -4.01 15.32
N PRO A 97 1.29 -4.08 16.18
CA PRO A 97 1.11 -4.54 17.55
C PRO A 97 0.44 -3.46 18.40
N SER A 98 -0.20 -3.92 19.46
CA SER A 98 -0.89 -3.00 20.36
C SER A 98 -0.53 -3.34 21.82
N SER A 99 -0.78 -4.58 22.18
CA SER A 99 -0.48 -5.04 23.53
C SER A 99 -0.16 -6.53 23.52
N GLY A 100 0.90 -6.88 24.23
CA GLY A 100 1.32 -8.27 24.31
C GLY A 100 2.81 -8.41 23.97
N GLY A 1 33.67 -15.80 34.21
CA GLY A 1 34.28 -14.58 33.72
C GLY A 1 33.83 -14.28 32.29
N SER A 2 32.75 -13.52 32.19
CA SER A 2 32.20 -13.15 30.90
C SER A 2 31.16 -12.04 31.06
N SER A 3 31.05 -11.23 30.02
CA SER A 3 30.10 -10.13 30.03
C SER A 3 28.67 -10.67 30.09
N GLY A 4 27.73 -9.75 30.31
CA GLY A 4 26.32 -10.12 30.40
C GLY A 4 25.43 -9.01 29.86
N SER A 5 24.24 -9.40 29.43
CA SER A 5 23.28 -8.45 28.90
C SER A 5 21.97 -9.16 28.55
N SER A 6 20.87 -8.49 28.85
CA SER A 6 19.56 -9.04 28.59
C SER A 6 18.78 -8.11 27.66
N GLY A 7 18.31 -8.66 26.56
CA GLY A 7 17.55 -7.90 25.58
C GLY A 7 16.58 -8.79 24.81
N ASN A 8 15.35 -8.30 24.69
CA ASN A 8 14.31 -9.05 23.99
C ASN A 8 13.10 -8.16 23.79
N LEU A 9 12.93 -7.71 22.56
CA LEU A 9 11.81 -6.84 22.22
C LEU A 9 10.55 -7.70 22.04
N SER A 10 9.41 -7.10 22.38
CA SER A 10 8.14 -7.79 22.25
C SER A 10 7.22 -7.02 21.31
N ALA A 11 6.45 -7.78 20.54
CA ALA A 11 5.52 -7.18 19.59
C ALA A 11 4.68 -8.28 18.94
N SER A 12 3.55 -7.88 18.40
CA SER A 12 2.65 -8.82 17.75
C SER A 12 1.57 -8.06 16.98
N ASN A 13 1.58 -8.28 15.66
CA ASN A 13 0.61 -7.62 14.79
C ASN A 13 -0.24 -8.69 14.10
N ARG A 14 -1.35 -8.24 13.53
CA ARG A 14 -2.26 -9.14 12.84
C ARG A 14 -2.97 -8.39 11.70
N ALA A 15 -3.08 -9.08 10.58
CA ALA A 15 -3.74 -8.49 9.41
C ALA A 15 -2.93 -7.28 8.94
N LEU A 16 -2.82 -7.18 7.62
CA LEU A 16 -2.08 -6.07 7.03
C LEU A 16 -3.06 -5.12 6.34
N PRO A 17 -2.60 -3.85 6.16
CA PRO A 17 -3.43 -2.84 5.53
C PRO A 17 -3.50 -3.05 4.02
N VAL A 18 -4.56 -2.51 3.43
CA VAL A 18 -4.75 -2.64 1.99
C VAL A 18 -4.30 -1.35 1.30
N LEU A 19 -3.23 -1.47 0.54
CA LEU A 19 -2.68 -0.32 -0.18
C LEU A 19 -3.22 -0.33 -1.60
N THR A 20 -4.03 0.68 -1.90
CA THR A 20 -4.62 0.80 -3.23
C THR A 20 -3.61 1.42 -4.20
N LEU A 21 -3.29 0.65 -5.22
CA LEU A 21 -2.33 1.10 -6.22
C LEU A 21 -3.05 1.28 -7.56
N PHE A 22 -2.95 2.48 -8.10
CA PHE A 22 -3.59 2.79 -9.37
C PHE A 22 -2.55 3.01 -10.46
N THR A 23 -2.45 2.04 -11.36
CA THR A 23 -1.50 2.12 -12.45
C THR A 23 -2.23 2.08 -13.79
N LYS A 24 -1.53 2.53 -14.83
CA LYS A 24 -2.11 2.55 -16.16
C LYS A 24 -0.97 2.45 -17.19
N ALA A 25 -1.05 1.40 -18.00
CA ALA A 25 -0.04 1.18 -19.03
C ALA A 25 -0.43 1.95 -20.29
N PRO A 26 0.60 2.59 -20.90
CA PRO A 26 1.95 2.53 -20.38
C PRO A 26 2.10 3.42 -19.14
N CYS A 27 3.16 3.16 -18.40
CA CYS A 27 3.44 3.92 -17.20
C CYS A 27 4.82 3.52 -16.67
N PRO A 28 5.78 4.48 -16.79
CA PRO A 28 7.14 4.25 -16.35
C PRO A 28 7.22 4.30 -14.82
N LEU A 29 6.47 5.23 -14.25
CA LEU A 29 6.46 5.40 -12.81
C LEU A 29 5.66 4.27 -12.17
N CYS A 30 4.36 4.25 -12.46
CA CYS A 30 3.48 3.23 -11.93
C CYS A 30 4.21 1.89 -11.99
N ASP A 31 5.08 1.77 -12.99
CA ASP A 31 5.85 0.55 -13.17
C ASP A 31 6.91 0.45 -12.08
N GLU A 32 7.70 1.51 -11.97
CA GLU A 32 8.76 1.54 -10.97
C GLU A 32 8.16 1.54 -9.56
N ALA A 33 7.08 2.29 -9.41
CA ALA A 33 6.41 2.38 -8.12
C ALA A 33 6.31 0.97 -7.51
N LYS A 34 5.64 0.09 -8.25
CA LYS A 34 5.48 -1.28 -7.79
C LYS A 34 6.81 -1.81 -7.27
N GLU A 35 7.83 -1.65 -8.10
CA GLU A 35 9.16 -2.10 -7.73
C GLU A 35 9.59 -1.51 -6.39
N VAL A 36 9.06 -0.32 -6.11
CA VAL A 36 9.37 0.37 -4.88
C VAL A 36 8.54 -0.23 -3.73
N LEU A 37 7.50 -0.95 -4.13
CA LEU A 37 6.62 -1.57 -3.15
C LEU A 37 6.93 -3.07 -3.08
N GLN A 38 7.80 -3.51 -3.99
CA GLN A 38 8.19 -4.91 -4.04
C GLN A 38 8.53 -5.41 -2.64
N PRO A 39 9.41 -4.64 -1.95
CA PRO A 39 9.83 -5.00 -0.60
C PRO A 39 8.73 -4.71 0.42
N TYR A 40 7.60 -4.24 -0.10
CA TYR A 40 6.46 -3.91 0.74
C TYR A 40 5.23 -4.71 0.33
N LYS A 41 5.44 -5.64 -0.60
CA LYS A 41 4.36 -6.48 -1.08
C LYS A 41 3.78 -7.28 0.10
N ASP A 42 4.68 -7.77 0.93
CA ASP A 42 4.27 -8.56 2.09
C ASP A 42 3.96 -7.61 3.25
N ARG A 43 4.38 -6.37 3.10
CA ARG A 43 4.15 -5.37 4.13
C ARG A 43 2.67 -4.99 4.18
N PHE A 44 1.98 -5.29 3.09
CA PHE A 44 0.56 -5.00 3.00
C PHE A 44 -0.05 -5.59 1.73
N ILE A 45 -1.36 -5.41 1.59
CA ILE A 45 -2.06 -5.92 0.42
C ILE A 45 -2.13 -4.82 -0.64
N LEU A 46 -1.24 -4.94 -1.62
CA LEU A 46 -1.19 -3.98 -2.70
C LEU A 46 -2.35 -4.24 -3.67
N GLN A 47 -3.32 -3.33 -3.65
CA GLN A 47 -4.48 -3.46 -4.51
C GLN A 47 -4.26 -2.67 -5.81
N GLU A 48 -3.85 -3.39 -6.84
CA GLU A 48 -3.61 -2.77 -8.13
C GLU A 48 -4.93 -2.56 -8.88
N VAL A 49 -5.34 -1.30 -8.94
CA VAL A 49 -6.58 -0.95 -9.61
C VAL A 49 -6.26 -0.55 -11.06
N ASP A 50 -7.16 -0.93 -11.95
CA ASP A 50 -7.00 -0.61 -13.36
C ASP A 50 -7.93 0.54 -13.73
N ILE A 51 -7.35 1.72 -13.85
CA ILE A 51 -8.11 2.91 -14.20
C ILE A 51 -8.40 2.90 -15.69
N THR A 52 -7.55 2.19 -16.42
CA THR A 52 -7.71 2.08 -17.86
C THR A 52 -9.06 1.45 -18.21
N LEU A 53 -9.69 0.87 -17.20
CA LEU A 53 -10.98 0.23 -17.38
C LEU A 53 -12.05 1.30 -17.51
N PRO A 54 -13.15 0.93 -18.23
CA PRO A 54 -14.26 1.84 -18.43
C PRO A 54 -15.10 1.99 -17.16
N GLU A 55 -15.16 0.90 -16.40
CA GLU A 55 -15.92 0.90 -15.17
C GLU A 55 -15.15 1.64 -14.08
N ASN A 56 -13.90 1.93 -14.36
CA ASN A 56 -13.06 2.63 -13.42
C ASN A 56 -12.69 4.00 -13.99
N SER A 57 -13.32 4.33 -15.11
CA SER A 57 -13.08 5.60 -15.77
C SER A 57 -12.93 6.71 -14.72
N THR A 58 -13.78 6.64 -13.71
CA THR A 58 -13.76 7.62 -12.64
C THR A 58 -12.38 7.68 -11.99
N TRP A 59 -11.91 6.51 -11.58
CA TRP A 59 -10.61 6.42 -10.94
C TRP A 59 -9.61 7.20 -11.80
N TYR A 60 -9.77 7.07 -13.10
CA TYR A 60 -8.89 7.76 -14.04
C TYR A 60 -9.25 9.24 -14.14
N GLU A 61 -10.53 9.49 -14.35
CA GLU A 61 -11.02 10.85 -14.47
C GLU A 61 -10.65 11.66 -13.23
N ARG A 62 -10.28 10.94 -12.18
CA ARG A 62 -9.89 11.58 -10.93
C ARG A 62 -8.38 11.50 -10.74
N TYR A 63 -7.79 10.47 -11.32
CA TYR A 63 -6.37 10.26 -11.23
C TYR A 63 -5.77 9.84 -12.57
N LYS A 64 -5.67 10.82 -13.47
CA LYS A 64 -5.13 10.56 -14.79
C LYS A 64 -3.77 11.25 -14.92
N PHE A 65 -3.54 12.21 -14.03
CA PHE A 65 -2.28 12.95 -14.04
C PHE A 65 -1.72 13.07 -12.62
N ASP A 66 -2.32 12.33 -11.71
CA ASP A 66 -1.89 12.36 -10.32
C ASP A 66 -1.47 10.95 -9.90
N ILE A 67 -0.99 10.19 -10.88
CA ILE A 67 -0.55 8.83 -10.62
C ILE A 67 0.97 8.76 -10.71
N PRO A 68 1.53 7.67 -10.12
CA PRO A 68 0.71 6.65 -9.49
C PRO A 68 0.19 7.15 -8.13
N VAL A 69 -0.98 6.66 -7.77
CA VAL A 69 -1.60 7.04 -6.51
C VAL A 69 -1.51 5.86 -5.54
N PHE A 70 -1.50 6.20 -4.25
CA PHE A 70 -1.42 5.18 -3.21
C PHE A 70 -2.36 5.51 -2.05
N HIS A 71 -3.24 4.57 -1.75
CA HIS A 71 -4.19 4.75 -0.67
C HIS A 71 -3.91 3.73 0.44
N LEU A 72 -3.59 4.24 1.61
CA LEU A 72 -3.29 3.39 2.75
C LEU A 72 -4.48 3.42 3.71
N ASN A 73 -5.15 2.28 3.80
CA ASN A 73 -6.30 2.17 4.68
C ASN A 73 -7.49 2.94 4.08
N GLY A 74 -7.49 3.02 2.76
CA GLY A 74 -8.54 3.72 2.05
C GLY A 74 -8.42 5.24 2.24
N GLN A 75 -7.18 5.70 2.19
CA GLN A 75 -6.91 7.13 2.36
C GLN A 75 -5.63 7.51 1.61
N PHE A 76 -5.79 8.43 0.67
CA PHE A 76 -4.66 8.88 -0.13
C PHE A 76 -3.42 9.05 0.74
N LEU A 77 -2.52 8.07 0.62
CA LEU A 77 -1.28 8.09 1.40
C LEU A 77 -0.26 8.97 0.68
N MET A 78 -0.20 8.80 -0.64
CA MET A 78 0.73 9.56 -1.45
C MET A 78 0.55 9.25 -2.94
N MET A 79 0.83 10.25 -3.76
CA MET A 79 0.70 10.09 -5.20
C MET A 79 1.78 10.88 -5.94
N HIS A 80 2.04 10.46 -7.17
CA HIS A 80 3.05 11.12 -7.99
C HIS A 80 4.42 10.48 -7.72
N ARG A 81 4.39 9.38 -7.00
CA ARG A 81 5.61 8.67 -6.67
C ARG A 81 5.37 7.70 -5.51
N VAL A 82 6.47 7.15 -5.00
CA VAL A 82 6.39 6.22 -3.89
C VAL A 82 7.37 6.64 -2.80
N ASN A 83 6.92 7.57 -1.96
CA ASN A 83 7.75 8.06 -0.89
C ASN A 83 7.82 7.02 0.22
N THR A 84 8.63 6.00 -0.01
CA THR A 84 8.79 4.93 0.96
C THR A 84 8.78 5.49 2.38
N SER A 85 9.64 6.47 2.61
CA SER A 85 9.74 7.10 3.91
C SER A 85 8.34 7.28 4.51
N LYS A 86 7.47 7.92 3.72
CA LYS A 86 6.11 8.16 4.15
C LYS A 86 5.42 6.82 4.41
N LEU A 87 5.32 6.03 3.36
CA LEU A 87 4.67 4.73 3.45
C LEU A 87 5.07 4.07 4.78
N GLU A 88 6.35 3.71 4.86
CA GLU A 88 6.87 3.07 6.05
C GLU A 88 6.34 3.77 7.30
N LYS A 89 6.54 5.07 7.35
CA LYS A 89 6.08 5.85 8.48
C LYS A 89 4.66 5.42 8.87
N GLN A 90 3.82 5.32 7.86
CA GLN A 90 2.43 4.91 8.07
C GLN A 90 2.39 3.46 8.55
N LEU A 91 3.04 2.59 7.78
CA LEU A 91 3.07 1.19 8.11
C LEU A 91 3.17 1.02 9.63
N ARG A 92 4.24 1.56 10.18
CA ARG A 92 4.46 1.49 11.62
C ARG A 92 3.15 1.71 12.37
N LYS A 93 2.60 2.90 12.20
CA LYS A 93 1.36 3.25 12.85
C LYS A 93 0.19 3.06 11.87
N LEU A 94 -0.35 1.86 11.88
CA LEU A 94 -1.47 1.54 10.99
C LEU A 94 -2.19 0.29 11.52
N SER A 95 -1.47 -0.82 11.50
CA SER A 95 -2.02 -2.07 11.96
C SER A 95 -3.23 -2.46 11.10
N GLY A 96 -3.45 -3.77 11.02
CA GLY A 96 -4.56 -4.28 10.23
C GLY A 96 -5.88 -3.59 10.61
N PRO A 97 -6.98 -4.05 9.97
CA PRO A 97 -8.29 -3.49 10.23
C PRO A 97 -8.83 -3.96 11.59
N SER A 98 -8.07 -3.64 12.63
CA SER A 98 -8.47 -4.03 13.97
C SER A 98 -7.89 -3.04 14.99
N SER A 99 -8.52 -1.88 15.08
CA SER A 99 -8.08 -0.85 16.00
C SER A 99 -9.29 -0.09 16.56
N GLY A 100 -10.05 0.50 15.64
CA GLY A 100 -11.22 1.26 16.02
C GLY A 100 -12.43 0.33 16.20
N GLY A 1 17.49 -22.91 47.25
CA GLY A 1 16.26 -22.65 46.51
C GLY A 1 16.44 -21.48 45.55
N SER A 2 15.98 -21.70 44.33
CA SER A 2 16.08 -20.67 43.30
C SER A 2 15.47 -21.17 41.99
N SER A 3 14.38 -20.54 41.59
CA SER A 3 13.70 -20.91 40.37
C SER A 3 12.80 -19.77 39.90
N GLY A 4 12.76 -19.59 38.59
CA GLY A 4 11.93 -18.55 38.00
C GLY A 4 12.67 -17.84 36.86
N SER A 5 11.92 -17.55 35.80
CA SER A 5 12.49 -16.88 34.65
C SER A 5 11.37 -16.45 33.69
N SER A 6 11.28 -15.15 33.49
CA SER A 6 10.26 -14.60 32.61
C SER A 6 10.83 -13.39 31.85
N GLY A 7 10.31 -13.20 30.65
CA GLY A 7 10.76 -12.09 29.81
C GLY A 7 9.69 -11.72 28.78
N ASN A 8 10.08 -10.89 27.83
CA ASN A 8 9.18 -10.46 26.78
C ASN A 8 9.90 -9.46 25.87
N LEU A 9 9.60 -9.57 24.59
CA LEU A 9 10.22 -8.69 23.60
C LEU A 9 9.43 -8.78 22.29
N SER A 10 9.72 -7.84 21.40
CA SER A 10 9.06 -7.81 20.11
C SER A 10 7.54 -7.70 20.31
N ALA A 11 6.86 -7.38 19.22
CA ALA A 11 5.41 -7.24 19.26
C ALA A 11 4.78 -8.19 18.23
N SER A 12 3.52 -8.52 18.47
CA SER A 12 2.80 -9.42 17.59
C SER A 12 1.80 -8.61 16.75
N ASN A 13 1.92 -8.75 15.44
CA ASN A 13 1.03 -8.05 14.52
C ASN A 13 0.06 -9.06 13.90
N ARG A 14 -1.02 -8.53 13.35
CA ARG A 14 -2.02 -9.36 12.71
C ARG A 14 -2.86 -8.53 11.73
N ALA A 15 -3.06 -9.11 10.55
CA ALA A 15 -3.84 -8.44 9.52
C ALA A 15 -3.05 -7.23 9.01
N LEU A 16 -2.82 -7.22 7.70
CA LEU A 16 -2.09 -6.13 7.08
C LEU A 16 -3.07 -5.17 6.42
N PRO A 17 -2.61 -3.91 6.23
CA PRO A 17 -3.44 -2.88 5.60
C PRO A 17 -3.55 -3.11 4.09
N VAL A 18 -4.54 -2.46 3.50
CA VAL A 18 -4.76 -2.58 2.06
C VAL A 18 -4.31 -1.29 1.38
N LEU A 19 -3.27 -1.41 0.58
CA LEU A 19 -2.73 -0.27 -0.14
C LEU A 19 -3.24 -0.30 -1.59
N THR A 20 -4.09 0.67 -1.90
CA THR A 20 -4.65 0.77 -3.24
C THR A 20 -3.64 1.37 -4.20
N LEU A 21 -3.38 0.63 -5.27
CA LEU A 21 -2.42 1.07 -6.28
C LEU A 21 -3.14 1.25 -7.61
N PHE A 22 -3.06 2.46 -8.14
CA PHE A 22 -3.70 2.77 -9.40
C PHE A 22 -2.66 3.05 -10.49
N THR A 23 -2.50 2.07 -11.37
CA THR A 23 -1.54 2.19 -12.45
C THR A 23 -2.27 2.23 -13.80
N LYS A 24 -1.52 2.56 -14.84
CA LYS A 24 -2.08 2.63 -16.18
C LYS A 24 -0.94 2.54 -17.21
N ALA A 25 -1.03 1.52 -18.05
CA ALA A 25 -0.03 1.31 -19.09
C ALA A 25 -0.41 2.12 -20.33
N PRO A 26 0.63 2.74 -20.94
CA PRO A 26 1.99 2.64 -20.42
C PRO A 26 2.16 3.51 -19.17
N CYS A 27 3.24 3.24 -18.45
CA CYS A 27 3.53 3.98 -17.24
C CYS A 27 4.92 3.55 -16.73
N PRO A 28 5.90 4.46 -16.95
CA PRO A 28 7.27 4.19 -16.53
C PRO A 28 7.42 4.35 -15.02
N LEU A 29 6.53 5.14 -14.45
CA LEU A 29 6.54 5.40 -13.02
C LEU A 29 5.76 4.29 -12.31
N CYS A 30 4.46 4.27 -12.58
CA CYS A 30 3.59 3.27 -11.97
C CYS A 30 4.28 1.91 -12.04
N ASP A 31 4.98 1.70 -13.16
CA ASP A 31 5.70 0.45 -13.36
C ASP A 31 6.79 0.32 -12.30
N GLU A 32 7.52 1.40 -12.11
CA GLU A 32 8.60 1.41 -11.14
C GLU A 32 8.03 1.40 -9.71
N ALA A 33 7.04 2.25 -9.50
CA ALA A 33 6.40 2.36 -8.20
C ALA A 33 6.29 0.96 -7.58
N LYS A 34 5.62 0.09 -8.31
CA LYS A 34 5.43 -1.28 -7.85
C LYS A 34 6.76 -1.83 -7.35
N GLU A 35 7.78 -1.68 -8.19
CA GLU A 35 9.10 -2.16 -7.84
C GLU A 35 9.56 -1.56 -6.51
N VAL A 36 9.03 -0.39 -6.20
CA VAL A 36 9.36 0.30 -4.97
C VAL A 36 8.55 -0.30 -3.83
N LEU A 37 7.49 -1.00 -4.19
CA LEU A 37 6.62 -1.64 -3.22
C LEU A 37 6.93 -3.12 -3.16
N GLN A 38 8.07 -3.49 -3.73
CA GLN A 38 8.48 -4.88 -3.75
C GLN A 38 8.77 -5.36 -2.32
N PRO A 39 9.60 -4.57 -1.60
CA PRO A 39 9.95 -4.91 -0.23
C PRO A 39 8.79 -4.62 0.72
N TYR A 40 7.68 -4.18 0.14
CA TYR A 40 6.50 -3.86 0.93
C TYR A 40 5.29 -4.68 0.45
N LYS A 41 5.54 -5.51 -0.56
CA LYS A 41 4.50 -6.35 -1.11
C LYS A 41 3.89 -7.22 0.00
N ASP A 42 4.73 -7.53 0.98
CA ASP A 42 4.30 -8.35 2.10
C ASP A 42 3.87 -7.44 3.25
N ARG A 43 4.32 -6.20 3.17
CA ARG A 43 4.00 -5.22 4.20
C ARG A 43 2.51 -4.88 4.16
N PHE A 44 1.86 -5.33 3.09
CA PHE A 44 0.44 -5.09 2.92
C PHE A 44 -0.07 -5.68 1.61
N ILE A 45 -1.38 -5.60 1.43
CA ILE A 45 -2.00 -6.13 0.22
C ILE A 45 -2.10 -5.02 -0.83
N LEU A 46 -1.15 -5.05 -1.76
CA LEU A 46 -1.12 -4.05 -2.82
C LEU A 46 -2.27 -4.32 -3.79
N GLN A 47 -3.23 -3.40 -3.78
CA GLN A 47 -4.39 -3.52 -4.66
C GLN A 47 -4.14 -2.76 -5.96
N GLU A 48 -3.84 -3.54 -7.00
CA GLU A 48 -3.59 -2.96 -8.32
C GLU A 48 -4.91 -2.70 -9.05
N VAL A 49 -5.32 -1.44 -9.02
CA VAL A 49 -6.56 -1.04 -9.67
C VAL A 49 -6.24 -0.54 -11.08
N ASP A 50 -7.07 -0.95 -12.02
CA ASP A 50 -6.90 -0.55 -13.40
C ASP A 50 -7.82 0.62 -13.71
N ILE A 51 -7.22 1.81 -13.75
CA ILE A 51 -7.97 3.02 -14.03
C ILE A 51 -8.25 3.11 -15.54
N THR A 52 -7.45 2.37 -16.29
CA THR A 52 -7.58 2.37 -17.73
C THR A 52 -8.93 1.74 -18.14
N LEU A 53 -9.60 1.16 -17.15
CA LEU A 53 -10.88 0.53 -17.39
C LEU A 53 -11.97 1.60 -17.42
N PRO A 54 -13.13 1.23 -18.02
CA PRO A 54 -14.25 2.15 -18.13
C PRO A 54 -14.96 2.28 -16.78
N GLU A 55 -15.14 1.15 -16.12
CA GLU A 55 -15.80 1.13 -14.83
C GLU A 55 -14.94 1.84 -13.77
N ASN A 56 -13.65 1.86 -14.03
CA ASN A 56 -12.71 2.50 -13.13
C ASN A 56 -12.33 3.87 -13.68
N SER A 57 -13.01 4.26 -14.74
CA SER A 57 -12.76 5.55 -15.37
C SER A 57 -12.77 6.65 -14.31
N THR A 58 -13.42 6.36 -13.21
CA THR A 58 -13.52 7.32 -12.11
C THR A 58 -12.15 7.49 -11.43
N TRP A 59 -11.53 6.35 -11.15
CA TRP A 59 -10.23 6.36 -10.50
C TRP A 59 -9.24 7.05 -11.44
N TYR A 60 -9.65 7.16 -12.70
CA TYR A 60 -8.81 7.79 -13.70
C TYR A 60 -9.10 9.29 -13.81
N GLU A 61 -10.36 9.59 -14.08
CA GLU A 61 -10.79 10.97 -14.21
C GLU A 61 -10.35 11.78 -12.99
N ARG A 62 -10.06 11.06 -11.91
CA ARG A 62 -9.63 11.70 -10.67
C ARG A 62 -8.10 11.68 -10.59
N TYR A 63 -7.52 10.60 -11.08
CA TYR A 63 -6.07 10.44 -11.05
C TYR A 63 -5.54 10.02 -12.42
N LYS A 64 -5.66 10.93 -13.37
CA LYS A 64 -5.19 10.66 -14.72
C LYS A 64 -3.84 11.32 -14.92
N PHE A 65 -3.50 12.22 -14.02
CA PHE A 65 -2.24 12.93 -14.09
C PHE A 65 -1.62 13.09 -12.70
N ASP A 66 -2.19 12.36 -11.74
CA ASP A 66 -1.70 12.41 -10.37
C ASP A 66 -1.31 11.00 -9.93
N ILE A 67 -0.79 10.24 -10.88
CA ILE A 67 -0.37 8.87 -10.61
C ILE A 67 1.15 8.79 -10.65
N PRO A 68 1.69 7.70 -10.06
CA PRO A 68 0.85 6.69 -9.45
C PRO A 68 0.30 7.19 -8.10
N VAL A 69 -0.88 6.69 -7.77
CA VAL A 69 -1.53 7.06 -6.52
C VAL A 69 -1.49 5.88 -5.55
N PHE A 70 -1.45 6.21 -4.27
CA PHE A 70 -1.41 5.19 -3.24
C PHE A 70 -2.34 5.55 -2.08
N HIS A 71 -3.33 4.69 -1.86
CA HIS A 71 -4.28 4.91 -0.80
C HIS A 71 -4.07 3.86 0.30
N LEU A 72 -3.77 4.35 1.50
CA LEU A 72 -3.54 3.47 2.63
C LEU A 72 -4.75 3.53 3.57
N ASN A 73 -5.38 2.38 3.72
CA ASN A 73 -6.55 2.28 4.58
C ASN A 73 -7.66 3.18 4.03
N GLY A 74 -7.99 2.95 2.77
CA GLY A 74 -9.03 3.72 2.11
C GLY A 74 -8.80 5.23 2.31
N GLN A 75 -7.55 5.62 2.21
CA GLN A 75 -7.19 7.02 2.39
C GLN A 75 -5.87 7.33 1.67
N PHE A 76 -5.95 8.26 0.73
CA PHE A 76 -4.78 8.65 -0.03
C PHE A 76 -3.55 8.78 0.87
N LEU A 77 -2.54 7.98 0.57
CA LEU A 77 -1.31 8.00 1.36
C LEU A 77 -0.28 8.89 0.66
N MET A 78 -0.18 8.70 -0.65
CA MET A 78 0.75 9.47 -1.45
C MET A 78 0.58 9.17 -2.94
N MET A 79 0.87 10.18 -3.75
CA MET A 79 0.75 10.05 -5.19
C MET A 79 1.86 10.82 -5.92
N HIS A 80 2.11 10.41 -7.15
CA HIS A 80 3.14 11.05 -7.95
C HIS A 80 4.48 10.38 -7.69
N ARG A 81 4.42 9.25 -6.98
CA ARG A 81 5.62 8.50 -6.67
C ARG A 81 5.37 7.57 -5.49
N VAL A 82 6.45 7.00 -4.96
CA VAL A 82 6.35 6.10 -3.84
C VAL A 82 7.35 6.53 -2.76
N ASN A 83 6.94 7.52 -1.99
CA ASN A 83 7.79 8.04 -0.92
C ASN A 83 7.79 7.03 0.24
N THR A 84 8.57 5.99 0.06
CA THR A 84 8.67 4.96 1.08
C THR A 84 8.66 5.59 2.47
N SER A 85 9.53 6.56 2.65
CA SER A 85 9.62 7.26 3.94
C SER A 85 8.23 7.46 4.52
N LYS A 86 7.32 7.94 3.68
CA LYS A 86 5.95 8.18 4.11
C LYS A 86 5.27 6.84 4.39
N LEU A 87 5.22 6.02 3.36
CA LEU A 87 4.59 4.71 3.48
C LEU A 87 4.99 4.07 4.81
N GLU A 88 6.28 3.77 4.92
CA GLU A 88 6.81 3.16 6.12
C GLU A 88 6.28 3.89 7.36
N LYS A 89 6.46 5.20 7.36
CA LYS A 89 6.00 6.03 8.46
C LYS A 89 4.55 5.70 8.77
N GLN A 90 3.78 5.47 7.72
CA GLN A 90 2.38 5.14 7.87
C GLN A 90 2.22 3.71 8.41
N LEU A 91 2.82 2.77 7.69
CA LEU A 91 2.75 1.38 8.08
C LEU A 91 2.88 1.27 9.60
N ARG A 92 4.02 1.73 10.09
CA ARG A 92 4.29 1.70 11.52
C ARG A 92 3.02 2.03 12.30
N LYS A 93 2.53 3.24 12.08
CA LYS A 93 1.32 3.70 12.77
C LYS A 93 0.13 3.59 11.81
N LEU A 94 -0.63 2.52 11.98
CA LEU A 94 -1.80 2.29 11.14
C LEU A 94 -2.60 1.11 11.71
N SER A 95 -2.00 -0.07 11.65
CA SER A 95 -2.64 -1.27 12.15
C SER A 95 -4.12 -1.27 11.75
N GLY A 96 -4.36 -1.66 10.51
CA GLY A 96 -5.73 -1.71 10.00
C GLY A 96 -6.63 -2.52 10.93
N PRO A 97 -7.90 -2.04 11.07
CA PRO A 97 -8.86 -2.71 11.92
C PRO A 97 -9.38 -3.99 11.25
N SER A 98 -8.54 -5.01 11.26
CA SER A 98 -8.92 -6.29 10.66
C SER A 98 -9.57 -6.05 9.30
N SER A 99 -8.74 -6.02 8.27
CA SER A 99 -9.23 -5.81 6.92
C SER A 99 -9.84 -4.41 6.80
N GLY A 100 -8.97 -3.44 6.56
CA GLY A 100 -9.40 -2.06 6.43
C GLY A 100 -9.02 -1.50 5.06
N GLY A 1 -1.19 -17.82 33.35
CA GLY A 1 -2.19 -18.79 32.95
C GLY A 1 -2.98 -18.31 31.73
N SER A 2 -2.81 -19.02 30.63
CA SER A 2 -3.49 -18.67 29.39
C SER A 2 -3.67 -19.92 28.53
N SER A 3 -4.69 -20.69 28.87
CA SER A 3 -5.00 -21.90 28.14
C SER A 3 -5.76 -21.57 26.86
N GLY A 4 -5.00 -21.35 25.79
CA GLY A 4 -5.59 -21.03 24.50
C GLY A 4 -5.10 -19.67 24.00
N SER A 5 -3.97 -19.70 23.30
CA SER A 5 -3.39 -18.49 22.77
C SER A 5 -2.83 -18.76 21.36
N SER A 6 -3.55 -18.30 20.37
CA SER A 6 -3.14 -18.47 18.98
C SER A 6 -4.10 -17.74 18.05
N GLY A 7 -3.54 -17.23 16.96
CA GLY A 7 -4.34 -16.51 15.98
C GLY A 7 -3.53 -16.24 14.71
N ASN A 8 -3.23 -17.32 13.99
CA ASN A 8 -2.47 -17.22 12.76
C ASN A 8 -1.14 -16.50 13.05
N LEU A 9 -0.09 -17.30 13.10
CA LEU A 9 1.23 -16.76 13.36
C LEU A 9 1.30 -16.24 14.80
N SER A 10 0.58 -15.16 15.04
CA SER A 10 0.55 -14.56 16.36
C SER A 10 1.93 -14.01 16.72
N ALA A 11 2.11 -12.72 16.47
CA ALA A 11 3.37 -12.07 16.77
C ALA A 11 3.27 -10.59 16.42
N SER A 12 2.64 -9.83 17.32
CA SER A 12 2.48 -8.40 17.11
C SER A 12 1.59 -8.16 15.88
N ASN A 13 2.20 -8.30 14.71
CA ASN A 13 1.49 -8.10 13.46
C ASN A 13 0.09 -8.70 13.57
N ARG A 14 -0.87 -8.02 12.97
CA ARG A 14 -2.25 -8.49 12.99
C ARG A 14 -3.05 -7.83 11.87
N ALA A 15 -3.22 -8.57 10.78
CA ALA A 15 -3.97 -8.07 9.64
C ALA A 15 -3.23 -6.87 9.05
N LEU A 16 -2.84 -7.02 7.79
CA LEU A 16 -2.14 -5.94 7.10
C LEU A 16 -3.15 -5.02 6.42
N PRO A 17 -2.69 -3.77 6.16
CA PRO A 17 -3.55 -2.78 5.52
C PRO A 17 -3.70 -3.08 4.02
N VAL A 18 -4.63 -2.36 3.41
CA VAL A 18 -4.88 -2.53 1.99
C VAL A 18 -4.43 -1.27 1.24
N LEU A 19 -3.36 -1.42 0.48
CA LEU A 19 -2.82 -0.32 -0.29
C LEU A 19 -3.40 -0.35 -1.70
N THR A 20 -4.25 0.62 -1.98
CA THR A 20 -4.87 0.71 -3.29
C THR A 20 -3.92 1.37 -4.29
N LEU A 21 -3.30 0.54 -5.10
CA LEU A 21 -2.37 1.02 -6.11
C LEU A 21 -3.11 1.23 -7.43
N PHE A 22 -3.12 2.48 -7.88
CA PHE A 22 -3.79 2.82 -9.12
C PHE A 22 -2.77 3.08 -10.24
N THR A 23 -2.61 2.07 -11.09
CA THR A 23 -1.68 2.17 -12.20
C THR A 23 -2.43 2.06 -13.53
N LYS A 24 -1.68 2.27 -14.61
CA LYS A 24 -2.25 2.20 -15.94
C LYS A 24 -1.18 1.77 -16.93
N ALA A 25 -1.54 1.80 -18.21
CA ALA A 25 -0.62 1.41 -19.26
C ALA A 25 -0.83 2.32 -20.47
N PRO A 26 0.30 2.87 -20.99
CA PRO A 26 1.59 2.58 -20.41
C PRO A 26 1.79 3.35 -19.10
N CYS A 27 2.80 2.94 -18.35
CA CYS A 27 3.10 3.56 -17.07
C CYS A 27 4.60 3.39 -16.78
N PRO A 28 5.37 4.47 -17.10
CA PRO A 28 6.80 4.44 -16.88
C PRO A 28 7.14 4.58 -15.39
N LEU A 29 6.29 5.31 -14.69
CA LEU A 29 6.47 5.53 -13.27
C LEU A 29 5.95 4.32 -12.49
N CYS A 30 4.64 4.13 -12.58
CA CYS A 30 4.00 3.01 -11.90
C CYS A 30 4.89 1.78 -12.06
N ASP A 31 5.40 1.60 -13.27
CA ASP A 31 6.27 0.47 -13.57
C ASP A 31 7.34 0.37 -12.47
N GLU A 32 7.98 1.49 -12.20
CA GLU A 32 9.02 1.54 -11.20
C GLU A 32 8.41 1.52 -9.80
N ALA A 33 7.42 2.38 -9.61
CA ALA A 33 6.74 2.47 -8.32
C ALA A 33 6.59 1.06 -7.73
N LYS A 34 5.92 0.21 -8.48
CA LYS A 34 5.71 -1.16 -8.04
C LYS A 34 7.02 -1.74 -7.50
N GLU A 35 8.06 -1.61 -8.32
CA GLU A 35 9.38 -2.11 -7.95
C GLU A 35 9.80 -1.53 -6.60
N VAL A 36 9.27 -0.35 -6.30
CA VAL A 36 9.58 0.31 -5.06
C VAL A 36 8.75 -0.30 -3.93
N LEU A 37 7.69 -1.00 -4.33
CA LEU A 37 6.82 -1.64 -3.37
C LEU A 37 7.15 -3.13 -3.29
N GLN A 38 8.30 -3.48 -3.84
CA GLN A 38 8.75 -4.86 -3.83
C GLN A 38 8.96 -5.35 -2.41
N PRO A 39 9.73 -4.53 -1.63
CA PRO A 39 10.02 -4.87 -0.25
C PRO A 39 8.80 -4.61 0.64
N TYR A 40 7.77 -4.06 0.03
CA TYR A 40 6.55 -3.76 0.74
C TYR A 40 5.36 -4.54 0.17
N LYS A 41 5.69 -5.54 -0.63
CA LYS A 41 4.67 -6.37 -1.25
C LYS A 41 4.00 -7.24 -0.17
N ASP A 42 4.79 -7.58 0.84
CA ASP A 42 4.29 -8.40 1.93
C ASP A 42 3.94 -7.50 3.12
N ARG A 43 4.43 -6.27 3.04
CA ARG A 43 4.17 -5.30 4.10
C ARG A 43 2.68 -4.97 4.17
N PHE A 44 1.99 -5.21 3.06
CA PHE A 44 0.57 -4.94 2.99
C PHE A 44 -0.04 -5.57 1.73
N ILE A 45 -1.34 -5.36 1.57
CA ILE A 45 -2.05 -5.89 0.41
C ILE A 45 -2.11 -4.83 -0.67
N LEU A 46 -1.22 -4.95 -1.64
CA LEU A 46 -1.17 -4.01 -2.75
C LEU A 46 -2.32 -4.30 -3.71
N GLN A 47 -3.31 -3.43 -3.66
CA GLN A 47 -4.47 -3.58 -4.52
C GLN A 47 -4.29 -2.76 -5.80
N GLU A 48 -3.88 -3.45 -6.86
CA GLU A 48 -3.66 -2.81 -8.14
C GLU A 48 -4.99 -2.59 -8.86
N VAL A 49 -5.46 -1.35 -8.79
CA VAL A 49 -6.72 -0.99 -9.42
C VAL A 49 -6.46 -0.54 -10.85
N ASP A 50 -7.33 -0.97 -11.75
CA ASP A 50 -7.21 -0.62 -13.16
C ASP A 50 -8.09 0.58 -13.46
N ILE A 51 -7.45 1.74 -13.57
CA ILE A 51 -8.16 2.97 -13.86
C ILE A 51 -8.38 3.09 -15.37
N THR A 52 -7.70 2.22 -16.10
CA THR A 52 -7.81 2.22 -17.55
C THR A 52 -9.14 1.59 -17.99
N LEU A 53 -9.86 1.07 -17.00
CA LEU A 53 -11.14 0.44 -17.27
C LEU A 53 -12.22 1.52 -17.32
N PRO A 54 -13.36 1.15 -17.97
CA PRO A 54 -14.48 2.07 -18.11
C PRO A 54 -15.24 2.21 -16.78
N GLU A 55 -15.34 1.09 -16.07
CA GLU A 55 -16.02 1.08 -14.79
C GLU A 55 -15.19 1.79 -13.73
N ASN A 56 -13.89 1.87 -14.00
CA ASN A 56 -12.98 2.51 -13.07
C ASN A 56 -12.55 3.87 -13.64
N SER A 57 -13.09 4.17 -14.82
CA SER A 57 -12.78 5.42 -15.48
C SER A 57 -12.83 6.57 -14.48
N THR A 58 -13.64 6.38 -13.44
CA THR A 58 -13.80 7.39 -12.42
C THR A 58 -12.47 7.59 -11.67
N TRP A 59 -11.85 6.48 -11.32
CA TRP A 59 -10.58 6.51 -10.60
C TRP A 59 -9.56 7.22 -11.49
N TYR A 60 -9.79 7.13 -12.79
CA TYR A 60 -8.90 7.75 -13.76
C TYR A 60 -9.26 9.23 -13.95
N GLU A 61 -10.52 9.47 -14.27
CA GLU A 61 -10.99 10.82 -14.48
C GLU A 61 -10.59 11.72 -13.31
N ARG A 62 -10.31 11.08 -12.19
CA ARG A 62 -9.90 11.80 -10.99
C ARG A 62 -8.39 11.74 -10.82
N TYR A 63 -7.82 10.62 -11.24
CA TYR A 63 -6.38 10.43 -11.14
C TYR A 63 -5.81 9.85 -12.43
N LYS A 64 -5.72 10.71 -13.43
CA LYS A 64 -5.19 10.30 -14.72
C LYS A 64 -3.86 11.00 -14.98
N PHE A 65 -3.53 11.93 -14.09
CA PHE A 65 -2.29 12.67 -14.20
C PHE A 65 -1.60 12.79 -12.85
N ASP A 66 -2.08 12.00 -11.90
CA ASP A 66 -1.51 11.99 -10.57
C ASP A 66 -0.81 10.65 -10.32
N ILE A 67 -1.49 9.59 -10.72
CA ILE A 67 -0.95 8.25 -10.54
C ILE A 67 0.56 8.29 -10.74
N PRO A 68 1.25 7.30 -10.12
CA PRO A 68 0.57 6.29 -9.33
C PRO A 68 0.11 6.86 -7.98
N VAL A 69 -1.16 6.62 -7.68
CA VAL A 69 -1.73 7.10 -6.43
C VAL A 69 -1.84 5.95 -5.44
N PHE A 70 -1.22 6.14 -4.28
CA PHE A 70 -1.23 5.13 -3.24
C PHE A 70 -2.19 5.52 -2.11
N HIS A 71 -3.15 4.63 -1.86
CA HIS A 71 -4.12 4.87 -0.82
C HIS A 71 -3.96 3.81 0.28
N LEU A 72 -3.70 4.30 1.49
CA LEU A 72 -3.52 3.41 2.63
C LEU A 72 -4.71 3.56 3.57
N ASN A 73 -5.44 2.46 3.73
CA ASN A 73 -6.61 2.44 4.59
C ASN A 73 -7.67 3.38 4.02
N GLY A 74 -7.88 3.26 2.71
CA GLY A 74 -8.86 4.08 2.03
C GLY A 74 -8.59 5.57 2.26
N GLN A 75 -7.31 5.89 2.41
CA GLN A 75 -6.90 7.27 2.65
C GLN A 75 -5.60 7.57 1.90
N PHE A 76 -5.73 8.42 0.89
CA PHE A 76 -4.57 8.80 0.09
C PHE A 76 -3.32 8.91 0.96
N LEU A 77 -2.41 7.95 0.76
CA LEU A 77 -1.18 7.91 1.51
C LEU A 77 -0.14 8.80 0.81
N MET A 78 -0.08 8.65 -0.50
CA MET A 78 0.86 9.43 -1.30
C MET A 78 0.73 9.11 -2.78
N MET A 79 1.07 10.09 -3.61
CA MET A 79 0.99 9.92 -5.04
C MET A 79 2.05 10.75 -5.76
N HIS A 80 2.32 10.38 -7.00
CA HIS A 80 3.31 11.07 -7.80
C HIS A 80 4.70 10.49 -7.52
N ARG A 81 4.70 9.38 -6.81
CA ARG A 81 5.96 8.70 -6.48
C ARG A 81 5.73 7.70 -5.34
N VAL A 82 6.82 7.11 -4.90
CA VAL A 82 6.77 6.14 -3.82
C VAL A 82 7.79 6.52 -2.74
N ASN A 83 7.40 7.48 -1.92
CA ASN A 83 8.26 7.94 -0.84
C ASN A 83 8.17 6.97 0.33
N THR A 84 8.93 5.89 0.22
CA THR A 84 8.94 4.88 1.27
C THR A 84 8.85 5.54 2.65
N SER A 85 9.78 6.45 2.89
CA SER A 85 9.81 7.15 4.17
C SER A 85 8.39 7.42 4.66
N LYS A 86 7.52 7.74 3.72
CA LYS A 86 6.13 8.02 4.03
C LYS A 86 5.40 6.69 4.30
N LEU A 87 5.38 5.86 3.28
CA LEU A 87 4.72 4.56 3.39
C LEU A 87 5.07 3.93 4.74
N GLU A 88 6.34 3.64 4.90
CA GLU A 88 6.81 3.03 6.14
C GLU A 88 6.17 3.72 7.35
N LYS A 89 6.38 5.03 7.42
CA LYS A 89 5.83 5.82 8.52
C LYS A 89 4.37 5.41 8.75
N GLN A 90 3.59 5.51 7.68
CA GLN A 90 2.18 5.16 7.75
C GLN A 90 2.01 3.74 8.33
N LEU A 91 2.65 2.79 7.66
CA LEU A 91 2.58 1.41 8.09
C LEU A 91 2.60 1.35 9.62
N ARG A 92 3.70 1.84 10.18
CA ARG A 92 3.86 1.86 11.62
C ARG A 92 2.53 2.18 12.31
N LYS A 93 2.02 3.37 12.01
CA LYS A 93 0.76 3.80 12.58
C LYS A 93 -0.38 3.52 11.59
N LEU A 94 -0.85 2.30 11.61
CA LEU A 94 -1.93 1.89 10.72
C LEU A 94 -2.57 0.60 11.25
N SER A 95 -1.76 -0.44 11.30
CA SER A 95 -2.23 -1.73 11.79
C SER A 95 -3.12 -1.54 13.02
N GLY A 96 -4.17 -2.34 13.07
CA GLY A 96 -5.10 -2.27 14.20
C GLY A 96 -6.03 -3.48 14.22
N PRO A 97 -6.57 -3.76 15.43
CA PRO A 97 -7.46 -4.90 15.60
C PRO A 97 -8.84 -4.60 15.02
N SER A 98 -9.32 -3.40 15.30
CA SER A 98 -10.62 -2.98 14.81
C SER A 98 -10.78 -1.46 14.98
N SER A 99 -11.10 -0.81 13.88
CA SER A 99 -11.28 0.63 13.88
C SER A 99 -11.73 1.11 12.50
N GLY A 100 -12.25 2.33 12.47
CA GLY A 100 -12.72 2.92 11.23
C GLY A 100 -11.57 3.58 10.47
N GLY A 1 6.05 -19.08 52.87
CA GLY A 1 5.72 -18.05 53.85
C GLY A 1 5.04 -16.85 53.18
N SER A 2 5.85 -15.85 52.89
CA SER A 2 5.34 -14.64 52.26
C SER A 2 5.24 -14.86 50.74
N SER A 3 4.23 -14.23 50.15
CA SER A 3 4.02 -14.34 48.72
C SER A 3 4.61 -13.13 48.00
N GLY A 4 4.83 -13.29 46.71
CA GLY A 4 5.38 -12.21 45.90
C GLY A 4 4.48 -11.90 44.70
N SER A 5 4.92 -10.92 43.92
CA SER A 5 4.16 -10.52 42.74
C SER A 5 5.12 -10.16 41.60
N SER A 6 4.58 -10.18 40.40
CA SER A 6 5.37 -9.86 39.23
C SER A 6 4.47 -9.33 38.11
N GLY A 7 5.10 -8.73 37.11
CA GLY A 7 4.36 -8.18 35.98
C GLY A 7 4.86 -8.78 34.66
N ASN A 8 4.06 -8.58 33.63
CA ASN A 8 4.39 -9.09 32.31
C ASN A 8 3.60 -8.32 31.25
N LEU A 9 4.24 -8.12 30.11
CA LEU A 9 3.62 -7.41 29.01
C LEU A 9 3.42 -8.36 27.83
N SER A 10 2.72 -7.86 26.82
CA SER A 10 2.46 -8.65 25.63
C SER A 10 1.77 -7.79 24.56
N ALA A 11 2.30 -7.87 23.36
CA ALA A 11 1.76 -7.11 22.24
C ALA A 11 1.77 -7.97 20.98
N SER A 12 0.68 -7.92 20.25
CA SER A 12 0.54 -8.68 19.02
C SER A 12 -0.18 -7.85 17.96
N ASN A 13 -0.11 -8.34 16.73
CA ASN A 13 -0.75 -7.66 15.62
C ASN A 13 -0.96 -8.65 14.47
N ARG A 14 -2.12 -8.52 13.84
CA ARG A 14 -2.46 -9.40 12.73
C ARG A 14 -3.22 -8.62 11.65
N ALA A 15 -3.38 -9.26 10.50
CA ALA A 15 -4.07 -8.65 9.39
C ALA A 15 -3.28 -7.42 8.92
N LEU A 16 -2.93 -7.44 7.65
CA LEU A 16 -2.17 -6.35 7.06
C LEU A 16 -3.14 -5.35 6.42
N PRO A 17 -2.65 -4.09 6.28
CA PRO A 17 -3.46 -3.03 5.70
C PRO A 17 -3.56 -3.20 4.18
N VAL A 18 -4.55 -2.54 3.61
CA VAL A 18 -4.77 -2.60 2.17
C VAL A 18 -4.29 -1.30 1.53
N LEU A 19 -3.36 -1.44 0.59
CA LEU A 19 -2.81 -0.28 -0.10
C LEU A 19 -3.30 -0.28 -1.55
N THR A 20 -4.09 0.73 -1.86
CA THR A 20 -4.64 0.86 -3.21
C THR A 20 -3.59 1.43 -4.15
N LEU A 21 -3.38 0.71 -5.25
CA LEU A 21 -2.41 1.13 -6.25
C LEU A 21 -3.11 1.31 -7.59
N PHE A 22 -2.98 2.52 -8.14
CA PHE A 22 -3.59 2.84 -9.41
C PHE A 22 -2.54 3.03 -10.50
N THR A 23 -2.42 2.01 -11.35
CA THR A 23 -1.45 2.05 -12.43
C THR A 23 -2.16 1.95 -13.78
N LYS A 24 -1.53 2.54 -14.79
CA LYS A 24 -2.09 2.53 -16.12
C LYS A 24 -0.96 2.44 -17.14
N ALA A 25 -1.00 1.38 -17.94
CA ALA A 25 0.02 1.15 -18.95
C ALA A 25 -0.38 1.90 -20.23
N PRO A 26 0.65 2.54 -20.86
CA PRO A 26 2.00 2.49 -20.32
C PRO A 26 2.13 3.40 -19.10
N CYS A 27 3.20 3.18 -18.35
CA CYS A 27 3.47 3.96 -17.16
C CYS A 27 4.86 3.62 -16.65
N PRO A 28 5.78 4.61 -16.76
CA PRO A 28 7.15 4.42 -16.31
C PRO A 28 7.24 4.46 -14.79
N LEU A 29 6.37 5.27 -14.19
CA LEU A 29 6.34 5.40 -12.75
C LEU A 29 5.53 4.25 -12.15
N CYS A 30 4.24 4.29 -12.41
CA CYS A 30 3.34 3.25 -11.90
C CYS A 30 4.04 1.90 -12.04
N ASP A 31 4.90 1.82 -13.04
CA ASP A 31 5.64 0.59 -13.30
C ASP A 31 6.73 0.43 -12.23
N GLU A 32 7.58 1.43 -12.15
CA GLU A 32 8.67 1.42 -11.18
C GLU A 32 8.11 1.40 -9.75
N ALA A 33 7.12 2.26 -9.54
CA ALA A 33 6.48 2.36 -8.23
C ALA A 33 6.35 0.96 -7.63
N LYS A 34 5.62 0.10 -8.35
CA LYS A 34 5.41 -1.26 -7.90
C LYS A 34 6.74 -1.84 -7.41
N GLU A 35 7.74 -1.74 -8.27
CA GLU A 35 9.06 -2.25 -7.94
C GLU A 35 9.54 -1.68 -6.61
N VAL A 36 9.06 -0.48 -6.31
CA VAL A 36 9.44 0.19 -5.07
C VAL A 36 8.63 -0.41 -3.92
N LEU A 37 7.53 -1.05 -4.27
CA LEU A 37 6.67 -1.68 -3.28
C LEU A 37 6.97 -3.16 -3.20
N GLN A 38 8.14 -3.53 -3.71
CA GLN A 38 8.56 -4.92 -3.71
C GLN A 38 8.82 -5.39 -2.28
N PRO A 39 9.63 -4.59 -1.54
CA PRO A 39 9.96 -4.92 -0.16
C PRO A 39 8.78 -4.62 0.77
N TYR A 40 7.70 -4.13 0.16
CA TYR A 40 6.51 -3.80 0.91
C TYR A 40 5.30 -4.59 0.41
N LYS A 41 5.59 -5.52 -0.49
CA LYS A 41 4.54 -6.36 -1.07
C LYS A 41 3.91 -7.20 0.04
N ASP A 42 4.75 -7.61 0.98
CA ASP A 42 4.29 -8.43 2.09
C ASP A 42 3.87 -7.51 3.25
N ARG A 43 4.33 -6.28 3.18
CA ARG A 43 4.01 -5.30 4.21
C ARG A 43 2.52 -4.98 4.20
N PHE A 44 1.87 -5.37 3.11
CA PHE A 44 0.45 -5.15 2.96
C PHE A 44 -0.06 -5.73 1.64
N ILE A 45 -1.38 -5.64 1.46
CA ILE A 45 -2.00 -6.15 0.25
C ILE A 45 -2.10 -5.02 -0.78
N LEU A 46 -1.16 -5.05 -1.72
CA LEU A 46 -1.13 -4.03 -2.76
C LEU A 46 -2.29 -4.28 -3.73
N GLN A 47 -3.23 -3.35 -3.73
CA GLN A 47 -4.39 -3.45 -4.60
C GLN A 47 -4.13 -2.72 -5.92
N GLU A 48 -3.84 -3.50 -6.95
CA GLU A 48 -3.57 -2.94 -8.26
C GLU A 48 -4.89 -2.68 -9.01
N VAL A 49 -5.31 -1.43 -8.99
CA VAL A 49 -6.53 -1.04 -9.65
C VAL A 49 -6.21 -0.61 -11.09
N ASP A 50 -7.13 -0.93 -11.98
CA ASP A 50 -6.97 -0.58 -13.38
C ASP A 50 -7.89 0.59 -13.74
N ILE A 51 -7.28 1.77 -13.83
CA ILE A 51 -8.04 2.97 -14.15
C ILE A 51 -8.32 3.00 -15.65
N THR A 52 -7.47 2.30 -16.39
CA THR A 52 -7.63 2.25 -17.83
C THR A 52 -8.98 1.63 -18.21
N LEU A 53 -9.59 1.00 -17.21
CA LEU A 53 -10.88 0.36 -17.41
C LEU A 53 -11.97 1.44 -17.48
N PRO A 54 -13.13 1.04 -18.09
CA PRO A 54 -14.25 1.96 -18.22
C PRO A 54 -14.98 2.13 -16.89
N GLU A 55 -15.24 1.01 -16.24
CA GLU A 55 -15.92 1.03 -14.95
C GLU A 55 -15.12 1.84 -13.94
N ASN A 56 -13.82 1.93 -14.19
CA ASN A 56 -12.93 2.66 -13.30
C ASN A 56 -12.58 4.00 -13.95
N SER A 57 -13.24 4.28 -15.05
CA SER A 57 -13.01 5.53 -15.77
C SER A 57 -12.90 6.69 -14.79
N THR A 58 -13.63 6.55 -13.69
CA THR A 58 -13.63 7.58 -12.67
C THR A 58 -12.26 7.65 -11.98
N TRP A 59 -11.79 6.49 -11.55
CA TRP A 59 -10.49 6.40 -10.88
C TRP A 59 -9.47 7.16 -11.74
N TYR A 60 -9.70 7.12 -13.03
CA TYR A 60 -8.81 7.80 -13.97
C TYR A 60 -9.15 9.28 -14.07
N GLU A 61 -10.43 9.55 -14.32
CA GLU A 61 -10.90 10.91 -14.45
C GLU A 61 -10.49 11.74 -13.23
N ARG A 62 -10.15 11.03 -12.16
CA ARG A 62 -9.74 11.67 -10.92
C ARG A 62 -8.22 11.59 -10.77
N TYR A 63 -7.66 10.51 -11.29
CA TYR A 63 -6.22 10.30 -11.21
C TYR A 63 -5.66 9.85 -12.55
N LYS A 64 -5.57 10.80 -13.48
CA LYS A 64 -5.06 10.52 -14.81
C LYS A 64 -3.70 11.20 -14.97
N PHE A 65 -3.40 12.11 -14.06
CA PHE A 65 -2.15 12.83 -14.10
C PHE A 65 -1.57 12.99 -12.69
N ASP A 66 -2.17 12.27 -11.75
CA ASP A 66 -1.71 12.32 -10.37
C ASP A 66 -1.31 10.92 -9.92
N ILE A 67 -0.83 10.13 -10.87
CA ILE A 67 -0.41 8.77 -10.58
C ILE A 67 1.12 8.69 -10.65
N PRO A 68 1.66 7.59 -10.06
CA PRO A 68 0.81 6.60 -9.42
C PRO A 68 0.28 7.11 -8.07
N VAL A 69 -0.89 6.62 -7.71
CA VAL A 69 -1.52 7.02 -6.46
C VAL A 69 -1.47 5.85 -5.48
N PHE A 70 -1.45 6.18 -4.20
CA PHE A 70 -1.40 5.17 -3.16
C PHE A 70 -2.34 5.53 -2.01
N HIS A 71 -3.26 4.62 -1.72
CA HIS A 71 -4.21 4.83 -0.64
C HIS A 71 -3.98 3.81 0.46
N LEU A 72 -3.72 4.32 1.66
CA LEU A 72 -3.48 3.46 2.80
C LEU A 72 -4.70 3.51 3.74
N ASN A 73 -5.36 2.37 3.84
CA ASN A 73 -6.54 2.26 4.69
C ASN A 73 -7.65 3.14 4.12
N GLY A 74 -7.96 2.90 2.85
CA GLY A 74 -9.01 3.66 2.18
C GLY A 74 -8.80 5.16 2.37
N GLN A 75 -7.54 5.58 2.27
CA GLN A 75 -7.20 6.97 2.43
C GLN A 75 -5.87 7.28 1.71
N PHE A 76 -5.95 8.22 0.78
CA PHE A 76 -4.78 8.61 0.02
C PHE A 76 -3.56 8.77 0.94
N LEU A 77 -2.52 7.99 0.64
CA LEU A 77 -1.30 8.02 1.42
C LEU A 77 -0.28 8.91 0.71
N MET A 78 -0.20 8.73 -0.60
CA MET A 78 0.73 9.50 -1.41
C MET A 78 0.57 9.18 -2.89
N MET A 79 0.86 10.17 -3.71
CA MET A 79 0.76 10.01 -5.15
C MET A 79 1.86 10.78 -5.88
N HIS A 80 2.11 10.37 -7.11
CA HIS A 80 3.13 11.02 -7.92
C HIS A 80 4.49 10.36 -7.66
N ARG A 81 4.44 9.25 -6.94
CA ARG A 81 5.66 8.51 -6.61
C ARG A 81 5.41 7.59 -5.41
N VAL A 82 6.50 7.04 -4.91
CA VAL A 82 6.41 6.13 -3.78
C VAL A 82 7.38 6.60 -2.68
N ASN A 83 6.91 7.56 -1.90
CA ASN A 83 7.73 8.10 -0.81
C ASN A 83 7.80 7.08 0.32
N THR A 84 8.58 6.04 0.09
CA THR A 84 8.76 5.00 1.09
C THR A 84 8.74 5.60 2.50
N SER A 85 9.63 6.56 2.71
CA SER A 85 9.72 7.21 4.00
C SER A 85 8.32 7.42 4.59
N LYS A 86 7.44 7.93 3.76
CA LYS A 86 6.07 8.19 4.17
C LYS A 86 5.37 6.86 4.46
N LEU A 87 5.29 6.04 3.42
CA LEU A 87 4.66 4.73 3.55
C LEU A 87 5.08 4.09 4.87
N GLU A 88 6.37 3.77 4.95
CA GLU A 88 6.92 3.15 6.14
C GLU A 88 6.39 3.86 7.39
N LYS A 89 6.59 5.16 7.43
CA LYS A 89 6.14 5.95 8.56
C LYS A 89 4.70 5.59 8.90
N GLN A 90 3.91 5.42 7.86
CA GLN A 90 2.51 5.07 8.03
C GLN A 90 2.39 3.63 8.55
N LEU A 91 2.95 2.70 7.79
CA LEU A 91 2.90 1.30 8.17
C LEU A 91 3.07 1.18 9.68
N ARG A 92 4.18 1.72 10.17
CA ARG A 92 4.47 1.68 11.59
C ARG A 92 3.22 2.00 12.40
N LYS A 93 2.65 3.16 12.11
CA LYS A 93 1.45 3.61 12.80
C LYS A 93 0.27 3.55 11.84
N LEU A 94 -0.44 2.43 11.87
CA LEU A 94 -1.59 2.24 11.00
C LEU A 94 -2.33 0.98 11.42
N SER A 95 -1.63 -0.15 11.32
CA SER A 95 -2.21 -1.43 11.68
C SER A 95 -3.43 -1.73 10.80
N GLY A 96 -3.76 -3.00 10.71
CA GLY A 96 -4.89 -3.42 9.91
C GLY A 96 -6.18 -2.74 10.36
N PRO A 97 -7.33 -3.39 10.04
CA PRO A 97 -8.63 -2.84 10.41
C PRO A 97 -8.89 -3.06 11.91
N SER A 98 -8.60 -4.26 12.36
CA SER A 98 -8.81 -4.60 13.76
C SER A 98 -7.65 -4.07 14.61
N SER A 99 -7.89 -3.98 15.91
CA SER A 99 -6.88 -3.50 16.83
C SER A 99 -5.80 -4.56 17.04
N GLY A 100 -6.25 -5.72 17.48
CA GLY A 100 -5.33 -6.82 17.73
C GLY A 100 -6.08 -8.04 18.27
N GLY A 1 35.60 -11.36 25.21
CA GLY A 1 36.58 -11.64 26.23
C GLY A 1 35.93 -12.26 27.47
N SER A 2 35.48 -11.38 28.36
CA SER A 2 34.84 -11.81 29.58
C SER A 2 33.56 -11.00 29.81
N SER A 3 32.49 -11.45 29.18
CA SER A 3 31.21 -10.78 29.31
C SER A 3 30.16 -11.49 28.45
N GLY A 4 28.90 -11.15 28.71
CA GLY A 4 27.80 -11.74 27.96
C GLY A 4 26.59 -10.82 27.97
N SER A 5 26.20 -10.39 26.77
CA SER A 5 25.06 -9.51 26.62
C SER A 5 24.19 -9.98 25.46
N SER A 6 23.00 -9.40 25.38
CA SER A 6 22.06 -9.74 24.33
C SER A 6 20.76 -8.95 24.49
N GLY A 7 20.01 -8.87 23.40
CA GLY A 7 18.76 -8.15 23.41
C GLY A 7 17.66 -8.94 22.70
N ASN A 8 16.51 -8.30 22.55
CA ASN A 8 15.38 -8.93 21.89
C ASN A 8 14.29 -7.89 21.64
N LEU A 9 13.34 -8.26 20.79
CA LEU A 9 12.24 -7.37 20.46
C LEU A 9 11.06 -8.19 19.94
N SER A 10 9.88 -7.63 20.09
CA SER A 10 8.67 -8.29 19.64
C SER A 10 7.88 -7.37 18.71
N ALA A 11 7.10 -7.98 17.83
CA ALA A 11 6.28 -7.23 16.89
C ALA A 11 4.80 -7.47 17.20
N SER A 12 4.42 -8.73 17.13
CA SER A 12 3.04 -9.11 17.40
C SER A 12 2.09 -8.28 16.52
N ASN A 13 1.87 -8.77 15.31
CA ASN A 13 1.00 -8.08 14.38
C ASN A 13 0.03 -9.09 13.76
N ARG A 14 -1.11 -8.58 13.32
CA ARG A 14 -2.13 -9.42 12.71
C ARG A 14 -2.94 -8.62 11.69
N ALA A 15 -3.10 -9.22 10.51
CA ALA A 15 -3.86 -8.58 9.45
C ALA A 15 -3.07 -7.36 8.95
N LEU A 16 -2.80 -7.37 7.66
CA LEU A 16 -2.06 -6.27 7.04
C LEU A 16 -3.05 -5.29 6.42
N PRO A 17 -2.56 -4.03 6.24
CA PRO A 17 -3.40 -3.00 5.65
C PRO A 17 -3.53 -3.19 4.14
N VAL A 18 -4.51 -2.51 3.57
CA VAL A 18 -4.76 -2.59 2.14
C VAL A 18 -4.30 -1.29 1.47
N LEU A 19 -3.28 -1.41 0.64
CA LEU A 19 -2.75 -0.25 -0.07
C LEU A 19 -3.24 -0.28 -1.51
N THR A 20 -4.06 0.71 -1.85
CA THR A 20 -4.60 0.82 -3.18
C THR A 20 -3.56 1.38 -4.15
N LEU A 21 -3.33 0.64 -5.22
CA LEU A 21 -2.36 1.07 -6.22
C LEU A 21 -3.07 1.28 -7.56
N PHE A 22 -2.99 2.51 -8.05
CA PHE A 22 -3.62 2.85 -9.31
C PHE A 22 -2.56 3.09 -10.39
N THR A 23 -2.38 2.07 -11.24
CA THR A 23 -1.43 2.15 -12.32
C THR A 23 -2.13 2.17 -13.67
N LYS A 24 -1.35 2.38 -14.72
CA LYS A 24 -1.89 2.42 -16.06
C LYS A 24 -0.75 2.24 -17.07
N ALA A 25 -1.12 2.32 -18.34
CA ALA A 25 -0.15 2.18 -19.41
C ALA A 25 -0.63 2.94 -20.65
N PRO A 26 0.36 3.52 -21.38
CA PRO A 26 1.76 3.41 -20.99
C PRO A 26 2.05 4.31 -19.79
N CYS A 27 2.83 3.77 -18.85
CA CYS A 27 3.20 4.50 -17.66
C CYS A 27 4.35 3.77 -16.97
N PRO A 28 5.56 4.36 -17.07
CA PRO A 28 6.74 3.78 -16.47
C PRO A 28 6.74 3.97 -14.95
N LEU A 29 6.39 5.18 -14.54
CA LEU A 29 6.34 5.51 -13.13
C LEU A 29 5.60 4.39 -12.38
N CYS A 30 4.34 4.22 -12.72
CA CYS A 30 3.53 3.20 -12.10
C CYS A 30 4.36 1.92 -11.98
N ASP A 31 4.77 1.41 -13.13
CA ASP A 31 5.57 0.20 -13.17
C ASP A 31 6.67 0.29 -12.10
N GLU A 32 7.43 1.36 -12.16
CA GLU A 32 8.51 1.57 -11.21
C GLU A 32 7.97 1.56 -9.78
N ALA A 33 6.97 2.41 -9.55
CA ALA A 33 6.37 2.50 -8.24
C ALA A 33 6.30 1.11 -7.61
N LYS A 34 5.64 0.20 -8.32
CA LYS A 34 5.50 -1.16 -7.85
C LYS A 34 6.86 -1.67 -7.35
N GLU A 35 7.85 -1.50 -8.20
CA GLU A 35 9.20 -1.93 -7.87
C GLU A 35 9.65 -1.32 -6.53
N VAL A 36 9.05 -0.18 -6.22
CA VAL A 36 9.38 0.52 -4.99
C VAL A 36 8.57 -0.10 -3.84
N LEU A 37 7.52 -0.83 -4.22
CA LEU A 37 6.66 -1.47 -3.23
C LEU A 37 7.01 -2.95 -3.15
N GLN A 38 7.99 -3.34 -3.96
CA GLN A 38 8.42 -4.73 -3.99
C GLN A 38 8.70 -5.24 -2.58
N PRO A 39 9.54 -4.46 -1.85
CA PRO A 39 9.88 -4.81 -0.47
C PRO A 39 8.73 -4.53 0.48
N TYR A 40 7.64 -4.03 -0.10
CA TYR A 40 6.46 -3.71 0.70
C TYR A 40 5.25 -4.53 0.24
N LYS A 41 5.54 -5.55 -0.55
CA LYS A 41 4.49 -6.42 -1.06
C LYS A 41 3.93 -7.27 0.08
N ASP A 42 4.84 -7.83 0.87
CA ASP A 42 4.44 -8.66 1.99
C ASP A 42 4.08 -7.77 3.18
N ARG A 43 4.38 -6.48 3.02
CA ARG A 43 4.09 -5.52 4.06
C ARG A 43 2.59 -5.25 4.14
N PHE A 44 1.93 -5.39 3.00
CA PHE A 44 0.51 -5.17 2.92
C PHE A 44 -0.08 -5.76 1.63
N ILE A 45 -1.38 -5.60 1.47
CA ILE A 45 -2.06 -6.10 0.29
C ILE A 45 -2.14 -4.99 -0.76
N LEU A 46 -1.21 -5.04 -1.70
CA LEU A 46 -1.16 -4.06 -2.76
C LEU A 46 -2.32 -4.30 -3.73
N GLN A 47 -3.27 -3.37 -3.73
CA GLN A 47 -4.42 -3.47 -4.60
C GLN A 47 -4.16 -2.74 -5.92
N GLU A 48 -3.87 -3.53 -6.95
CA GLU A 48 -3.61 -2.97 -8.27
C GLU A 48 -4.91 -2.69 -9.00
N VAL A 49 -5.32 -1.43 -8.96
CA VAL A 49 -6.55 -1.03 -9.63
C VAL A 49 -6.22 -0.54 -11.05
N ASP A 50 -7.03 -1.01 -11.99
CA ASP A 50 -6.84 -0.62 -13.38
C ASP A 50 -7.75 0.55 -13.71
N ILE A 51 -7.14 1.73 -13.78
CA ILE A 51 -7.89 2.94 -14.08
C ILE A 51 -8.10 3.04 -15.60
N THR A 52 -7.28 2.28 -16.32
CA THR A 52 -7.37 2.27 -17.77
C THR A 52 -8.71 1.71 -18.23
N LEU A 53 -9.42 1.12 -17.27
CA LEU A 53 -10.71 0.53 -17.56
C LEU A 53 -11.78 1.64 -17.57
N PRO A 54 -12.92 1.33 -18.24
CA PRO A 54 -14.02 2.28 -18.33
C PRO A 54 -14.78 2.36 -17.00
N GLU A 55 -15.05 1.19 -16.45
CA GLU A 55 -15.78 1.12 -15.18
C GLU A 55 -14.96 1.78 -14.07
N ASN A 56 -13.66 1.86 -14.30
CA ASN A 56 -12.76 2.46 -13.33
C ASN A 56 -12.33 3.85 -13.82
N SER A 57 -12.85 4.21 -14.98
CA SER A 57 -12.53 5.50 -15.58
C SER A 57 -12.50 6.58 -14.49
N THR A 58 -13.54 6.57 -13.66
CA THR A 58 -13.65 7.54 -12.58
C THR A 58 -12.30 7.67 -11.86
N TRP A 59 -11.73 6.53 -11.52
CA TRP A 59 -10.45 6.52 -10.83
C TRP A 59 -9.45 7.29 -11.67
N TYR A 60 -9.55 7.10 -12.98
CA TYR A 60 -8.66 7.78 -13.91
C TYR A 60 -9.03 9.26 -14.05
N GLU A 61 -10.29 9.49 -14.35
CA GLU A 61 -10.78 10.85 -14.51
C GLU A 61 -10.39 11.71 -13.30
N ARG A 62 -10.18 11.03 -12.18
CA ARG A 62 -9.81 11.71 -10.95
C ARG A 62 -8.29 11.64 -10.76
N TYR A 63 -7.70 10.59 -11.30
CA TYR A 63 -6.26 10.40 -11.19
C TYR A 63 -5.67 9.93 -12.53
N LYS A 64 -5.61 10.86 -13.47
CA LYS A 64 -5.07 10.56 -14.78
C LYS A 64 -3.73 11.27 -14.96
N PHE A 65 -3.48 12.23 -14.06
CA PHE A 65 -2.25 12.99 -14.11
C PHE A 65 -1.58 13.03 -12.73
N ASP A 66 -2.16 12.28 -11.81
CA ASP A 66 -1.64 12.22 -10.45
C ASP A 66 -0.92 10.88 -10.24
N ILE A 67 -1.59 9.82 -10.67
CA ILE A 67 -1.03 8.49 -10.54
C ILE A 67 0.48 8.55 -10.74
N PRO A 68 1.19 7.55 -10.15
CA PRO A 68 0.51 6.50 -9.40
C PRO A 68 0.05 7.03 -8.04
N VAL A 69 -1.19 6.71 -7.70
CA VAL A 69 -1.77 7.14 -6.44
C VAL A 69 -1.80 5.95 -5.48
N PHE A 70 -1.42 6.23 -4.24
CA PHE A 70 -1.40 5.20 -3.21
C PHE A 70 -2.34 5.56 -2.05
N HIS A 71 -3.26 4.65 -1.78
CA HIS A 71 -4.22 4.87 -0.70
C HIS A 71 -4.01 3.82 0.39
N LEU A 72 -3.76 4.30 1.59
CA LEU A 72 -3.55 3.42 2.73
C LEU A 72 -4.74 3.50 3.67
N ASN A 73 -5.41 2.37 3.81
CA ASN A 73 -6.58 2.29 4.68
C ASN A 73 -7.67 3.22 4.14
N GLY A 74 -7.98 3.04 2.87
CA GLY A 74 -9.00 3.86 2.23
C GLY A 74 -8.75 5.34 2.47
N GLN A 75 -7.48 5.71 2.37
CA GLN A 75 -7.08 7.10 2.58
C GLN A 75 -5.79 7.40 1.83
N PHE A 76 -5.88 8.34 0.90
CA PHE A 76 -4.73 8.73 0.10
C PHE A 76 -3.49 8.85 0.98
N LEU A 77 -2.55 7.93 0.77
CA LEU A 77 -1.32 7.93 1.53
C LEU A 77 -0.30 8.83 0.84
N MET A 78 -0.22 8.68 -0.48
CA MET A 78 0.71 9.47 -1.26
C MET A 78 0.56 9.16 -2.76
N MET A 79 0.89 10.16 -3.57
CA MET A 79 0.80 10.01 -5.01
C MET A 79 1.86 10.86 -5.72
N HIS A 80 2.13 10.49 -6.96
CA HIS A 80 3.12 11.21 -7.76
C HIS A 80 4.50 10.61 -7.51
N ARG A 81 4.51 9.49 -6.80
CA ARG A 81 5.75 8.82 -6.49
C ARG A 81 5.54 7.81 -5.36
N VAL A 82 6.64 7.22 -4.91
CA VAL A 82 6.60 6.25 -3.84
C VAL A 82 7.64 6.60 -2.78
N ASN A 83 7.28 7.56 -1.94
CA ASN A 83 8.18 8.00 -0.89
C ASN A 83 8.09 7.03 0.30
N THR A 84 8.83 5.94 0.19
CA THR A 84 8.84 4.94 1.24
C THR A 84 8.77 5.59 2.61
N SER A 85 9.70 6.51 2.84
CA SER A 85 9.75 7.22 4.11
C SER A 85 8.33 7.48 4.62
N LYS A 86 7.46 7.84 3.69
CA LYS A 86 6.08 8.14 4.04
C LYS A 86 5.35 6.82 4.33
N LEU A 87 5.34 5.96 3.33
CA LEU A 87 4.68 4.66 3.48
C LEU A 87 5.12 4.01 4.79
N GLU A 88 6.42 3.78 4.89
CA GLU A 88 6.98 3.16 6.09
C GLU A 88 6.37 3.81 7.34
N LYS A 89 6.50 5.12 7.41
CA LYS A 89 5.98 5.86 8.54
C LYS A 89 4.54 5.41 8.83
N GLN A 90 3.74 5.42 7.77
CA GLN A 90 2.35 5.02 7.90
C GLN A 90 2.26 3.59 8.42
N LEU A 91 2.84 2.68 7.66
CA LEU A 91 2.83 1.27 8.03
C LEU A 91 3.02 1.15 9.55
N ARG A 92 4.13 1.68 10.02
CA ARG A 92 4.45 1.64 11.43
C ARG A 92 3.19 1.89 12.26
N LYS A 93 2.60 3.06 12.04
CA LYS A 93 1.39 3.43 12.75
C LYS A 93 0.19 3.28 11.83
N LEU A 94 -0.43 2.10 11.90
CA LEU A 94 -1.60 1.82 11.08
C LEU A 94 -2.22 0.49 11.53
N SER A 95 -1.44 -0.57 11.38
CA SER A 95 -1.90 -1.89 11.76
C SER A 95 -3.14 -2.27 10.95
N GLY A 96 -3.38 -3.57 10.86
CA GLY A 96 -4.52 -4.08 10.12
C GLY A 96 -5.84 -3.55 10.71
N PRO A 97 -6.95 -3.92 10.04
CA PRO A 97 -8.27 -3.49 10.49
C PRO A 97 -8.72 -4.27 11.72
N SER A 98 -8.39 -5.56 11.72
CA SER A 98 -8.75 -6.43 12.83
C SER A 98 -7.68 -6.35 13.91
N SER A 99 -7.79 -5.31 14.73
CA SER A 99 -6.85 -5.12 15.81
C SER A 99 -7.57 -5.12 17.16
N GLY A 100 -7.74 -6.32 17.69
CA GLY A 100 -8.42 -6.48 18.97
C GLY A 100 -7.47 -6.17 20.14
N GLY A 1 2.67 -41.05 21.43
CA GLY A 1 3.84 -41.53 20.72
C GLY A 1 5.00 -41.81 21.70
N SER A 2 5.73 -40.75 22.01
CA SER A 2 6.85 -40.86 22.92
C SER A 2 7.76 -39.64 22.80
N SER A 3 8.61 -39.67 21.77
CA SER A 3 9.52 -38.56 21.54
C SER A 3 8.78 -37.40 20.89
N GLY A 4 8.19 -37.67 19.74
CA GLY A 4 7.45 -36.66 19.01
C GLY A 4 8.15 -35.31 19.08
N SER A 5 7.48 -34.34 19.68
CA SER A 5 8.03 -33.00 19.81
C SER A 5 8.38 -32.44 18.42
N SER A 6 7.47 -31.64 17.91
CA SER A 6 7.66 -31.03 16.60
C SER A 6 6.66 -29.89 16.40
N GLY A 7 6.94 -29.07 15.40
CA GLY A 7 6.08 -27.95 15.09
C GLY A 7 6.81 -26.62 15.29
N ASN A 8 6.56 -25.70 14.37
CA ASN A 8 7.19 -24.38 14.43
C ASN A 8 6.28 -23.43 15.20
N LEU A 9 6.90 -22.63 16.05
CA LEU A 9 6.17 -21.66 16.85
C LEU A 9 5.10 -21.00 15.98
N SER A 10 3.85 -21.31 16.28
CA SER A 10 2.74 -20.74 15.55
C SER A 10 2.71 -19.22 15.71
N ALA A 11 1.89 -18.59 14.89
CA ALA A 11 1.77 -17.14 14.94
C ALA A 11 0.37 -16.76 15.45
N SER A 12 0.25 -15.52 15.89
CA SER A 12 -1.02 -15.03 16.40
C SER A 12 -1.74 -14.22 15.33
N ASN A 13 -3.01 -13.93 15.61
CA ASN A 13 -3.82 -13.16 14.68
C ASN A 13 -2.98 -12.01 14.10
N ARG A 14 -3.34 -11.61 12.90
CA ARG A 14 -2.63 -10.53 12.22
C ARG A 14 -3.29 -10.24 10.87
N ALA A 15 -3.33 -8.96 10.53
CA ALA A 15 -3.91 -8.53 9.27
C ALA A 15 -3.15 -7.32 8.74
N LEU A 16 -2.73 -7.42 7.49
CA LEU A 16 -1.99 -6.33 6.86
C LEU A 16 -2.98 -5.35 6.24
N PRO A 17 -2.49 -4.09 6.05
CA PRO A 17 -3.32 -3.05 5.47
C PRO A 17 -3.47 -3.25 3.96
N VAL A 18 -4.47 -2.57 3.40
CA VAL A 18 -4.73 -2.67 1.98
C VAL A 18 -4.28 -1.38 1.29
N LEU A 19 -3.23 -1.51 0.49
CA LEU A 19 -2.70 -0.36 -0.22
C LEU A 19 -3.23 -0.37 -1.66
N THR A 20 -4.11 0.57 -1.94
CA THR A 20 -4.70 0.68 -3.26
C THR A 20 -3.71 1.35 -4.23
N LEU A 21 -3.26 0.57 -5.19
CA LEU A 21 -2.31 1.06 -6.18
C LEU A 21 -3.05 1.30 -7.51
N PHE A 22 -2.96 2.53 -7.98
CA PHE A 22 -3.61 2.90 -9.23
C PHE A 22 -2.58 3.06 -10.35
N THR A 23 -2.46 2.02 -11.17
CA THR A 23 -1.53 2.05 -12.27
C THR A 23 -2.27 2.23 -13.60
N LYS A 24 -1.50 2.44 -14.65
CA LYS A 24 -2.07 2.63 -15.98
C LYS A 24 -0.96 2.53 -17.02
N ALA A 25 -1.35 2.76 -18.27
CA ALA A 25 -0.40 2.71 -19.37
C ALA A 25 -0.89 3.62 -20.51
N PRO A 26 0.09 4.28 -21.17
CA PRO A 26 1.48 4.12 -20.82
C PRO A 26 1.82 4.87 -19.53
N CYS A 27 2.68 4.27 -18.73
CA CYS A 27 3.09 4.88 -17.47
C CYS A 27 4.25 4.07 -16.90
N PRO A 28 5.48 4.60 -17.09
CA PRO A 28 6.68 3.94 -16.61
C PRO A 28 6.82 4.11 -15.09
N LEU A 29 6.05 5.04 -14.56
CA LEU A 29 6.07 5.32 -13.13
C LEU A 29 5.40 4.17 -12.39
N CYS A 30 4.19 3.84 -12.84
CA CYS A 30 3.43 2.76 -12.22
C CYS A 30 4.35 1.56 -12.07
N ASP A 31 5.15 1.32 -13.10
CA ASP A 31 6.07 0.20 -13.09
C ASP A 31 7.09 0.40 -11.97
N GLU A 32 7.86 1.47 -12.09
CA GLU A 32 8.87 1.77 -11.09
C GLU A 32 8.27 1.73 -9.69
N ALA A 33 7.20 2.48 -9.51
CA ALA A 33 6.51 2.52 -8.23
C ALA A 33 6.47 1.13 -7.63
N LYS A 34 5.82 0.22 -8.36
CA LYS A 34 5.69 -1.15 -7.91
C LYS A 34 7.05 -1.65 -7.41
N GLU A 35 8.05 -1.48 -8.26
CA GLU A 35 9.41 -1.90 -7.93
C GLU A 35 9.82 -1.31 -6.58
N VAL A 36 9.21 -0.19 -6.25
CA VAL A 36 9.51 0.49 -5.00
C VAL A 36 8.71 -0.17 -3.87
N LEU A 37 7.64 -0.83 -4.25
CA LEU A 37 6.79 -1.51 -3.29
C LEU A 37 7.15 -2.99 -3.25
N GLN A 38 8.07 -3.37 -4.12
CA GLN A 38 8.51 -4.75 -4.19
C GLN A 38 8.82 -5.28 -2.79
N PRO A 39 9.66 -4.52 -2.05
CA PRO A 39 10.04 -4.89 -0.70
C PRO A 39 8.89 -4.65 0.28
N TYR A 40 7.78 -4.18 -0.26
CA TYR A 40 6.61 -3.89 0.56
C TYR A 40 5.40 -4.70 0.07
N LYS A 41 5.67 -5.63 -0.83
CA LYS A 41 4.62 -6.47 -1.38
C LYS A 41 4.00 -7.30 -0.25
N ASP A 42 4.86 -7.88 0.56
CA ASP A 42 4.42 -8.70 1.67
C ASP A 42 4.08 -7.80 2.86
N ARG A 43 4.59 -6.57 2.79
CA ARG A 43 4.35 -5.60 3.84
C ARG A 43 2.85 -5.29 3.97
N PHE A 44 2.17 -5.43 2.84
CA PHE A 44 0.73 -5.17 2.79
C PHE A 44 0.11 -5.77 1.54
N ILE A 45 -1.19 -5.53 1.38
CA ILE A 45 -1.91 -6.04 0.24
C ILE A 45 -1.97 -4.96 -0.85
N LEU A 46 -1.09 -5.10 -1.82
CA LEU A 46 -1.04 -4.14 -2.92
C LEU A 46 -2.22 -4.38 -3.86
N GLN A 47 -3.19 -3.48 -3.77
CA GLN A 47 -4.38 -3.57 -4.61
C GLN A 47 -4.20 -2.75 -5.88
N GLU A 48 -3.83 -3.44 -6.95
CA GLU A 48 -3.62 -2.78 -8.23
C GLU A 48 -4.97 -2.51 -8.90
N VAL A 49 -5.37 -1.25 -8.85
CA VAL A 49 -6.63 -0.85 -9.45
C VAL A 49 -6.37 -0.34 -10.86
N ASP A 50 -7.10 -0.91 -11.81
CA ASP A 50 -6.97 -0.53 -13.20
C ASP A 50 -7.89 0.66 -13.49
N ILE A 51 -7.28 1.83 -13.57
CA ILE A 51 -8.03 3.04 -13.84
C ILE A 51 -8.30 3.14 -15.35
N THR A 52 -7.51 2.40 -16.11
CA THR A 52 -7.66 2.39 -17.55
C THR A 52 -8.96 1.68 -17.96
N LEU A 53 -9.62 1.12 -16.96
CA LEU A 53 -10.87 0.41 -17.21
C LEU A 53 -12.00 1.43 -17.35
N PRO A 54 -13.11 0.96 -17.98
CA PRO A 54 -14.26 1.82 -18.20
C PRO A 54 -15.05 2.01 -16.90
N GLU A 55 -15.12 0.94 -16.12
CA GLU A 55 -15.83 0.98 -14.85
C GLU A 55 -15.00 1.70 -13.79
N ASN A 56 -13.71 1.84 -14.10
CA ASN A 56 -12.80 2.51 -13.18
C ASN A 56 -12.37 3.86 -13.78
N SER A 57 -13.00 4.19 -14.91
CA SER A 57 -12.69 5.44 -15.58
C SER A 57 -12.74 6.60 -14.59
N THR A 58 -13.47 6.39 -13.51
CA THR A 58 -13.60 7.40 -12.48
C THR A 58 -12.27 7.61 -11.77
N TRP A 59 -11.70 6.50 -11.28
CA TRP A 59 -10.44 6.56 -10.59
C TRP A 59 -9.43 7.30 -11.47
N TYR A 60 -9.66 7.21 -12.78
CA TYR A 60 -8.79 7.87 -13.73
C TYR A 60 -9.17 9.35 -13.90
N GLU A 61 -10.44 9.57 -14.19
CA GLU A 61 -10.94 10.92 -14.37
C GLU A 61 -10.56 11.79 -13.18
N ARG A 62 -10.25 11.13 -12.07
CA ARG A 62 -9.86 11.83 -10.85
C ARG A 62 -8.34 11.80 -10.69
N TYR A 63 -7.74 10.72 -11.16
CA TYR A 63 -6.30 10.56 -11.06
C TYR A 63 -5.73 10.03 -12.38
N LYS A 64 -5.63 10.92 -13.36
CA LYS A 64 -5.11 10.55 -14.65
C LYS A 64 -3.79 11.29 -14.90
N PHE A 65 -3.43 12.12 -13.93
CA PHE A 65 -2.21 12.89 -14.02
C PHE A 65 -1.50 12.95 -12.67
N ASP A 66 -1.90 12.07 -11.78
CA ASP A 66 -1.32 12.01 -10.45
C ASP A 66 -0.68 10.64 -10.24
N ILE A 67 -1.38 9.62 -10.69
CA ILE A 67 -0.89 8.26 -10.57
C ILE A 67 0.62 8.24 -10.75
N PRO A 68 1.27 7.20 -10.15
CA PRO A 68 0.54 6.20 -9.40
C PRO A 68 0.09 6.74 -8.04
N VAL A 69 -1.19 6.55 -7.76
CA VAL A 69 -1.76 7.03 -6.51
C VAL A 69 -1.79 5.87 -5.51
N PHE A 70 -1.35 6.16 -4.29
CA PHE A 70 -1.33 5.16 -3.23
C PHE A 70 -2.27 5.55 -2.10
N HIS A 71 -3.23 4.69 -1.84
CA HIS A 71 -4.20 4.93 -0.78
C HIS A 71 -4.03 3.86 0.31
N LEU A 72 -3.67 4.32 1.49
CA LEU A 72 -3.47 3.42 2.62
C LEU A 72 -4.68 3.53 3.56
N ASN A 73 -5.35 2.39 3.74
CA ASN A 73 -6.52 2.34 4.60
C ASN A 73 -7.60 3.27 4.04
N GLY A 74 -7.92 3.07 2.77
CA GLY A 74 -8.92 3.87 2.11
C GLY A 74 -8.68 5.36 2.35
N GLN A 75 -7.41 5.74 2.27
CA GLN A 75 -7.04 7.13 2.48
C GLN A 75 -5.72 7.43 1.76
N PHE A 76 -5.79 8.38 0.84
CA PHE A 76 -4.60 8.77 0.08
C PHE A 76 -3.38 8.85 0.98
N LEU A 77 -2.43 7.95 0.74
CA LEU A 77 -1.21 7.91 1.51
C LEU A 77 -0.15 8.79 0.85
N MET A 78 -0.08 8.67 -0.48
CA MET A 78 0.88 9.46 -1.24
C MET A 78 0.72 9.18 -2.74
N MET A 79 1.01 10.22 -3.53
CA MET A 79 0.90 10.11 -4.97
C MET A 79 1.99 10.94 -5.66
N HIS A 80 2.22 10.61 -6.93
CA HIS A 80 3.23 11.32 -7.71
C HIS A 80 4.59 10.64 -7.52
N ARG A 81 4.55 9.48 -6.88
CA ARG A 81 5.77 8.73 -6.64
C ARG A 81 5.54 7.71 -5.51
N VAL A 82 6.65 7.15 -5.03
CA VAL A 82 6.59 6.16 -3.98
C VAL A 82 7.61 6.53 -2.89
N ASN A 83 7.21 7.47 -2.05
CA ASN A 83 8.07 7.91 -0.96
C ASN A 83 8.00 6.91 0.19
N THR A 84 8.71 5.80 0.02
CA THR A 84 8.73 4.76 1.02
C THR A 84 8.71 5.38 2.43
N SER A 85 9.63 6.31 2.65
CA SER A 85 9.73 6.98 3.93
C SER A 85 8.32 7.24 4.49
N LYS A 86 7.44 7.70 3.62
CA LYS A 86 6.07 7.99 4.02
C LYS A 86 5.36 6.69 4.34
N LEU A 87 5.25 5.83 3.32
CA LEU A 87 4.58 4.55 3.48
C LEU A 87 5.00 3.94 4.81
N GLU A 88 6.27 3.58 4.89
CA GLU A 88 6.81 2.98 6.11
C GLU A 88 6.26 3.69 7.34
N LYS A 89 6.40 5.01 7.34
CA LYS A 89 5.92 5.82 8.45
C LYS A 89 4.47 5.44 8.76
N GLN A 90 3.64 5.50 7.73
CA GLN A 90 2.24 5.17 7.87
C GLN A 90 2.07 3.74 8.38
N LEU A 91 2.78 2.82 7.71
CA LEU A 91 2.72 1.42 8.08
C LEU A 91 2.74 1.30 9.61
N ARG A 92 3.61 2.08 10.23
CA ARG A 92 3.74 2.06 11.67
C ARG A 92 2.63 2.90 12.31
N LYS A 93 2.28 3.99 11.62
CA LYS A 93 1.24 4.88 12.10
C LYS A 93 -0.05 4.61 11.33
N LEU A 94 -0.69 3.51 11.68
CA LEU A 94 -1.94 3.12 11.04
C LEU A 94 -2.86 2.46 12.06
N SER A 95 -2.37 1.38 12.64
CA SER A 95 -3.14 0.65 13.64
C SER A 95 -4.47 0.20 13.04
N GLY A 96 -5.12 -0.71 13.76
CA GLY A 96 -6.40 -1.23 13.31
C GLY A 96 -7.30 -0.10 12.79
N PRO A 97 -7.94 -0.37 11.62
CA PRO A 97 -8.82 0.60 11.01
C PRO A 97 -10.15 0.70 11.76
N SER A 98 -10.91 -0.38 11.69
CA SER A 98 -12.19 -0.43 12.36
C SER A 98 -12.14 -1.44 13.52
N SER A 99 -12.11 -0.91 14.73
CA SER A 99 -12.06 -1.74 15.91
C SER A 99 -12.39 -0.90 17.15
N GLY A 100 -13.17 -1.50 18.04
CA GLY A 100 -13.56 -0.83 19.27
C GLY A 100 -15.08 -0.88 19.46
N GLY A 1 23.04 -26.93 40.21
CA GLY A 1 23.04 -25.50 39.94
C GLY A 1 21.63 -25.01 39.61
N SER A 2 21.57 -24.01 38.74
CA SER A 2 20.30 -23.45 38.32
C SER A 2 19.76 -24.21 37.12
N SER A 3 18.43 -24.25 37.04
CA SER A 3 17.77 -24.94 35.94
C SER A 3 17.41 -23.95 34.84
N GLY A 4 16.62 -22.95 35.23
CA GLY A 4 16.18 -21.93 34.29
C GLY A 4 15.04 -22.44 33.41
N SER A 5 14.42 -21.50 32.69
CA SER A 5 13.32 -21.85 31.81
C SER A 5 13.27 -20.87 30.64
N SER A 6 12.42 -21.20 29.67
CA SER A 6 12.26 -20.36 28.50
C SER A 6 11.10 -20.87 27.64
N GLY A 7 10.30 -19.93 27.17
CA GLY A 7 9.16 -20.28 26.33
C GLY A 7 7.97 -19.36 26.64
N ASN A 8 6.80 -19.98 26.76
CA ASN A 8 5.59 -19.24 27.05
C ASN A 8 5.30 -18.27 25.90
N LEU A 9 4.36 -18.66 25.05
CA LEU A 9 3.99 -17.83 23.92
C LEU A 9 2.68 -18.37 23.31
N SER A 10 1.61 -17.63 23.57
CA SER A 10 0.31 -18.01 23.06
C SER A 10 -0.39 -16.81 22.43
N ALA A 11 -1.50 -17.08 21.77
CA ALA A 11 -2.27 -16.02 21.12
C ALA A 11 -1.40 -15.36 20.05
N SER A 12 -2.07 -14.89 19.01
CA SER A 12 -1.38 -14.23 17.92
C SER A 12 -2.38 -13.76 16.86
N ASN A 13 -2.18 -12.55 16.37
CA ASN A 13 -3.05 -11.99 15.36
C ASN A 13 -2.24 -11.69 14.09
N ARG A 14 -2.96 -11.48 13.00
CA ARG A 14 -2.32 -11.19 11.73
C ARG A 14 -3.29 -10.46 10.80
N ALA A 15 -2.89 -9.28 10.39
CA ALA A 15 -3.72 -8.47 9.51
C ALA A 15 -2.89 -7.28 8.99
N LEU A 16 -2.76 -7.23 7.67
CA LEU A 16 -2.01 -6.15 7.04
C LEU A 16 -2.98 -5.16 6.40
N PRO A 17 -2.48 -3.91 6.21
CA PRO A 17 -3.28 -2.86 5.62
C PRO A 17 -3.43 -3.07 4.11
N VAL A 18 -4.48 -2.50 3.56
CA VAL A 18 -4.75 -2.61 2.14
C VAL A 18 -4.29 -1.33 1.43
N LEU A 19 -3.31 -1.48 0.57
CA LEU A 19 -2.77 -0.35 -0.17
C LEU A 19 -3.30 -0.38 -1.61
N THR A 20 -4.17 0.58 -1.89
CA THR A 20 -4.77 0.67 -3.22
C THR A 20 -3.80 1.36 -4.18
N LEU A 21 -3.26 0.56 -5.10
CA LEU A 21 -2.33 1.08 -6.08
C LEU A 21 -3.07 1.30 -7.41
N PHE A 22 -3.01 2.54 -7.88
CA PHE A 22 -3.66 2.90 -9.13
C PHE A 22 -2.63 3.07 -10.25
N THR A 23 -2.51 2.02 -11.07
CA THR A 23 -1.57 2.05 -12.17
C THR A 23 -2.32 2.17 -13.50
N LYS A 24 -1.56 2.38 -14.56
CA LYS A 24 -2.14 2.52 -15.89
C LYS A 24 -1.03 2.38 -16.94
N ALA A 25 -1.43 2.55 -18.19
CA ALA A 25 -0.48 2.45 -19.29
C ALA A 25 -0.94 3.37 -20.43
N PRO A 26 0.06 4.03 -21.07
CA PRO A 26 1.45 3.86 -20.67
C PRO A 26 1.75 4.61 -19.37
N CYS A 27 2.64 4.03 -18.59
CA CYS A 27 3.02 4.62 -17.32
C CYS A 27 4.31 3.95 -16.84
N PRO A 28 5.45 4.67 -17.05
CA PRO A 28 6.74 4.15 -16.64
C PRO A 28 6.93 4.25 -15.12
N LEU A 29 6.14 5.14 -14.53
CA LEU A 29 6.20 5.33 -13.08
C LEU A 29 5.63 4.10 -12.38
N CYS A 30 4.39 3.80 -12.72
CA CYS A 30 3.71 2.65 -12.13
C CYS A 30 4.71 1.50 -12.03
N ASP A 31 5.48 1.34 -13.09
CA ASP A 31 6.48 0.28 -13.15
C ASP A 31 7.44 0.44 -11.95
N GLU A 32 8.18 1.54 -11.97
CA GLU A 32 9.13 1.81 -10.89
C GLU A 32 8.43 1.75 -9.54
N ALA A 33 7.31 2.45 -9.45
CA ALA A 33 6.55 2.49 -8.21
C ALA A 33 6.48 1.07 -7.62
N LYS A 34 5.87 0.17 -8.37
CA LYS A 34 5.74 -1.20 -7.95
C LYS A 34 7.09 -1.70 -7.42
N GLU A 35 8.10 -1.54 -8.24
CA GLU A 35 9.45 -1.97 -7.88
C GLU A 35 9.85 -1.36 -6.53
N VAL A 36 9.25 -0.21 -6.23
CA VAL A 36 9.53 0.48 -4.99
C VAL A 36 8.70 -0.14 -3.87
N LEU A 37 7.65 -0.84 -4.27
CA LEU A 37 6.78 -1.49 -3.31
C LEU A 37 7.11 -2.98 -3.24
N GLN A 38 8.09 -3.37 -4.06
CA GLN A 38 8.51 -4.76 -4.10
C GLN A 38 8.78 -5.27 -2.68
N PRO A 39 9.62 -4.50 -1.95
CA PRO A 39 9.98 -4.87 -0.58
C PRO A 39 8.82 -4.58 0.38
N TYR A 40 7.73 -4.09 -0.19
CA TYR A 40 6.55 -3.77 0.60
C TYR A 40 5.34 -4.58 0.14
N LYS A 41 5.62 -5.58 -0.69
CA LYS A 41 4.57 -6.44 -1.21
C LYS A 41 4.00 -7.28 -0.07
N ASP A 42 4.89 -7.97 0.63
CA ASP A 42 4.48 -8.82 1.73
C ASP A 42 4.15 -7.93 2.94
N ARG A 43 4.55 -6.67 2.84
CA ARG A 43 4.29 -5.73 3.92
C ARG A 43 2.80 -5.49 4.08
N PHE A 44 2.12 -5.36 2.95
CA PHE A 44 0.69 -5.13 2.95
C PHE A 44 0.04 -5.73 1.70
N ILE A 45 -1.25 -5.45 1.55
CA ILE A 45 -1.99 -5.95 0.41
C ILE A 45 -2.09 -4.86 -0.66
N LEU A 46 -1.21 -4.97 -1.65
CA LEU A 46 -1.18 -4.00 -2.73
C LEU A 46 -2.36 -4.27 -3.67
N GLN A 47 -3.35 -3.38 -3.60
CA GLN A 47 -4.52 -3.51 -4.45
C GLN A 47 -4.34 -2.69 -5.73
N GLU A 48 -3.95 -3.39 -6.78
CA GLU A 48 -3.74 -2.74 -8.07
C GLU A 48 -5.09 -2.49 -8.76
N VAL A 49 -5.48 -1.23 -8.77
CA VAL A 49 -6.75 -0.85 -9.39
C VAL A 49 -6.48 -0.38 -10.83
N ASP A 50 -7.24 -0.95 -11.75
CA ASP A 50 -7.10 -0.62 -13.16
C ASP A 50 -7.99 0.59 -13.47
N ILE A 51 -7.35 1.74 -13.59
CA ILE A 51 -8.07 2.96 -13.89
C ILE A 51 -8.29 3.06 -15.40
N THR A 52 -7.57 2.23 -16.13
CA THR A 52 -7.67 2.21 -17.57
C THR A 52 -8.99 1.55 -18.01
N LEU A 53 -9.71 1.04 -17.01
CA LEU A 53 -10.98 0.39 -17.27
C LEU A 53 -12.08 1.45 -17.39
N PRO A 54 -13.19 1.03 -18.06
CA PRO A 54 -14.32 1.92 -18.26
C PRO A 54 -15.11 2.10 -16.96
N GLU A 55 -15.18 1.03 -16.19
CA GLU A 55 -15.90 1.06 -14.93
C GLU A 55 -15.07 1.76 -13.86
N ASN A 56 -13.80 1.97 -14.18
CA ASN A 56 -12.90 2.63 -13.26
C ASN A 56 -12.44 3.97 -13.86
N SER A 57 -13.04 4.30 -14.99
CA SER A 57 -12.71 5.54 -15.68
C SER A 57 -12.71 6.70 -14.69
N THR A 58 -13.54 6.56 -13.67
CA THR A 58 -13.66 7.59 -12.65
C THR A 58 -12.35 7.71 -11.86
N TRP A 59 -11.81 6.56 -11.49
CA TRP A 59 -10.57 6.51 -10.75
C TRP A 59 -9.49 7.23 -11.58
N TYR A 60 -9.66 7.16 -12.89
CA TYR A 60 -8.72 7.78 -13.79
C TYR A 60 -9.02 9.27 -13.95
N GLU A 61 -10.25 9.56 -14.36
CA GLU A 61 -10.67 10.93 -14.56
C GLU A 61 -10.36 11.77 -13.31
N ARG A 62 -10.20 11.07 -12.20
CA ARG A 62 -9.89 11.73 -10.94
C ARG A 62 -8.39 11.67 -10.66
N TYR A 63 -7.77 10.59 -11.14
CA TYR A 63 -6.35 10.40 -10.95
C TYR A 63 -5.69 9.86 -12.22
N LYS A 64 -5.54 10.74 -13.19
CA LYS A 64 -4.93 10.37 -14.45
C LYS A 64 -3.55 11.03 -14.57
N PHE A 65 -3.46 12.24 -14.04
CA PHE A 65 -2.22 12.98 -14.06
C PHE A 65 -1.56 13.02 -12.68
N ASP A 66 -2.07 12.18 -11.80
CA ASP A 66 -1.55 12.10 -10.45
C ASP A 66 -0.86 10.75 -10.25
N ILE A 67 -1.54 9.71 -10.68
CA ILE A 67 -1.01 8.36 -10.57
C ILE A 67 0.51 8.39 -10.77
N PRO A 68 1.19 7.38 -10.19
CA PRO A 68 0.50 6.35 -9.43
C PRO A 68 0.05 6.87 -8.07
N VAL A 69 -1.21 6.62 -7.75
CA VAL A 69 -1.76 7.06 -6.49
C VAL A 69 -1.78 5.89 -5.50
N PHE A 70 -1.45 6.20 -4.26
CA PHE A 70 -1.41 5.19 -3.22
C PHE A 70 -2.34 5.56 -2.06
N HIS A 71 -3.29 4.67 -1.80
CA HIS A 71 -4.24 4.90 -0.72
C HIS A 71 -4.05 3.83 0.37
N LEU A 72 -3.69 4.30 1.55
CA LEU A 72 -3.49 3.40 2.67
C LEU A 72 -4.67 3.52 3.64
N ASN A 73 -5.29 2.38 3.90
CA ASN A 73 -6.43 2.33 4.79
C ASN A 73 -7.55 3.20 4.23
N GLY A 74 -7.78 3.03 2.92
CA GLY A 74 -8.82 3.79 2.26
C GLY A 74 -8.64 5.29 2.47
N GLN A 75 -7.39 5.72 2.37
CA GLN A 75 -7.06 7.12 2.55
C GLN A 75 -5.75 7.46 1.83
N PHE A 76 -5.86 8.37 0.87
CA PHE A 76 -4.71 8.80 0.10
C PHE A 76 -3.47 8.90 0.98
N LEU A 77 -2.56 7.96 0.79
CA LEU A 77 -1.33 7.93 1.56
C LEU A 77 -0.29 8.82 0.88
N MET A 78 -0.20 8.69 -0.44
CA MET A 78 0.73 9.47 -1.21
C MET A 78 0.56 9.21 -2.71
N MET A 79 0.83 10.24 -3.50
CA MET A 79 0.72 10.14 -4.94
C MET A 79 1.78 10.98 -5.64
N HIS A 80 1.99 10.68 -6.92
CA HIS A 80 2.98 11.39 -7.71
C HIS A 80 4.34 10.71 -7.56
N ARG A 81 4.32 9.55 -6.91
CA ARG A 81 5.54 8.80 -6.69
C ARG A 81 5.35 7.80 -5.55
N VAL A 82 6.45 7.14 -5.19
CA VAL A 82 6.41 6.16 -4.12
C VAL A 82 7.44 6.54 -3.05
N ASN A 83 7.04 7.46 -2.19
CA ASN A 83 7.91 7.92 -1.12
C ASN A 83 7.86 6.91 0.04
N THR A 84 8.58 5.82 -0.15
CA THR A 84 8.63 4.77 0.87
C THR A 84 8.61 5.39 2.26
N SER A 85 9.49 6.38 2.45
CA SER A 85 9.59 7.05 3.73
C SER A 85 8.19 7.30 4.30
N LYS A 86 7.34 7.86 3.46
CA LYS A 86 5.97 8.16 3.88
C LYS A 86 5.24 6.84 4.18
N LEU A 87 5.23 5.97 3.18
CA LEU A 87 4.58 4.68 3.32
C LEU A 87 4.99 4.04 4.65
N GLU A 88 6.27 3.72 4.74
CA GLU A 88 6.81 3.12 5.94
C GLU A 88 6.22 3.78 7.18
N LYS A 89 6.35 5.10 7.22
CA LYS A 89 5.83 5.87 8.35
C LYS A 89 4.43 5.36 8.70
N GLN A 90 3.57 5.36 7.69
CA GLN A 90 2.20 4.92 7.88
C GLN A 90 2.18 3.47 8.39
N LEU A 91 2.83 2.60 7.63
CA LEU A 91 2.90 1.19 7.98
C LEU A 91 3.08 1.07 9.50
N ARG A 92 4.13 1.70 9.99
CA ARG A 92 4.44 1.67 11.41
C ARG A 92 3.15 1.84 12.22
N LYS A 93 2.50 2.97 12.00
CA LYS A 93 1.27 3.27 12.71
C LYS A 93 0.23 3.80 11.71
N LEU A 94 -0.95 3.19 11.77
CA LEU A 94 -2.04 3.58 10.88
C LEU A 94 -3.36 3.49 11.63
N SER A 95 -3.71 2.26 11.99
CA SER A 95 -4.95 2.02 12.72
C SER A 95 -4.72 2.19 14.23
N GLY A 96 -3.76 1.44 14.74
CA GLY A 96 -3.44 1.50 16.15
C GLY A 96 -4.39 0.62 16.97
N PRO A 97 -4.13 0.58 18.30
CA PRO A 97 -4.96 -0.22 19.20
C PRO A 97 -6.29 0.47 19.47
N SER A 98 -7.24 0.24 18.58
CA SER A 98 -8.55 0.83 18.70
C SER A 98 -8.43 2.30 19.11
N SER A 99 -8.23 3.14 18.12
CA SER A 99 -8.09 4.57 18.37
C SER A 99 -9.28 5.08 19.18
N GLY A 100 -8.99 6.02 20.08
CA GLY A 100 -10.03 6.59 20.92
C GLY A 100 -9.82 8.09 21.09
N GLY A 1 26.21 -25.45 11.66
CA GLY A 1 26.18 -26.12 12.96
C GLY A 1 25.02 -25.61 13.81
N SER A 2 23.81 -25.95 13.39
CA SER A 2 22.61 -25.54 14.11
C SER A 2 21.81 -26.76 14.53
N SER A 3 22.01 -27.16 15.77
CA SER A 3 21.31 -28.32 16.32
C SER A 3 20.19 -27.85 17.25
N GLY A 4 19.00 -27.74 16.67
CA GLY A 4 17.83 -27.30 17.43
C GLY A 4 16.85 -26.56 16.54
N SER A 5 15.57 -26.73 16.86
CA SER A 5 14.51 -26.07 16.10
C SER A 5 13.15 -26.47 16.65
N SER A 6 12.62 -25.61 17.52
CA SER A 6 11.33 -25.85 18.13
C SER A 6 10.91 -24.65 18.96
N GLY A 7 9.61 -24.55 19.19
CA GLY A 7 9.06 -23.44 19.96
C GLY A 7 7.57 -23.25 19.68
N ASN A 8 6.80 -23.10 20.75
CA ASN A 8 5.37 -22.91 20.62
C ASN A 8 5.00 -21.53 21.18
N LEU A 9 4.64 -20.64 20.27
CA LEU A 9 4.25 -19.29 20.65
C LEU A 9 3.62 -18.58 19.45
N SER A 10 2.31 -18.41 19.53
CA SER A 10 1.58 -17.75 18.46
C SER A 10 0.31 -17.10 19.01
N ALA A 11 -0.31 -16.27 18.17
CA ALA A 11 -1.52 -15.58 18.57
C ALA A 11 -2.40 -15.37 17.33
N SER A 12 -3.70 -15.50 17.55
CA SER A 12 -4.66 -15.32 16.47
C SER A 12 -4.96 -13.83 16.28
N ASN A 13 -4.03 -13.15 15.65
CA ASN A 13 -4.18 -11.72 15.40
C ASN A 13 -3.09 -11.25 14.43
N ARG A 14 -3.50 -11.02 13.20
CA ARG A 14 -2.58 -10.57 12.17
C ARG A 14 -3.34 -10.15 10.91
N ALA A 15 -3.42 -8.84 10.72
CA ALA A 15 -4.11 -8.29 9.57
C ALA A 15 -3.32 -7.09 9.03
N LEU A 16 -2.97 -7.18 7.75
CA LEU A 16 -2.22 -6.12 7.10
C LEU A 16 -3.20 -5.14 6.45
N PRO A 17 -2.72 -3.89 6.24
CA PRO A 17 -3.54 -2.86 5.62
C PRO A 17 -3.66 -3.09 4.11
N VAL A 18 -4.60 -2.37 3.52
CA VAL A 18 -4.83 -2.49 2.08
C VAL A 18 -4.36 -1.21 1.39
N LEU A 19 -3.37 -1.37 0.54
CA LEU A 19 -2.82 -0.25 -0.19
C LEU A 19 -3.35 -0.27 -1.64
N THR A 20 -4.17 0.72 -1.93
CA THR A 20 -4.75 0.83 -3.27
C THR A 20 -3.74 1.41 -4.25
N LEU A 21 -3.35 0.58 -5.21
CA LEU A 21 -2.39 1.00 -6.21
C LEU A 21 -3.09 1.16 -7.57
N PHE A 22 -3.00 2.36 -8.12
CA PHE A 22 -3.62 2.65 -9.39
C PHE A 22 -2.56 2.94 -10.47
N THR A 23 -2.40 1.98 -11.37
CA THR A 23 -1.44 2.12 -12.44
C THR A 23 -2.14 2.02 -13.80
N LYS A 24 -1.53 2.66 -14.79
CA LYS A 24 -2.07 2.64 -16.14
C LYS A 24 -0.94 2.44 -17.14
N ALA A 25 -1.06 1.36 -17.91
CA ALA A 25 -0.05 1.05 -18.91
C ALA A 25 -0.41 1.75 -20.22
N PRO A 26 0.64 2.31 -20.87
CA PRO A 26 1.99 2.23 -20.33
C PRO A 26 2.16 3.19 -19.15
N CYS A 27 3.24 2.97 -18.40
CA CYS A 27 3.52 3.80 -17.25
C CYS A 27 4.93 3.46 -16.75
N PRO A 28 5.86 4.43 -16.96
CA PRO A 28 7.24 4.25 -16.54
C PRO A 28 7.37 4.40 -15.03
N LEU A 29 6.48 5.20 -14.46
CA LEU A 29 6.50 5.43 -13.03
C LEU A 29 5.70 4.33 -12.33
N CYS A 30 4.40 4.32 -12.58
CA CYS A 30 3.53 3.33 -12.00
C CYS A 30 4.21 1.96 -12.09
N ASP A 31 5.01 1.81 -13.14
CA ASP A 31 5.72 0.56 -13.35
C ASP A 31 6.81 0.41 -12.28
N GLU A 32 7.57 1.47 -12.10
CA GLU A 32 8.64 1.47 -11.12
C GLU A 32 8.06 1.44 -9.70
N ALA A 33 7.06 2.29 -9.49
CA ALA A 33 6.42 2.38 -8.20
C ALA A 33 6.28 0.98 -7.60
N LYS A 34 5.60 0.11 -8.35
CA LYS A 34 5.40 -1.26 -7.91
C LYS A 34 6.73 -1.83 -7.40
N GLU A 35 7.75 -1.65 -8.22
CA GLU A 35 9.08 -2.14 -7.86
C GLU A 35 9.52 -1.57 -6.51
N VAL A 36 8.99 -0.39 -6.21
CA VAL A 36 9.31 0.27 -4.95
C VAL A 36 8.47 -0.33 -3.83
N LEU A 37 7.42 -1.03 -4.22
CA LEU A 37 6.53 -1.66 -3.25
C LEU A 37 6.84 -3.16 -3.20
N GLN A 38 7.94 -3.54 -3.84
CA GLN A 38 8.35 -4.93 -3.87
C GLN A 38 8.62 -5.44 -2.45
N PRO A 39 9.46 -4.66 -1.71
CA PRO A 39 9.81 -5.01 -0.35
C PRO A 39 8.65 -4.72 0.61
N TYR A 40 7.58 -4.19 0.04
CA TYR A 40 6.40 -3.86 0.83
C TYR A 40 5.20 -4.69 0.38
N LYS A 41 5.45 -5.57 -0.58
CA LYS A 41 4.40 -6.43 -1.10
C LYS A 41 3.81 -7.26 0.05
N ASP A 42 4.67 -7.58 1.01
CA ASP A 42 4.24 -8.35 2.16
C ASP A 42 3.85 -7.42 3.30
N ARG A 43 4.27 -6.16 3.16
CA ARG A 43 3.97 -5.16 4.17
C ARG A 43 2.48 -4.82 4.15
N PHE A 44 1.82 -5.31 3.11
CA PHE A 44 0.39 -5.06 2.96
C PHE A 44 -0.14 -5.66 1.67
N ILE A 45 -1.44 -5.57 1.49
CA ILE A 45 -2.09 -6.10 0.29
C ILE A 45 -2.15 -5.00 -0.77
N LEU A 46 -1.21 -5.07 -1.70
CA LEU A 46 -1.15 -4.09 -2.77
C LEU A 46 -2.30 -4.34 -3.75
N GLN A 47 -3.23 -3.41 -3.75
CA GLN A 47 -4.38 -3.52 -4.64
C GLN A 47 -4.12 -2.80 -5.95
N GLU A 48 -3.83 -3.58 -6.98
CA GLU A 48 -3.55 -3.04 -8.30
C GLU A 48 -4.86 -2.78 -9.05
N VAL A 49 -5.27 -1.53 -9.06
CA VAL A 49 -6.50 -1.15 -9.74
C VAL A 49 -6.17 -0.68 -11.16
N ASP A 50 -7.09 -0.93 -12.07
CA ASP A 50 -6.90 -0.54 -13.45
C ASP A 50 -7.82 0.64 -13.76
N ILE A 51 -7.21 1.83 -13.81
CA ILE A 51 -7.95 3.04 -14.10
C ILE A 51 -8.18 3.15 -15.61
N THR A 52 -7.48 2.29 -16.34
CA THR A 52 -7.60 2.28 -17.80
C THR A 52 -8.91 1.64 -18.22
N LEU A 53 -9.68 1.22 -17.22
CA LEU A 53 -10.96 0.59 -17.48
C LEU A 53 -12.06 1.65 -17.49
N PRO A 54 -13.21 1.29 -18.12
CA PRO A 54 -14.34 2.19 -18.20
C PRO A 54 -15.07 2.29 -16.86
N GLU A 55 -15.15 1.16 -16.19
CA GLU A 55 -15.82 1.09 -14.90
C GLU A 55 -14.96 1.78 -13.82
N ASN A 56 -13.67 1.88 -14.13
CA ASN A 56 -12.74 2.51 -13.20
C ASN A 56 -12.36 3.88 -13.73
N SER A 57 -13.04 4.29 -14.79
CA SER A 57 -12.78 5.59 -15.40
C SER A 57 -12.77 6.68 -14.32
N THR A 58 -13.42 6.37 -13.21
CA THR A 58 -13.49 7.32 -12.10
C THR A 58 -12.12 7.47 -11.43
N TRP A 59 -11.52 6.32 -11.13
CA TRP A 59 -10.21 6.31 -10.49
C TRP A 59 -9.23 7.03 -11.41
N TYR A 60 -9.62 7.12 -12.69
CA TYR A 60 -8.79 7.78 -13.68
C TYR A 60 -9.09 9.28 -13.75
N GLU A 61 -10.36 9.59 -13.98
CA GLU A 61 -10.79 10.98 -14.07
C GLU A 61 -10.34 11.74 -12.83
N ARG A 62 -10.04 11.01 -11.78
CA ARG A 62 -9.59 11.60 -10.53
C ARG A 62 -8.07 11.59 -10.46
N TYR A 63 -7.49 10.56 -11.06
CA TYR A 63 -6.04 10.41 -11.06
C TYR A 63 -5.53 10.02 -12.45
N LYS A 64 -5.68 10.96 -13.37
CA LYS A 64 -5.24 10.73 -14.75
C LYS A 64 -3.92 11.46 -14.97
N PHE A 65 -3.54 12.26 -14.00
CA PHE A 65 -2.30 13.02 -14.07
C PHE A 65 -1.68 13.21 -12.69
N ASP A 66 -2.15 12.39 -11.76
CA ASP A 66 -1.65 12.47 -10.39
C ASP A 66 -1.25 11.06 -9.93
N ILE A 67 -0.82 10.26 -10.89
CA ILE A 67 -0.40 8.90 -10.58
C ILE A 67 1.13 8.82 -10.62
N PRO A 68 1.66 7.71 -10.03
CA PRO A 68 0.80 6.70 -9.43
C PRO A 68 0.25 7.18 -8.09
N VAL A 69 -0.93 6.66 -7.76
CA VAL A 69 -1.58 7.03 -6.51
C VAL A 69 -1.50 5.85 -5.54
N PHE A 70 -1.47 6.19 -4.26
CA PHE A 70 -1.39 5.18 -3.22
C PHE A 70 -2.32 5.53 -2.05
N HIS A 71 -3.29 4.66 -1.82
CA HIS A 71 -4.25 4.86 -0.75
C HIS A 71 -4.02 3.81 0.34
N LEU A 72 -3.66 4.29 1.52
CA LEU A 72 -3.40 3.42 2.65
C LEU A 72 -4.60 3.46 3.61
N ASN A 73 -5.22 2.31 3.79
CA ASN A 73 -6.38 2.21 4.67
C ASN A 73 -7.55 2.99 4.06
N GLY A 74 -7.50 3.13 2.74
CA GLY A 74 -8.55 3.84 2.03
C GLY A 74 -8.40 5.35 2.20
N GLN A 75 -7.15 5.79 2.18
CA GLN A 75 -6.86 7.20 2.32
C GLN A 75 -5.56 7.57 1.59
N PHE A 76 -5.70 8.46 0.61
CA PHE A 76 -4.56 8.89 -0.17
C PHE A 76 -3.31 9.02 0.70
N LEU A 77 -2.45 8.02 0.60
CA LEU A 77 -1.22 8.00 1.37
C LEU A 77 -0.19 8.88 0.67
N MET A 78 -0.11 8.73 -0.64
CA MET A 78 0.83 9.50 -1.44
C MET A 78 0.65 9.22 -2.92
N MET A 79 0.95 10.24 -3.72
CA MET A 79 0.82 10.11 -5.17
C MET A 79 1.94 10.87 -5.88
N HIS A 80 2.18 10.47 -7.12
CA HIS A 80 3.22 11.11 -7.92
C HIS A 80 4.56 10.42 -7.67
N ARG A 81 4.48 9.29 -6.96
CA ARG A 81 5.67 8.52 -6.65
C ARG A 81 5.41 7.59 -5.47
N VAL A 82 6.48 7.02 -4.95
CA VAL A 82 6.38 6.11 -3.82
C VAL A 82 7.37 6.53 -2.74
N ASN A 83 6.97 7.52 -1.96
CA ASN A 83 7.82 8.02 -0.89
C ASN A 83 7.83 7.02 0.27
N THR A 84 8.62 5.97 0.08
CA THR A 84 8.72 4.94 1.10
C THR A 84 8.68 5.55 2.50
N SER A 85 9.49 6.58 2.68
CA SER A 85 9.55 7.26 3.96
C SER A 85 8.14 7.45 4.53
N LYS A 86 7.26 7.94 3.67
CA LYS A 86 5.89 8.17 4.07
C LYS A 86 5.20 6.82 4.32
N LEU A 87 5.16 6.01 3.28
CA LEU A 87 4.54 4.70 3.38
C LEU A 87 4.91 4.06 4.72
N GLU A 88 6.19 3.74 4.86
CA GLU A 88 6.68 3.14 6.08
C GLU A 88 6.09 3.85 7.30
N LYS A 89 6.31 5.16 7.34
CA LYS A 89 5.82 5.96 8.45
C LYS A 89 4.38 5.56 8.76
N GLN A 90 3.57 5.50 7.72
CA GLN A 90 2.18 5.13 7.87
C GLN A 90 2.07 3.70 8.41
N LEU A 91 2.68 2.78 7.70
CA LEU A 91 2.66 1.38 8.09
C LEU A 91 2.99 1.28 9.59
N ARG A 92 4.11 1.87 9.96
CA ARG A 92 4.55 1.85 11.35
C ARG A 92 3.35 1.99 12.28
N LYS A 93 2.49 2.94 11.95
CA LYS A 93 1.31 3.19 12.75
C LYS A 93 0.07 2.99 11.88
N LEU A 94 -0.32 4.05 11.20
CA LEU A 94 -1.49 4.01 10.33
C LEU A 94 -2.76 4.06 11.19
N SER A 95 -2.81 3.17 12.16
CA SER A 95 -3.96 3.11 13.04
C SER A 95 -3.50 2.78 14.47
N GLY A 96 -2.83 1.64 14.61
CA GLY A 96 -2.33 1.22 15.89
C GLY A 96 -1.86 -0.24 15.84
N PRO A 97 -2.24 -1.01 16.89
CA PRO A 97 -1.87 -2.42 16.97
C PRO A 97 -2.69 -3.27 15.99
N SER A 98 -2.47 -3.02 14.71
CA SER A 98 -3.18 -3.75 13.67
C SER A 98 -4.66 -3.38 13.71
N SER A 99 -5.40 -4.06 14.58
CA SER A 99 -6.81 -3.82 14.71
C SER A 99 -7.07 -2.72 15.74
N GLY A 100 -8.18 -2.03 15.57
CA GLY A 100 -8.55 -0.95 16.47
C GLY A 100 -9.95 -1.16 17.04
N GLY A 1 5.26 -35.00 23.68
CA GLY A 1 6.28 -35.12 24.70
C GLY A 1 7.48 -34.23 24.39
N SER A 2 8.35 -34.76 23.54
CA SER A 2 9.55 -34.03 23.14
C SER A 2 9.16 -32.76 22.39
N SER A 3 9.88 -31.69 22.67
CA SER A 3 9.62 -30.41 22.03
C SER A 3 10.93 -29.61 21.92
N GLY A 4 11.48 -29.61 20.71
CA GLY A 4 12.72 -28.89 20.47
C GLY A 4 12.44 -27.50 19.93
N SER A 5 12.19 -27.43 18.62
CA SER A 5 11.91 -26.17 17.98
C SER A 5 10.49 -25.70 18.33
N SER A 6 10.23 -24.43 18.04
CA SER A 6 8.93 -23.86 18.33
C SER A 6 8.68 -23.84 19.84
N GLY A 7 8.66 -22.63 20.38
CA GLY A 7 8.45 -22.47 21.82
C GLY A 7 7.76 -21.12 22.10
N ASN A 8 8.57 -20.08 22.19
CA ASN A 8 8.06 -18.75 22.46
C ASN A 8 7.86 -18.00 21.14
N LEU A 9 6.65 -17.52 20.94
CA LEU A 9 6.32 -16.79 19.74
C LEU A 9 5.78 -15.40 20.11
N SER A 10 4.88 -15.38 21.08
CA SER A 10 4.29 -14.15 21.53
C SER A 10 3.84 -13.30 20.34
N ALA A 11 2.62 -13.55 19.92
CA ALA A 11 2.06 -12.83 18.79
C ALA A 11 0.68 -12.27 19.18
N SER A 12 0.20 -11.34 18.36
CA SER A 12 -1.09 -10.73 18.60
C SER A 12 -1.76 -10.37 17.27
N ASN A 13 -2.66 -11.24 16.84
CA ASN A 13 -3.38 -11.02 15.59
C ASN A 13 -2.36 -10.89 14.45
N ARG A 14 -2.89 -10.87 13.23
CA ARG A 14 -2.06 -10.76 12.06
C ARG A 14 -2.89 -10.29 10.86
N ALA A 15 -2.96 -8.97 10.70
CA ALA A 15 -3.72 -8.39 9.61
C ALA A 15 -2.93 -7.20 9.04
N LEU A 16 -2.75 -7.24 7.73
CA LEU A 16 -2.02 -6.18 7.04
C LEU A 16 -3.03 -5.22 6.39
N PRO A 17 -2.56 -3.98 6.15
CA PRO A 17 -3.39 -2.95 5.54
C PRO A 17 -3.57 -3.21 4.04
N VAL A 18 -4.52 -2.51 3.46
CA VAL A 18 -4.79 -2.65 2.04
C VAL A 18 -4.35 -1.38 1.30
N LEU A 19 -3.29 -1.52 0.52
CA LEU A 19 -2.76 -0.40 -0.23
C LEU A 19 -3.33 -0.43 -1.65
N THR A 20 -4.17 0.54 -1.94
CA THR A 20 -4.78 0.63 -3.26
C THR A 20 -3.85 1.35 -4.24
N LEU A 21 -3.26 0.57 -5.13
CA LEU A 21 -2.35 1.12 -6.12
C LEU A 21 -3.10 1.34 -7.43
N PHE A 22 -3.13 2.59 -7.86
CA PHE A 22 -3.81 2.95 -9.09
C PHE A 22 -2.80 3.23 -10.22
N THR A 23 -2.63 2.23 -11.07
CA THR A 23 -1.71 2.35 -12.19
C THR A 23 -2.45 2.19 -13.52
N LYS A 24 -1.70 2.39 -14.60
CA LYS A 24 -2.28 2.27 -15.93
C LYS A 24 -1.20 1.79 -16.90
N ALA A 25 -1.56 1.77 -18.17
CA ALA A 25 -0.64 1.33 -19.21
C ALA A 25 -0.83 2.20 -20.46
N PRO A 26 0.31 2.70 -20.99
CA PRO A 26 1.61 2.41 -20.38
C PRO A 26 1.81 3.22 -19.10
N CYS A 27 2.81 2.81 -18.33
CA CYS A 27 3.12 3.49 -17.08
C CYS A 27 4.61 3.28 -16.79
N PRO A 28 5.40 4.33 -17.11
CA PRO A 28 6.84 4.28 -16.88
C PRO A 28 7.17 4.45 -15.40
N LEU A 29 6.28 5.15 -14.70
CA LEU A 29 6.46 5.39 -13.29
C LEU A 29 5.88 4.21 -12.49
N CYS A 30 4.56 4.06 -12.60
CA CYS A 30 3.87 2.99 -11.90
C CYS A 30 4.71 1.72 -12.05
N ASP A 31 5.43 1.64 -13.15
CA ASP A 31 6.27 0.48 -13.42
C ASP A 31 7.34 0.37 -12.33
N GLU A 32 8.04 1.47 -12.11
CA GLU A 32 9.08 1.51 -11.10
C GLU A 32 8.46 1.48 -9.69
N ALA A 33 7.49 2.35 -9.49
CA ALA A 33 6.82 2.43 -8.21
C ALA A 33 6.67 1.03 -7.62
N LYS A 34 6.02 0.17 -8.37
CA LYS A 34 5.81 -1.20 -7.94
C LYS A 34 7.13 -1.77 -7.40
N GLU A 35 8.18 -1.62 -8.21
CA GLU A 35 9.49 -2.10 -7.83
C GLU A 35 9.90 -1.53 -6.47
N VAL A 36 9.34 -0.36 -6.17
CA VAL A 36 9.63 0.30 -4.92
C VAL A 36 8.79 -0.31 -3.80
N LEU A 37 7.75 -1.04 -4.22
CA LEU A 37 6.86 -1.69 -3.27
C LEU A 37 7.18 -3.18 -3.22
N GLN A 38 8.16 -3.58 -4.01
CA GLN A 38 8.57 -4.97 -4.07
C GLN A 38 8.82 -5.50 -2.66
N PRO A 39 9.68 -4.76 -1.92
CA PRO A 39 10.02 -5.14 -0.55
C PRO A 39 8.87 -4.84 0.40
N TYR A 40 7.80 -4.31 -0.17
CA TYR A 40 6.63 -3.95 0.62
C TYR A 40 5.39 -4.73 0.16
N LYS A 41 5.65 -5.74 -0.66
CA LYS A 41 4.57 -6.57 -1.19
C LYS A 41 3.98 -7.40 -0.06
N ASP A 42 4.86 -8.10 0.65
CA ASP A 42 4.44 -8.94 1.75
C ASP A 42 4.09 -8.07 2.95
N ARG A 43 4.52 -6.82 2.88
CA ARG A 43 4.26 -5.87 3.94
C ARG A 43 2.75 -5.62 4.08
N PHE A 44 2.12 -5.39 2.94
CA PHE A 44 0.70 -5.14 2.91
C PHE A 44 0.06 -5.73 1.65
N ILE A 45 -1.25 -5.49 1.52
CA ILE A 45 -1.97 -5.99 0.37
C ILE A 45 -2.05 -4.90 -0.70
N LEU A 46 -1.17 -5.03 -1.69
CA LEU A 46 -1.12 -4.06 -2.77
C LEU A 46 -2.28 -4.33 -3.74
N GLN A 47 -3.28 -3.47 -3.66
CA GLN A 47 -4.45 -3.59 -4.52
C GLN A 47 -4.27 -2.75 -5.78
N GLU A 48 -3.87 -3.41 -6.84
CA GLU A 48 -3.67 -2.75 -8.12
C GLU A 48 -5.01 -2.52 -8.82
N VAL A 49 -5.46 -1.28 -8.80
CA VAL A 49 -6.72 -0.92 -9.42
C VAL A 49 -6.45 -0.43 -10.85
N ASP A 50 -7.24 -0.95 -11.77
CA ASP A 50 -7.10 -0.58 -13.17
C ASP A 50 -8.02 0.61 -13.48
N ILE A 51 -7.40 1.78 -13.57
CA ILE A 51 -8.14 2.99 -13.85
C ILE A 51 -8.36 3.12 -15.36
N THR A 52 -7.68 2.24 -16.10
CA THR A 52 -7.80 2.24 -17.55
C THR A 52 -9.11 1.58 -17.98
N LEU A 53 -9.85 1.11 -16.98
CA LEU A 53 -11.12 0.46 -17.25
C LEU A 53 -12.22 1.52 -17.32
N PRO A 54 -13.37 1.11 -17.95
CA PRO A 54 -14.50 2.01 -18.09
C PRO A 54 -15.24 2.18 -16.76
N GLU A 55 -15.33 1.08 -16.03
CA GLU A 55 -16.01 1.10 -14.75
C GLU A 55 -15.16 1.84 -13.70
N ASN A 56 -13.85 1.82 -13.94
CA ASN A 56 -12.93 2.49 -13.03
C ASN A 56 -12.50 3.82 -13.64
N SER A 57 -13.13 4.17 -14.75
CA SER A 57 -12.83 5.41 -15.44
C SER A 57 -12.87 6.58 -14.46
N THR A 58 -13.58 6.36 -13.36
CA THR A 58 -13.71 7.38 -12.34
C THR A 58 -12.36 7.60 -11.64
N TRP A 59 -11.78 6.50 -11.18
CA TRP A 59 -10.50 6.57 -10.50
C TRP A 59 -9.50 7.29 -11.42
N TYR A 60 -9.75 7.16 -12.71
CA TYR A 60 -8.88 7.79 -13.70
C TYR A 60 -9.23 9.27 -13.87
N GLU A 61 -10.51 9.52 -14.12
CA GLU A 61 -10.98 10.88 -14.30
C GLU A 61 -10.59 11.74 -13.09
N ARG A 62 -10.26 11.07 -12.00
CA ARG A 62 -9.86 11.76 -10.80
C ARG A 62 -8.35 11.70 -10.62
N TYR A 63 -7.76 10.62 -11.13
CA TYR A 63 -6.33 10.43 -11.03
C TYR A 63 -5.77 9.83 -12.33
N LYS A 64 -5.66 10.70 -13.34
CA LYS A 64 -5.14 10.26 -14.63
C LYS A 64 -3.83 11.01 -14.92
N PHE A 65 -3.51 11.94 -14.04
CA PHE A 65 -2.30 12.72 -14.20
C PHE A 65 -1.55 12.84 -12.87
N ASP A 66 -2.01 12.07 -11.89
CA ASP A 66 -1.40 12.08 -10.57
C ASP A 66 -0.73 10.73 -10.31
N ILE A 67 -1.42 9.68 -10.72
CA ILE A 67 -0.90 8.33 -10.54
C ILE A 67 0.62 8.34 -10.72
N PRO A 68 1.28 7.34 -10.10
CA PRO A 68 0.56 6.34 -9.32
C PRO A 68 0.10 6.91 -7.98
N VAL A 69 -1.18 6.70 -7.69
CA VAL A 69 -1.76 7.18 -6.45
C VAL A 69 -1.89 6.02 -5.46
N PHE A 70 -1.24 6.19 -4.32
CA PHE A 70 -1.28 5.16 -3.28
C PHE A 70 -2.25 5.55 -2.17
N HIS A 71 -3.21 4.66 -1.93
CA HIS A 71 -4.19 4.90 -0.90
C HIS A 71 -4.07 3.84 0.19
N LEU A 72 -3.74 4.31 1.39
CA LEU A 72 -3.58 3.42 2.53
C LEU A 72 -4.79 3.56 3.46
N ASN A 73 -5.48 2.44 3.64
CA ASN A 73 -6.66 2.43 4.49
C ASN A 73 -7.72 3.38 3.93
N GLY A 74 -8.02 3.18 2.65
CA GLY A 74 -9.00 4.02 1.98
C GLY A 74 -8.74 5.50 2.23
N GLN A 75 -7.46 5.84 2.27
CA GLN A 75 -7.06 7.22 2.50
C GLN A 75 -5.75 7.52 1.78
N PHE A 76 -5.84 8.43 0.82
CA PHE A 76 -4.68 8.82 0.05
C PHE A 76 -3.43 8.90 0.93
N LEU A 77 -2.51 7.97 0.70
CA LEU A 77 -1.28 7.94 1.47
C LEU A 77 -0.23 8.81 0.79
N MET A 78 -0.14 8.66 -0.52
CA MET A 78 0.82 9.43 -1.30
C MET A 78 0.69 9.12 -2.79
N MET A 79 1.01 10.12 -3.61
CA MET A 79 0.93 9.96 -5.04
C MET A 79 2.02 10.78 -5.75
N HIS A 80 2.28 10.42 -6.99
CA HIS A 80 3.29 11.10 -7.77
C HIS A 80 4.65 10.45 -7.54
N ARG A 81 4.61 9.31 -6.87
CA ARG A 81 5.84 8.57 -6.56
C ARG A 81 5.60 7.61 -5.40
N VAL A 82 6.68 7.00 -4.96
CA VAL A 82 6.62 6.05 -3.86
C VAL A 82 7.56 6.50 -2.75
N ASN A 83 7.07 7.45 -1.95
CA ASN A 83 7.85 7.98 -0.84
C ASN A 83 7.89 6.94 0.29
N THR A 84 8.69 5.91 0.08
CA THR A 84 8.83 4.85 1.08
C THR A 84 8.78 5.44 2.49
N SER A 85 9.65 6.42 2.71
CA SER A 85 9.73 7.07 4.00
C SER A 85 8.32 7.30 4.55
N LYS A 86 7.45 7.79 3.68
CA LYS A 86 6.07 8.07 4.06
C LYS A 86 5.34 6.76 4.30
N LEU A 87 5.36 5.91 3.27
CA LEU A 87 4.71 4.62 3.35
C LEU A 87 5.09 3.93 4.66
N GLU A 88 6.37 3.61 4.76
CA GLU A 88 6.88 2.95 5.96
C GLU A 88 6.30 3.60 7.21
N LYS A 89 6.39 4.92 7.26
CA LYS A 89 5.87 5.67 8.39
C LYS A 89 4.41 5.28 8.63
N GLN A 90 3.61 5.41 7.58
CA GLN A 90 2.21 5.07 7.66
C GLN A 90 2.02 3.65 8.17
N LEU A 91 2.73 2.72 7.52
CA LEU A 91 2.66 1.32 7.89
C LEU A 91 2.59 1.21 9.42
N ARG A 92 3.38 2.06 10.07
CA ARG A 92 3.41 2.06 11.53
C ARG A 92 2.41 3.07 12.08
N LYS A 93 2.28 4.18 11.37
CA LYS A 93 1.36 5.23 11.78
C LYS A 93 -0.05 4.66 11.89
N LEU A 94 -0.41 3.88 10.88
CA LEU A 94 -1.72 3.26 10.84
C LEU A 94 -1.95 2.48 12.13
N SER A 95 -0.99 1.63 12.45
CA SER A 95 -1.07 0.82 13.66
C SER A 95 0.33 0.51 14.18
N GLY A 96 0.49 0.65 15.49
CA GLY A 96 1.77 0.39 16.13
C GLY A 96 1.65 -0.68 17.20
N PRO A 97 2.64 -0.69 18.13
CA PRO A 97 2.64 -1.66 19.22
C PRO A 97 1.60 -1.31 20.28
N SER A 98 1.54 -0.02 20.61
CA SER A 98 0.59 0.47 21.59
C SER A 98 0.85 -0.23 22.94
N SER A 99 0.48 0.47 24.01
CA SER A 99 0.67 -0.06 25.34
C SER A 99 -0.15 -1.35 25.51
N GLY A 100 0.54 -2.38 26.00
CA GLY A 100 -0.10 -3.67 26.21
C GLY A 100 -1.07 -3.99 25.08
N GLY A 1 27.75 -26.72 26.39
CA GLY A 1 27.87 -25.49 27.18
C GLY A 1 26.61 -25.24 28.00
N SER A 2 26.59 -24.10 28.67
CA SER A 2 25.45 -23.73 29.50
C SER A 2 25.33 -22.21 29.57
N SER A 3 24.09 -21.76 29.74
CA SER A 3 23.83 -20.33 29.83
C SER A 3 22.46 -20.09 30.46
N GLY A 4 21.44 -20.59 29.79
CA GLY A 4 20.07 -20.45 30.27
C GLY A 4 19.07 -20.53 29.12
N SER A 5 17.94 -19.86 29.31
CA SER A 5 16.89 -19.85 28.30
C SER A 5 15.78 -18.89 28.71
N SER A 6 14.89 -18.63 27.77
CA SER A 6 13.77 -17.73 28.01
C SER A 6 12.57 -18.16 27.19
N GLY A 7 11.45 -17.52 27.46
CA GLY A 7 10.21 -17.82 26.75
C GLY A 7 9.58 -16.55 26.17
N ASN A 8 8.45 -16.73 25.51
CA ASN A 8 7.74 -15.62 24.91
C ASN A 8 6.45 -16.13 24.27
N LEU A 9 5.35 -15.48 24.65
CA LEU A 9 4.05 -15.86 24.13
C LEU A 9 3.40 -14.64 23.45
N SER A 10 3.37 -14.67 22.13
CA SER A 10 2.79 -13.59 21.37
C SER A 10 1.27 -13.77 21.27
N ALA A 11 0.61 -12.73 20.79
CA ALA A 11 -0.83 -12.76 20.64
C ALA A 11 -1.20 -13.57 19.40
N SER A 12 -2.47 -13.92 19.31
CA SER A 12 -2.96 -14.69 18.18
C SER A 12 -3.87 -13.83 17.31
N ASN A 13 -3.26 -13.12 16.38
CA ASN A 13 -4.00 -12.25 15.49
C ASN A 13 -3.03 -11.52 14.56
N ARG A 14 -3.39 -11.49 13.28
CA ARG A 14 -2.55 -10.84 12.29
C ARG A 14 -3.41 -10.37 11.12
N ALA A 15 -3.06 -9.20 10.60
CA ALA A 15 -3.78 -8.62 9.48
C ALA A 15 -3.02 -7.40 8.96
N LEU A 16 -2.82 -7.39 7.65
CA LEU A 16 -2.11 -6.28 7.01
C LEU A 16 -3.12 -5.34 6.36
N PRO A 17 -2.68 -4.07 6.16
CA PRO A 17 -3.53 -3.07 5.53
C PRO A 17 -3.65 -3.31 4.02
N VAL A 18 -4.53 -2.53 3.41
CA VAL A 18 -4.75 -2.64 1.98
C VAL A 18 -4.31 -1.34 1.30
N LEU A 19 -3.28 -1.46 0.48
CA LEU A 19 -2.76 -0.30 -0.24
C LEU A 19 -3.33 -0.30 -1.66
N THR A 20 -4.19 0.67 -1.92
CA THR A 20 -4.80 0.80 -3.24
C THR A 20 -3.82 1.45 -4.22
N LEU A 21 -3.29 0.63 -5.11
CA LEU A 21 -2.35 1.12 -6.10
C LEU A 21 -3.08 1.30 -7.44
N PHE A 22 -3.01 2.53 -7.93
CA PHE A 22 -3.65 2.85 -9.20
C PHE A 22 -2.62 3.06 -10.30
N THR A 23 -2.50 2.05 -11.15
CA THR A 23 -1.56 2.10 -12.26
C THR A 23 -2.29 2.03 -13.60
N LYS A 24 -1.54 2.26 -14.66
CA LYS A 24 -2.10 2.22 -15.99
C LYS A 24 -0.97 2.12 -17.02
N ALA A 25 -1.02 1.07 -17.82
CA ALA A 25 -0.01 0.85 -18.84
C ALA A 25 -0.43 1.57 -20.12
N PRO A 26 0.58 2.23 -20.76
CA PRO A 26 1.94 2.22 -20.24
C PRO A 26 2.05 3.15 -19.02
N CYS A 27 3.14 2.98 -18.29
CA CYS A 27 3.38 3.79 -17.11
C CYS A 27 4.79 3.49 -16.60
N PRO A 28 5.69 4.51 -16.75
CA PRO A 28 7.06 4.36 -16.31
C PRO A 28 7.17 4.45 -14.79
N LEU A 29 6.39 5.36 -14.24
CA LEU A 29 6.38 5.56 -12.80
C LEU A 29 5.66 4.38 -12.12
N CYS A 30 4.35 4.31 -12.37
CA CYS A 30 3.54 3.25 -11.81
C CYS A 30 4.34 1.95 -11.87
N ASP A 31 4.93 1.71 -13.03
CA ASP A 31 5.73 0.51 -13.23
C ASP A 31 6.79 0.42 -12.14
N GLU A 32 7.62 1.45 -12.07
CA GLU A 32 8.68 1.49 -11.08
C GLU A 32 8.09 1.45 -9.66
N ALA A 33 7.06 2.27 -9.47
CA ALA A 33 6.41 2.34 -8.18
C ALA A 33 6.31 0.93 -7.58
N LYS A 34 5.61 0.07 -8.30
CA LYS A 34 5.44 -1.30 -7.85
C LYS A 34 6.79 -1.86 -7.39
N GLU A 35 7.77 -1.72 -8.26
CA GLU A 35 9.12 -2.20 -7.95
C GLU A 35 9.59 -1.62 -6.63
N VAL A 36 9.10 -0.43 -6.32
CA VAL A 36 9.47 0.24 -5.09
C VAL A 36 8.69 -0.36 -3.92
N LEU A 37 7.57 -1.00 -4.26
CA LEU A 37 6.74 -1.63 -3.26
C LEU A 37 7.07 -3.11 -3.17
N GLN A 38 8.24 -3.45 -3.69
CA GLN A 38 8.70 -4.83 -3.68
C GLN A 38 8.95 -5.30 -2.24
N PRO A 39 9.74 -4.47 -1.51
CA PRO A 39 10.07 -4.79 -0.12
C PRO A 39 8.88 -4.52 0.80
N TYR A 40 7.79 -4.08 0.19
CA TYR A 40 6.57 -3.79 0.94
C TYR A 40 5.38 -4.57 0.37
N LYS A 41 5.65 -5.35 -0.66
CA LYS A 41 4.62 -6.15 -1.29
C LYS A 41 4.06 -7.13 -0.27
N ASP A 42 4.85 -7.41 0.75
CA ASP A 42 4.44 -8.33 1.79
C ASP A 42 4.03 -7.54 3.04
N ARG A 43 4.43 -6.27 3.04
CA ARG A 43 4.11 -5.40 4.16
C ARG A 43 2.62 -5.07 4.18
N PHE A 44 1.96 -5.40 3.08
CA PHE A 44 0.53 -5.14 2.96
C PHE A 44 -0.02 -5.74 1.65
N ILE A 45 -1.31 -5.57 1.47
CA ILE A 45 -1.98 -6.08 0.28
C ILE A 45 -2.07 -4.96 -0.76
N LEU A 46 -1.14 -4.99 -1.70
CA LEU A 46 -1.11 -3.99 -2.76
C LEU A 46 -2.25 -4.26 -3.74
N GLN A 47 -3.24 -3.38 -3.70
CA GLN A 47 -4.39 -3.52 -4.57
C GLN A 47 -4.19 -2.69 -5.85
N GLU A 48 -3.76 -3.38 -6.90
CA GLU A 48 -3.53 -2.71 -8.17
C GLU A 48 -4.85 -2.50 -8.92
N VAL A 49 -5.33 -1.26 -8.86
CA VAL A 49 -6.57 -0.92 -9.52
C VAL A 49 -6.29 -0.50 -10.96
N ASP A 50 -7.15 -0.95 -11.85
CA ASP A 50 -7.00 -0.63 -13.27
C ASP A 50 -7.94 0.52 -13.63
N ILE A 51 -7.34 1.71 -13.74
CA ILE A 51 -8.13 2.89 -14.09
C ILE A 51 -8.42 2.89 -15.59
N THR A 52 -7.54 2.23 -16.33
CA THR A 52 -7.70 2.14 -17.78
C THR A 52 -9.05 1.54 -18.12
N LEU A 53 -9.65 0.90 -17.13
CA LEU A 53 -10.95 0.26 -17.32
C LEU A 53 -12.02 1.34 -17.48
N PRO A 54 -13.15 0.94 -18.12
CA PRO A 54 -14.25 1.86 -18.33
C PRO A 54 -15.03 2.10 -17.03
N GLU A 55 -15.16 1.04 -16.26
CA GLU A 55 -15.88 1.11 -15.00
C GLU A 55 -15.09 1.94 -13.99
N ASN A 56 -13.78 1.83 -14.08
CA ASN A 56 -12.90 2.57 -13.18
C ASN A 56 -12.53 3.91 -13.82
N SER A 57 -13.18 4.19 -14.95
CA SER A 57 -12.94 5.42 -15.66
C SER A 57 -12.87 6.60 -14.69
N THR A 58 -13.58 6.44 -13.58
CA THR A 58 -13.61 7.47 -12.56
C THR A 58 -12.26 7.56 -11.85
N TRP A 59 -11.71 6.40 -11.56
CA TRP A 59 -10.42 6.33 -10.87
C TRP A 59 -9.38 7.00 -11.76
N TYR A 60 -9.75 7.18 -13.03
CA TYR A 60 -8.86 7.81 -13.99
C TYR A 60 -9.17 9.31 -14.13
N GLU A 61 -10.44 9.58 -14.43
CA GLU A 61 -10.87 10.97 -14.59
C GLU A 61 -10.45 11.80 -13.38
N ARG A 62 -10.17 11.12 -12.29
CA ARG A 62 -9.75 11.78 -11.07
C ARG A 62 -8.23 11.71 -10.92
N TYR A 63 -7.67 10.61 -11.38
CA TYR A 63 -6.24 10.41 -11.31
C TYR A 63 -5.67 9.95 -12.66
N LYS A 64 -5.67 10.88 -13.61
CA LYS A 64 -5.16 10.59 -14.94
C LYS A 64 -3.82 11.31 -15.15
N PHE A 65 -3.47 12.12 -14.16
CA PHE A 65 -2.23 12.88 -14.23
C PHE A 65 -1.59 12.98 -12.84
N ASP A 66 -2.08 12.17 -11.93
CA ASP A 66 -1.56 12.16 -10.58
C ASP A 66 -0.82 10.84 -10.32
N ILE A 67 -1.46 9.76 -10.72
CA ILE A 67 -0.88 8.44 -10.54
C ILE A 67 0.64 8.53 -10.74
N PRO A 68 1.35 7.53 -10.14
CA PRO A 68 0.69 6.49 -9.38
C PRO A 68 0.22 7.02 -8.02
N VAL A 69 -1.01 6.66 -7.68
CA VAL A 69 -1.59 7.09 -6.42
C VAL A 69 -1.63 5.90 -5.45
N PHE A 70 -1.30 6.20 -4.19
CA PHE A 70 -1.29 5.17 -3.17
C PHE A 70 -2.23 5.54 -2.02
N HIS A 71 -3.16 4.62 -1.75
CA HIS A 71 -4.13 4.84 -0.68
C HIS A 71 -3.92 3.79 0.41
N LEU A 72 -3.67 4.28 1.62
CA LEU A 72 -3.46 3.40 2.75
C LEU A 72 -4.68 3.43 3.66
N ASN A 73 -5.37 2.30 3.73
CA ASN A 73 -6.56 2.19 4.55
C ASN A 73 -7.63 3.13 4.01
N GLY A 74 -7.97 2.95 2.75
CA GLY A 74 -8.97 3.77 2.11
C GLY A 74 -8.71 5.26 2.37
N GLN A 75 -7.45 5.63 2.27
CA GLN A 75 -7.05 7.00 2.50
C GLN A 75 -5.76 7.32 1.74
N PHE A 76 -5.83 8.33 0.89
CA PHE A 76 -4.69 8.75 0.10
C PHE A 76 -3.45 8.87 0.98
N LEU A 77 -2.50 7.97 0.76
CA LEU A 77 -1.27 7.97 1.53
C LEU A 77 -0.25 8.86 0.82
N MET A 78 -0.17 8.69 -0.50
CA MET A 78 0.76 9.46 -1.30
C MET A 78 0.62 9.13 -2.79
N MET A 79 0.94 10.11 -3.62
CA MET A 79 0.84 9.94 -5.06
C MET A 79 1.89 10.78 -5.78
N HIS A 80 2.11 10.44 -7.04
CA HIS A 80 3.09 11.16 -7.85
C HIS A 80 4.47 10.55 -7.66
N ARG A 81 4.49 9.41 -6.99
CA ARG A 81 5.74 8.71 -6.73
C ARG A 81 5.56 7.71 -5.58
N VAL A 82 6.68 7.18 -5.12
CA VAL A 82 6.66 6.21 -4.03
C VAL A 82 7.68 6.63 -2.98
N ASN A 83 7.24 7.53 -2.10
CA ASN A 83 8.10 8.02 -1.04
C ASN A 83 8.04 7.05 0.14
N THR A 84 8.75 5.95 -0.02
CA THR A 84 8.79 4.92 1.02
C THR A 84 8.77 5.58 2.40
N SER A 85 9.60 6.60 2.56
CA SER A 85 9.68 7.31 3.83
C SER A 85 8.28 7.48 4.42
N LYS A 86 7.36 7.89 3.57
CA LYS A 86 5.98 8.10 3.98
C LYS A 86 5.33 6.74 4.29
N LEU A 87 5.26 5.92 3.25
CA LEU A 87 4.66 4.60 3.39
C LEU A 87 5.10 3.99 4.72
N GLU A 88 6.38 3.68 4.80
CA GLU A 88 6.94 3.09 6.01
C GLU A 88 6.36 3.78 7.25
N LYS A 89 6.45 5.10 7.26
CA LYS A 89 5.93 5.88 8.37
C LYS A 89 4.55 5.38 8.74
N GLN A 90 3.63 5.52 7.80
CA GLN A 90 2.25 5.09 8.01
C GLN A 90 2.22 3.65 8.50
N LEU A 91 2.88 2.78 7.73
CA LEU A 91 2.94 1.37 8.08
C LEU A 91 3.05 1.23 9.60
N ARG A 92 4.14 1.77 10.13
CA ARG A 92 4.39 1.71 11.56
C ARG A 92 3.07 1.91 12.33
N LYS A 93 2.51 3.09 12.17
CA LYS A 93 1.25 3.41 12.84
C LYS A 93 0.11 3.34 11.83
N LEU A 94 -0.67 2.27 11.95
CA LEU A 94 -1.80 2.06 11.07
C LEU A 94 -2.57 0.81 11.50
N SER A 95 -1.89 -0.32 11.37
CA SER A 95 -2.49 -1.59 11.75
C SER A 95 -3.31 -1.42 13.03
N GLY A 96 -4.34 -2.25 13.15
CA GLY A 96 -5.20 -2.21 14.31
C GLY A 96 -6.67 -2.40 13.91
N PRO A 97 -7.57 -2.11 14.89
CA PRO A 97 -9.00 -2.24 14.65
C PRO A 97 -9.51 -1.11 13.77
N SER A 98 -9.65 -1.42 12.48
CA SER A 98 -10.13 -0.43 11.52
C SER A 98 -11.29 0.36 12.13
N SER A 99 -11.08 1.66 12.23
CA SER A 99 -12.10 2.54 12.78
C SER A 99 -12.77 3.33 11.66
N GLY A 100 -13.80 2.74 11.08
CA GLY A 100 -14.53 3.37 10.00
C GLY A 100 -15.83 2.61 9.69
#